data_9CZD
#
_entry.id   9CZD
#
_cell.length_a   96.080
_cell.length_b   132.720
_cell.length_c   167.900
_cell.angle_alpha   90.000
_cell.angle_beta   90.000
_cell.angle_gamma   90.000
#
_symmetry.space_group_name_H-M   'P 21 21 21'
#
loop_
_entity.id
_entity.type
_entity.pdbx_description
1 polymer 'Integrin alpha-V heavy chain'
2 polymer 'Integrin beta-6'
3 polymer '17E6 Fab light chain'
4 polymer '17E6 Fab heavy chain'
5 branched beta-D-mannopyranose-(1-4)-2-acetamido-2-deoxy-beta-D-glucopyranose-(1-4)-2-acetamido-2-deoxy-beta-D-glucopyranose
6 branched alpha-D-mannopyranose-(1-3)-[alpha-D-mannopyranose-(1-6)]alpha-D-mannopyranose-(1-6)-beta-D-mannopyranose-(1-4)-2-acetamido-2-deoxy-beta-D-glucopyranose-(1-4)-2-acetamido-2-deoxy-beta-D-glucopyranose
7 branched alpha-D-mannopyranose-(1-3)-[alpha-D-mannopyranose-(1-6)]beta-D-mannopyranose-(1-4)-2-acetamido-2-deoxy-beta-D-glucopyranose-(1-4)-2-acetamido-2-deoxy-beta-D-glucopyranose
8 branched 2-acetamido-2-deoxy-beta-D-glucopyranose-(1-4)-2-acetamido-2-deoxy-beta-D-glucopyranose
9 non-polymer 'CALCIUM ION'
10 non-polymer GLYCEROL
11 non-polymer '(2S)-{5-fluoro-2-[(2S)-oxan-2-yl]phenyl}{(3R)-3-[4-(5,6,7,8-tetrahydro-1,8-naphthyridin-2-yl)butoxy]pyrrolidin-1-yl}acetic acid'
12 non-polymer 'MAGNESIUM ION'
13 non-polymer 2-acetamido-2-deoxy-beta-D-glucopyranose
14 non-polymer 'ACETATE ION'
15 water water
#
loop_
_entity_poly.entity_id
_entity_poly.type
_entity_poly.pdbx_seq_one_letter_code
_entity_poly.pdbx_strand_id
1 'polypeptide(L)'
;FNLDVDSPAEYSGPEGSYFGFAVDFFVPSASSRMFLLVGAPKANTTQPGIVEGGQVLKCDWSSTRRCQPIEFDATGNRDY
AKDDPLEFKSHQWFGASVRSKQDKILACAPLYHWRTEMKQEREPVGTCFLQDGTKTVEYAPCRSQDIDADGQGFCQGGFS
IDFTKADRVLLGGPGSFYWQGQLISDQVAEIVSKYDPNVYSIKYNNQLATRTAQAIFDDSYLGYSVAVGDFNGDGIDDFV
SGVPRAARTLGMVYIYDGKNMSSLYNFTGEQMAAYFGFSVAATDINGDDYADVFIGAPLFMDRGSDGKLQEVGQVSVSLQ
RASGDFQTTKLNGFEVFARFGSAIAPLGDLDQDGFNDIAIAAPYGGEDKKGIVYIFNGRSTGLNAVPSQILEGQWAARSC
PPSFGYSMKGATDIDKNGYPDLIVGAFGVDRAILYRARPVITVNAGLEVYPSILNQDNKTCSLPGTALKVSCFNVRFCLK
ADGKGVLPRKLNFQVELLLDKLKQKGAIRRALFLYSRSPSHSKNMTISRGGLMQCEELIAYLRDESEFRDKLTPITIFME
YRLDYRTAADTTGLQPILNQFTPANISRQAHILLDGGSLEVLFQG
;
A
2 'polypeptide(L)'
;GCALGGAETCEDCLLIGPQCAWCAQENFTHPSGVGERCDTPANLLAKGCQLNFIENPVSQVEILKNKPLSVGRQKNSSDI
VQIAPQSLILKLRPGGAQTLQVHVRQTEDYPVDLYYLMDLSASMDDDLNTIKELGSRLSKEMSKLTSNFRLGFGSFVEKP
VSPFVKTTPEEIANPCSSIPYFCLPTFGFKHILPLTNDAERFNEIVKNQKISANIDTPEGGFDAIMQAAVCKEKIGWRND
SLHLLVFVSDADSHFGMDSKLAGIVCPNDGLCHLDSKNEYSMSTVLEYPTIGQLIDKLVQNNVLLIFAVTQEQVHLYENY
AKLIPGATVGLLQKDSGNILQLIISAYEELRSEVELEVLGDTEGLNLSFTAICNNGTLFQHQKKCSHMKVGDTASFSVTV
NIPHCERRSRHIIIKPVGLGDALELLVSPECNCDCQKEVEVNSSKCHHGNGSFQCGVCACHPGHMGPRCESGHSLEVLFQ
G
;
B
3 'polypeptide(L)'
;DIQMTQTTSSLSASLGDRVIISCRASQDISNYLSWYQQKPDGTVKLLIFYTSKLHSGVPSRFSGSGSGTDYSLTISNLDQ
EDIATYFCQQGNTFPYTFGGGTKVEMRRADAAPTVSIFPPSSEQLTSGGASVVCFLNNFYPKDINVKWKIDGSERQNGVL
NSWTDQDSKDSTYSFSSTLTLTKDEYERHNSYTCEATHKTSTSPIVKSFNRNEC
;
C
4 'polypeptide(L)'
;QVQLQQSGAELAEPGASVKMSCKASGYTFSSFWMHWVKQRPGQGLEWIGYINPNSGYTECNEIFRDKATMTADTSSSTAY
MQLSGLTSEDSAVYYCASFLGRGAMDYWGQGTSVTVSSAKTTAPSVYPLAPVCGDTTGSSVTLGCLVKGYFPEPVTLTWN
SGSLSAGVHTFPAVLQSSLYTLSSSVTVVASTWPSQSITCNVAHPASSTKVDKKIEPR
;
D
#
# COMPACT_ATOMS: atom_id res chain seq x y z
N PHE A 1 12.05 -20.72 -18.59
CA PHE A 1 11.62 -21.78 -19.55
C PHE A 1 11.87 -23.19 -19.00
N ASN A 2 12.63 -23.30 -17.91
CA ASN A 2 13.07 -24.58 -17.39
C ASN A 2 12.26 -25.07 -16.20
N LEU A 3 11.11 -24.46 -15.92
CA LEU A 3 10.27 -24.93 -14.83
C LEU A 3 9.61 -26.25 -15.20
N ASP A 4 9.59 -27.19 -14.25
CA ASP A 4 8.97 -28.49 -14.46
C ASP A 4 7.47 -28.37 -14.23
N VAL A 5 6.69 -28.45 -15.31
CA VAL A 5 5.23 -28.39 -15.21
C VAL A 5 4.60 -29.78 -15.22
N ASP A 6 5.37 -30.83 -15.53
CA ASP A 6 4.80 -32.17 -15.59
C ASP A 6 4.44 -32.69 -14.21
N SER A 7 5.30 -32.47 -13.22
CA SER A 7 5.13 -33.04 -11.89
C SER A 7 5.40 -31.96 -10.84
N PRO A 8 4.52 -30.99 -10.72
CA PRO A 8 4.65 -30.00 -9.65
C PRO A 8 4.09 -30.53 -8.33
N ALA A 9 4.63 -30.00 -7.24
CA ALA A 9 4.13 -30.34 -5.91
C ALA A 9 2.84 -29.58 -5.65
N GLU A 10 1.80 -30.30 -5.23
CA GLU A 10 0.45 -29.76 -5.12
C GLU A 10 -0.02 -29.85 -3.67
N TYR A 11 -0.39 -28.69 -3.10
CA TYR A 11 -0.83 -28.59 -1.72
C TYR A 11 -2.24 -28.04 -1.67
N SER A 12 -3.00 -28.47 -0.65
CA SER A 12 -4.40 -28.11 -0.52
C SER A 12 -4.71 -27.64 0.90
N GLY A 13 -5.80 -26.88 1.01
CA GLY A 13 -6.29 -26.41 2.28
C GLY A 13 -7.79 -26.58 2.39
N PRO A 14 -8.36 -26.22 3.53
CA PRO A 14 -9.81 -26.35 3.71
C PRO A 14 -10.60 -25.56 2.68
N GLU A 15 -11.73 -26.11 2.27
CA GLU A 15 -12.56 -25.44 1.27
C GLU A 15 -13.08 -24.12 1.81
N GLY A 16 -12.94 -23.06 1.02
CA GLY A 16 -13.41 -21.75 1.39
C GLY A 16 -12.47 -20.95 2.27
N SER A 17 -11.26 -21.45 2.53
CA SER A 17 -10.32 -20.78 3.42
C SER A 17 -9.37 -19.85 2.69
N TYR A 18 -9.44 -19.79 1.36
CA TYR A 18 -8.52 -18.98 0.56
C TYR A 18 -7.07 -19.39 0.79
N PHE A 19 -6.87 -20.67 1.10
CA PHE A 19 -5.53 -21.25 1.14
C PHE A 19 -4.78 -20.94 -0.14
N GLY A 20 -3.63 -20.28 -0.01
CA GLY A 20 -2.87 -19.83 -1.16
C GLY A 20 -2.99 -18.35 -1.45
N PHE A 21 -3.72 -17.61 -0.63
CA PHE A 21 -3.84 -16.16 -0.83
C PHE A 21 -2.48 -15.48 -0.70
N ALA A 22 -1.59 -16.03 0.12
CA ALA A 22 -0.24 -15.53 0.29
C ALA A 22 0.70 -16.72 0.37
N VAL A 23 1.90 -16.58 -0.19
CA VAL A 23 2.87 -17.66 -0.22
C VAL A 23 4.27 -17.10 -0.04
N ASP A 24 5.13 -17.90 0.59
CA ASP A 24 6.54 -17.55 0.75
C ASP A 24 7.32 -18.83 1.05
N PHE A 25 8.64 -18.69 1.02
CA PHE A 25 9.55 -19.76 1.45
C PHE A 25 9.99 -19.51 2.88
N PHE A 26 10.31 -20.60 3.59
CA PHE A 26 10.83 -20.54 4.95
C PHE A 26 12.14 -21.30 4.99
N VAL A 27 13.23 -20.59 5.25
CA VAL A 27 14.56 -21.19 5.38
C VAL A 27 15.12 -20.83 6.75
N PRO A 28 15.12 -21.76 7.70
CA PRO A 28 15.74 -21.49 8.99
C PRO A 28 17.24 -21.23 8.86
N SER A 29 17.80 -20.62 9.90
CA SER A 29 19.21 -20.23 9.91
C SER A 29 20.15 -21.38 10.15
N ALA A 30 19.66 -22.54 10.61
CA ALA A 30 20.50 -23.69 10.91
C ALA A 30 20.62 -24.65 9.74
N SER A 31 20.34 -24.19 8.52
CA SER A 31 20.40 -25.03 7.32
C SER A 31 19.51 -26.26 7.44
N SER A 32 18.40 -26.12 8.15
CA SER A 32 17.45 -27.21 8.32
C SER A 32 16.66 -27.41 7.04
N ARG A 33 15.79 -28.41 7.05
CA ARG A 33 14.90 -28.64 5.91
C ARG A 33 14.07 -27.39 5.64
N MET A 34 13.92 -27.05 4.37
CA MET A 34 13.14 -25.88 3.98
C MET A 34 11.67 -26.22 3.88
N PHE A 35 10.83 -25.19 3.99
CA PHE A 35 9.38 -25.37 3.98
C PHE A 35 8.73 -24.32 3.10
N LEU A 36 7.43 -24.50 2.89
CA LEU A 36 6.59 -23.52 2.22
C LEU A 36 5.64 -22.89 3.24
N LEU A 37 5.51 -21.58 3.19
CA LEU A 37 4.54 -20.85 4.01
C LEU A 37 3.35 -20.48 3.14
N VAL A 38 2.15 -20.76 3.64
CA VAL A 38 0.93 -20.54 2.88
C VAL A 38 -0.10 -19.88 3.79
N GLY A 39 -0.63 -18.73 3.37
CA GLY A 39 -1.67 -18.06 4.12
C GLY A 39 -3.05 -18.54 3.71
N ALA A 40 -3.91 -18.73 4.71
CA ALA A 40 -5.31 -19.13 4.51
C ALA A 40 -6.17 -18.16 5.32
N PRO A 41 -6.36 -16.93 4.82
CA PRO A 41 -6.94 -15.88 5.68
C PRO A 41 -8.37 -16.12 6.11
N LYS A 42 -9.10 -17.05 5.49
CA LYS A 42 -10.48 -17.33 5.88
C LYS A 42 -10.62 -18.65 6.64
N ALA A 43 -9.50 -19.28 7.01
CA ALA A 43 -9.56 -20.59 7.64
C ALA A 43 -10.05 -20.47 9.07
N ASN A 44 -10.91 -21.42 9.47
CA ASN A 44 -11.35 -21.49 10.85
C ASN A 44 -10.24 -22.00 11.75
N THR A 45 -10.20 -21.49 12.97
CA THR A 45 -9.17 -21.85 13.92
C THR A 45 -9.80 -22.32 15.22
N THR A 46 -8.95 -22.77 16.13
CA THR A 46 -9.36 -23.23 17.45
C THR A 46 -9.46 -22.11 18.46
N GLN A 47 -9.18 -20.87 18.06
CA GLN A 47 -9.23 -19.75 19.00
C GLN A 47 -10.65 -19.63 19.54
N PRO A 48 -10.84 -19.64 20.86
CA PRO A 48 -12.20 -19.61 21.42
C PRO A 48 -13.05 -18.47 20.85
N GLY A 49 -14.21 -18.83 20.31
CA GLY A 49 -15.17 -17.85 19.86
C GLY A 49 -14.85 -17.16 18.55
N ILE A 50 -13.78 -17.55 17.87
CA ILE A 50 -13.31 -16.86 16.68
C ILE A 50 -13.74 -17.64 15.45
N VAL A 51 -14.47 -16.96 14.56
CA VAL A 51 -14.91 -17.53 13.29
C VAL A 51 -14.00 -16.98 12.20
N GLU A 52 -13.42 -17.87 11.40
CA GLU A 52 -12.57 -17.49 10.27
C GLU A 52 -11.52 -16.47 10.70
N GLY A 53 -10.79 -16.81 11.76
CA GLY A 53 -9.66 -15.99 12.16
C GLY A 53 -8.55 -16.04 11.14
N GLY A 54 -8.44 -17.13 10.40
CA GLY A 54 -7.36 -17.28 9.44
C GLY A 54 -6.11 -17.85 10.08
N GLN A 55 -5.30 -18.50 9.26
CA GLN A 55 -4.08 -19.11 9.77
C GLN A 55 -3.01 -19.11 8.68
N VAL A 56 -1.77 -19.27 9.13
CA VAL A 56 -0.61 -19.46 8.26
C VAL A 56 -0.11 -20.87 8.47
N LEU A 57 0.18 -21.58 7.38
CA LEU A 57 0.57 -22.97 7.45
C LEU A 57 1.99 -23.16 6.96
N LYS A 58 2.70 -24.09 7.61
CA LYS A 58 4.02 -24.54 7.19
C LYS A 58 3.86 -25.91 6.52
N CYS A 59 4.45 -26.07 5.33
CA CYS A 59 4.26 -27.27 4.53
C CYS A 59 5.60 -27.92 4.24
N ASP A 60 5.69 -29.22 4.53
CA ASP A 60 6.91 -29.98 4.23
C ASP A 60 7.12 -30.05 2.73
N TRP A 61 8.39 -30.02 2.32
CA TRP A 61 8.73 -30.26 0.92
C TRP A 61 8.98 -31.75 0.73
N SER A 62 7.94 -32.46 0.30
CA SER A 62 8.05 -33.79 -0.30
C SER A 62 8.35 -34.91 0.68
N SER A 63 8.76 -34.58 1.91
CA SER A 63 8.84 -35.62 2.93
C SER A 63 7.47 -36.25 3.16
N THR A 64 6.45 -35.40 3.29
CA THR A 64 5.06 -35.85 3.40
C THR A 64 4.09 -35.01 2.58
N ARG A 65 4.50 -33.84 2.09
CA ARG A 65 3.61 -32.92 1.38
C ARG A 65 2.43 -32.50 2.27
N ARG A 66 2.71 -32.26 3.54
CA ARG A 66 1.69 -31.97 4.53
C ARG A 66 1.86 -30.56 5.08
N CYS A 67 0.74 -29.93 5.41
CA CYS A 67 0.72 -28.57 5.93
C CYS A 67 0.13 -28.59 7.34
N GLN A 68 0.81 -27.93 8.28
CA GLN A 68 0.35 -27.80 9.65
C GLN A 68 0.29 -26.33 10.03
N PRO A 69 -0.81 -25.86 10.63
CA PRO A 69 -0.87 -24.45 11.04
C PRO A 69 0.25 -24.08 11.98
N ILE A 70 0.71 -22.84 11.87
CA ILE A 70 1.65 -22.28 12.83
C ILE A 70 0.86 -21.55 13.90
N GLU A 71 1.19 -21.82 15.17
CA GLU A 71 0.49 -21.22 16.30
C GLU A 71 1.14 -19.88 16.62
N PHE A 72 0.74 -18.85 15.85
CA PHE A 72 1.10 -17.49 16.22
C PHE A 72 0.33 -17.05 17.47
N ASP A 73 -0.96 -17.36 17.52
CA ASP A 73 -1.82 -16.90 18.61
C ASP A 73 -2.96 -17.90 18.79
N ALA A 74 -3.01 -18.53 19.95
CA ALA A 74 -4.06 -19.50 20.25
C ALA A 74 -5.25 -18.88 20.96
N THR A 75 -5.17 -17.62 21.37
CA THR A 75 -6.19 -17.02 22.21
C THR A 75 -7.30 -16.40 21.37
N GLY A 76 -8.43 -16.15 22.03
CA GLY A 76 -9.53 -15.42 21.44
C GLY A 76 -9.43 -13.94 21.74
N ASN A 77 -10.58 -13.27 21.69
CA ASN A 77 -10.61 -11.84 21.88
C ASN A 77 -10.34 -11.50 23.35
N ARG A 78 -9.35 -10.65 23.58
CA ARG A 78 -9.21 -10.06 24.91
C ARG A 78 -10.44 -9.24 25.23
N ASP A 79 -10.73 -9.13 26.52
CA ASP A 79 -11.87 -8.36 27.01
C ASP A 79 -11.36 -7.04 27.59
N TYR A 80 -12.01 -5.94 27.20
CA TYR A 80 -11.83 -4.70 27.92
C TYR A 80 -12.59 -4.72 29.24
N ALA A 81 -13.80 -5.28 29.22
CA ALA A 81 -14.63 -5.45 30.40
C ALA A 81 -15.53 -6.64 30.11
N LYS A 82 -16.30 -7.06 31.10
CA LYS A 82 -17.20 -8.19 30.90
C LYS A 82 -18.19 -7.87 29.79
N ASP A 83 -18.27 -8.76 28.80
CA ASP A 83 -19.16 -8.57 27.65
C ASP A 83 -18.79 -7.30 26.88
N ASP A 84 -17.51 -6.97 26.84
CA ASP A 84 -17.02 -5.77 26.16
C ASP A 84 -15.66 -6.10 25.57
N PRO A 85 -15.64 -6.76 24.41
CA PRO A 85 -14.36 -7.21 23.86
C PRO A 85 -13.43 -6.05 23.55
N LEU A 86 -12.14 -6.25 23.83
CA LEU A 86 -11.13 -5.25 23.49
C LEU A 86 -10.80 -5.29 22.00
N GLU A 87 -10.97 -6.44 21.35
CA GLU A 87 -10.58 -6.64 19.97
C GLU A 87 -11.54 -7.65 19.34
N PHE A 88 -11.52 -7.71 18.02
CA PHE A 88 -12.40 -8.61 17.27
C PHE A 88 -11.56 -9.33 16.21
N LYS A 89 -11.30 -10.62 16.44
CA LYS A 89 -10.44 -11.40 15.56
C LYS A 89 -11.21 -12.20 14.51
N SER A 90 -12.53 -12.34 14.64
CA SER A 90 -13.30 -13.04 13.63
C SER A 90 -13.23 -12.32 12.31
N HIS A 91 -13.04 -13.09 11.23
CA HIS A 91 -12.94 -12.54 9.88
C HIS A 91 -11.84 -11.50 9.79
N GLN A 92 -10.77 -11.68 10.56
CA GLN A 92 -9.66 -10.73 10.57
C GLN A 92 -8.68 -10.95 9.43
N TRP A 93 -8.81 -12.04 8.68
CA TRP A 93 -7.94 -12.34 7.54
C TRP A 93 -6.48 -12.50 7.96
N PHE A 94 -6.25 -13.17 9.09
CA PHE A 94 -4.88 -13.47 9.46
C PHE A 94 -4.24 -14.38 8.42
N GLY A 95 -3.06 -14.00 7.96
CA GLY A 95 -2.42 -14.69 6.87
C GLY A 95 -2.70 -14.09 5.50
N ALA A 96 -3.36 -12.92 5.45
CA ALA A 96 -3.54 -12.24 4.18
C ALA A 96 -2.20 -11.86 3.57
N SER A 97 -1.19 -11.62 4.41
CA SER A 97 0.16 -11.35 3.96
C SER A 97 1.12 -12.11 4.86
N VAL A 98 2.13 -12.73 4.25
CA VAL A 98 3.11 -13.53 4.97
C VAL A 98 4.47 -13.30 4.35
N ARG A 99 5.48 -13.09 5.20
CA ARG A 99 6.84 -12.88 4.75
CA ARG A 99 6.84 -12.91 4.74
C ARG A 99 7.80 -13.50 5.76
N SER A 100 8.90 -14.03 5.26
CA SER A 100 9.89 -14.71 6.09
C SER A 100 11.29 -14.25 5.72
N LYS A 101 12.14 -14.11 6.74
CA LYS A 101 13.55 -13.82 6.56
C LYS A 101 14.31 -14.68 7.54
N GLN A 102 15.03 -15.69 7.05
CA GLN A 102 15.77 -16.60 7.92
C GLN A 102 14.82 -17.18 8.96
N ASP A 103 15.12 -17.03 10.25
CA ASP A 103 14.26 -17.63 11.27
C ASP A 103 12.94 -16.89 11.43
N LYS A 104 12.87 -15.62 11.03
CA LYS A 104 11.71 -14.79 11.35
C LYS A 104 10.58 -15.00 10.36
N ILE A 105 9.36 -15.07 10.89
CA ILE A 105 8.15 -15.12 10.08
C ILE A 105 7.22 -14.00 10.52
N LEU A 106 6.81 -13.17 9.56
CA LEU A 106 5.84 -12.10 9.80
C LEU A 106 4.55 -12.44 9.07
N ALA A 107 3.44 -12.46 9.81
CA ALA A 107 2.12 -12.69 9.26
C ALA A 107 1.17 -11.65 9.83
N CYS A 108 0.24 -11.18 9.02
CA CYS A 108 -0.61 -10.05 9.41
C CYS A 108 -2.08 -10.35 9.15
N ALA A 109 -2.92 -9.60 9.87
CA ALA A 109 -4.38 -9.66 9.77
C ALA A 109 -4.88 -8.27 9.41
N PRO A 110 -4.99 -7.93 8.13
CA PRO A 110 -5.36 -6.55 7.76
C PRO A 110 -6.75 -6.13 8.20
N LEU A 111 -7.64 -7.07 8.54
CA LEU A 111 -9.00 -6.74 8.94
C LEU A 111 -9.26 -7.03 10.42
N TYR A 112 -8.22 -7.11 11.21
CA TYR A 112 -8.36 -7.12 12.66
C TYR A 112 -8.89 -5.77 13.13
N HIS A 113 -9.93 -5.80 13.97
CA HIS A 113 -10.52 -4.60 14.53
C HIS A 113 -10.24 -4.52 16.03
N TRP A 114 -10.19 -3.30 16.56
CA TRP A 114 -10.03 -3.13 18.00
C TRP A 114 -10.95 -2.01 18.48
N ARG A 115 -11.22 -2.04 19.78
CA ARG A 115 -12.25 -1.22 20.40
C ARG A 115 -11.78 0.18 20.76
N THR A 116 -10.48 0.34 21.04
CA THR A 116 -9.96 1.51 21.76
C THR A 116 -10.41 1.45 23.21
N GLU A 117 -9.82 2.29 24.06
CA GLU A 117 -10.06 2.26 25.49
C GLU A 117 -11.00 3.35 25.98
N MET A 118 -11.42 4.26 25.12
CA MET A 118 -12.30 5.36 25.53
C MET A 118 -13.76 5.10 25.18
N LYS A 119 -14.03 4.67 23.95
CA LYS A 119 -15.38 4.41 23.48
C LYS A 119 -15.44 3.00 22.92
N GLN A 120 -16.67 2.49 22.80
CA GLN A 120 -16.89 1.19 22.17
C GLN A 120 -16.87 1.38 20.66
N GLU A 121 -15.71 1.15 20.06
CA GLU A 121 -15.53 1.29 18.63
C GLU A 121 -15.17 -0.07 18.04
N ARG A 122 -15.01 -0.09 16.72
CA ARG A 122 -14.63 -1.28 15.97
C ARG A 122 -13.78 -0.79 14.81
N GLU A 123 -12.51 -0.50 15.10
CA GLU A 123 -11.63 0.19 14.15
C GLU A 123 -10.62 -0.77 13.56
N PRO A 124 -10.57 -0.93 12.23
CA PRO A 124 -9.65 -1.91 11.62
C PRO A 124 -8.22 -1.38 11.50
N VAL A 125 -7.54 -1.31 12.64
CA VAL A 125 -6.13 -0.92 12.65
C VAL A 125 -5.24 -2.01 12.08
N GLY A 126 -5.74 -3.24 11.97
CA GLY A 126 -4.92 -4.35 11.55
C GLY A 126 -3.93 -4.75 12.63
N THR A 127 -3.42 -5.99 12.55
CA THR A 127 -2.37 -6.42 13.45
C THR A 127 -1.49 -7.44 12.74
N CYS A 128 -0.30 -7.64 13.31
CA CYS A 128 0.64 -8.64 12.80
C CYS A 128 1.21 -9.42 13.97
N PHE A 129 1.74 -10.59 13.66
CA PHE A 129 2.47 -11.40 14.61
C PHE A 129 3.83 -11.72 14.01
N LEU A 130 4.88 -11.56 14.81
CA LEU A 130 6.24 -11.85 14.40
C LEU A 130 6.76 -13.01 15.24
N GLN A 131 7.17 -14.09 14.57
CA GLN A 131 7.68 -15.28 15.23
C GLN A 131 9.15 -15.43 14.91
N ASP A 132 9.96 -15.65 15.94
CA ASP A 132 11.40 -15.89 15.81
C ASP A 132 11.72 -17.10 16.68
N GLY A 133 11.49 -18.29 16.14
CA GLY A 133 11.71 -19.51 16.89
C GLY A 133 10.76 -19.64 18.07
N THR A 134 11.30 -19.58 19.28
CA THR A 134 10.47 -19.73 20.47
C THR A 134 9.59 -18.50 20.68
N LYS A 135 10.15 -17.30 20.51
CA LYS A 135 9.45 -16.08 20.89
C LYS A 135 8.54 -15.60 19.77
N THR A 136 7.32 -15.23 20.14
CA THR A 136 6.33 -14.65 19.24
C THR A 136 5.84 -13.35 19.87
N VAL A 137 5.78 -12.28 19.08
CA VAL A 137 5.30 -11.00 19.56
C VAL A 137 4.25 -10.46 18.60
N GLU A 138 3.35 -9.64 19.13
CA GLU A 138 2.37 -8.92 18.32
C GLU A 138 2.99 -7.61 17.86
N TYR A 139 2.71 -7.24 16.60
CA TYR A 139 3.21 -6.00 16.01
C TYR A 139 2.02 -5.31 15.35
N ALA A 140 1.48 -4.29 16.01
CA ALA A 140 0.34 -3.52 15.53
C ALA A 140 0.72 -2.04 15.52
N PRO A 141 1.58 -1.61 14.59
CA PRO A 141 2.03 -0.22 14.59
C PRO A 141 0.92 0.79 14.36
N CYS A 142 -0.18 0.39 13.74
CA CYS A 142 -1.30 1.30 13.54
C CYS A 142 -2.30 1.29 14.70
N ARG A 143 -2.19 0.34 15.63
CA ARG A 143 -3.01 0.33 16.83
C ARG A 143 -2.41 1.32 17.82
N SER A 144 -2.63 2.58 17.54
CA SER A 144 -2.04 3.67 18.31
C SER A 144 -3.15 4.47 18.98
N GLN A 145 -2.78 5.64 19.49
CA GLN A 145 -3.74 6.57 20.08
C GLN A 145 -4.24 7.59 19.07
N ASP A 146 -3.81 7.48 17.80
CA ASP A 146 -4.28 8.33 16.71
C ASP A 146 -5.51 7.67 16.11
N ILE A 147 -6.67 7.95 16.68
CA ILE A 147 -7.86 7.13 16.49
C ILE A 147 -8.64 7.56 15.25
N ASP A 148 -9.53 6.66 14.80
CA ASP A 148 -10.53 6.94 13.77
C ASP A 148 -9.92 7.12 12.39
N ALA A 149 -10.78 7.46 11.41
CA ALA A 149 -10.32 7.62 10.04
C ALA A 149 -9.34 8.77 9.89
N ASP A 150 -9.52 9.84 10.67
CA ASP A 150 -8.56 10.95 10.63
C ASP A 150 -7.15 10.46 10.94
N GLY A 151 -7.03 9.51 11.86
CA GLY A 151 -5.74 9.00 12.27
C GLY A 151 -5.45 7.66 11.64
N GLN A 152 -5.09 6.67 12.47
CA GLN A 152 -4.70 5.34 12.01
C GLN A 152 -5.74 4.28 12.34
N GLY A 153 -6.96 4.70 12.70
CA GLY A 153 -7.97 3.73 13.10
C GLY A 153 -8.39 2.78 12.02
N PHE A 154 -8.29 3.20 10.75
CA PHE A 154 -8.69 2.37 9.61
C PHE A 154 -7.49 2.03 8.74
N CYS A 155 -6.29 2.10 9.32
CA CYS A 155 -5.05 1.89 8.59
C CYS A 155 -4.96 0.50 7.96
N GLN A 156 -5.52 -0.52 8.60
CA GLN A 156 -5.37 -1.91 8.15
C GLN A 156 -3.89 -2.26 7.96
N GLY A 157 -3.09 -2.01 8.99
CA GLY A 157 -1.67 -2.25 8.88
C GLY A 157 -1.37 -3.71 8.65
N GLY A 158 -0.39 -3.99 7.79
CA GLY A 158 -0.08 -5.33 7.38
C GLY A 158 -0.73 -5.74 6.07
N PHE A 159 -1.56 -4.87 5.49
CA PHE A 159 -2.11 -5.10 4.16
C PHE A 159 -1.01 -5.52 3.18
N SER A 160 0.19 -4.96 3.33
CA SER A 160 1.36 -5.39 2.58
C SER A 160 2.57 -5.28 3.50
N ILE A 161 3.56 -6.17 3.29
CA ILE A 161 4.72 -6.24 4.15
C ILE A 161 5.93 -6.70 3.35
N ASP A 162 7.12 -6.35 3.84
CA ASP A 162 8.37 -6.86 3.30
C ASP A 162 9.44 -6.74 4.39
N PHE A 163 10.54 -7.46 4.17
CA PHE A 163 11.72 -7.38 5.02
C PHE A 163 12.83 -6.66 4.26
N THR A 164 13.58 -5.80 4.95
CA THR A 164 14.75 -5.22 4.34
C THR A 164 15.96 -6.13 4.55
N LYS A 165 17.02 -5.83 3.79
CA LYS A 165 18.26 -6.60 3.92
C LYS A 165 18.81 -6.54 5.34
N ALA A 166 18.63 -5.40 6.02
CA ALA A 166 19.20 -5.18 7.34
C ALA A 166 18.20 -5.41 8.47
N ASP A 167 17.28 -6.35 8.30
CA ASP A 167 16.35 -6.73 9.36
C ASP A 167 15.55 -5.53 9.86
N ARG A 168 15.01 -4.77 8.91
CA ARG A 168 13.94 -3.81 9.15
C ARG A 168 12.67 -4.37 8.52
N VAL A 169 11.53 -4.04 9.11
CA VAL A 169 10.24 -4.39 8.52
C VAL A 169 9.73 -3.19 7.74
N LEU A 170 9.10 -3.46 6.60
CA LEU A 170 8.36 -2.45 5.85
C LEU A 170 6.91 -2.88 5.82
N LEU A 171 6.03 -2.02 6.32
CA LEU A 171 4.62 -2.35 6.47
C LEU A 171 3.77 -1.29 5.81
N GLY A 172 2.77 -1.74 5.05
CA GLY A 172 1.83 -0.86 4.37
C GLY A 172 0.49 -0.86 5.07
N GLY A 173 -0.08 0.34 5.23
CA GLY A 173 -1.40 0.51 5.80
C GLY A 173 -2.21 1.48 4.96
N PRO A 174 -3.02 0.94 4.03
CA PRO A 174 -3.65 1.81 3.02
C PRO A 174 -4.78 2.70 3.53
N GLY A 175 -5.18 2.58 4.79
CA GLY A 175 -6.33 3.33 5.25
C GLY A 175 -6.02 4.58 6.07
N SER A 176 -4.75 4.78 6.42
CA SER A 176 -4.41 5.85 7.34
C SER A 176 -4.78 7.22 6.77
N PHE A 177 -5.21 8.11 7.65
CA PHE A 177 -5.44 9.52 7.34
C PHE A 177 -6.40 9.66 6.15
N TYR A 178 -7.63 9.24 6.39
CA TYR A 178 -8.69 9.25 5.38
C TYR A 178 -8.19 8.62 4.08
N TRP A 179 -7.59 7.43 4.23
CA TRP A 179 -7.19 6.55 3.14
C TRP A 179 -6.11 7.14 2.25
N GLN A 180 -5.41 8.17 2.74
CA GLN A 180 -4.13 8.53 2.16
C GLN A 180 -3.20 7.33 2.12
N GLY A 181 -3.25 6.50 3.17
CA GLY A 181 -2.31 5.40 3.32
C GLY A 181 -1.05 5.84 4.02
N GLN A 182 -0.23 4.84 4.38
CA GLN A 182 0.94 5.09 5.21
C GLN A 182 1.94 3.95 5.03
N LEU A 183 3.22 4.29 5.14
CA LEU A 183 4.29 3.32 5.26
C LEU A 183 4.92 3.45 6.63
N ILE A 184 5.15 2.32 7.29
CA ILE A 184 5.80 2.29 8.59
C ILE A 184 6.92 1.27 8.54
N SER A 185 8.06 1.62 9.10
CA SER A 185 9.22 0.73 9.13
C SER A 185 9.79 0.69 10.54
N ASP A 186 9.93 -0.52 11.08
CA ASP A 186 10.51 -0.73 12.40
C ASP A 186 11.60 -1.79 12.33
N GLN A 187 12.61 -1.62 13.18
CA GLN A 187 13.64 -2.63 13.34
C GLN A 187 13.06 -3.84 14.06
N VAL A 188 13.37 -5.04 13.56
CA VAL A 188 12.83 -6.24 14.19
C VAL A 188 13.29 -6.31 15.64
N ALA A 189 14.51 -5.84 15.94
CA ALA A 189 14.99 -5.87 17.31
C ALA A 189 14.12 -5.01 18.22
N GLU A 190 13.68 -3.85 17.72
CA GLU A 190 12.76 -3.02 18.51
C GLU A 190 11.42 -3.71 18.69
N ILE A 191 10.93 -4.38 17.64
CA ILE A 191 9.59 -4.97 17.71
C ILE A 191 9.52 -6.03 18.79
N VAL A 192 10.57 -6.85 18.91
CA VAL A 192 10.55 -7.92 19.91
C VAL A 192 10.90 -7.37 21.29
N SER A 193 11.93 -6.54 21.38
CA SER A 193 12.43 -6.14 22.69
C SER A 193 11.44 -5.24 23.43
N LYS A 194 10.71 -4.40 22.72
CA LYS A 194 9.78 -3.45 23.34
C LYS A 194 8.39 -4.04 23.51
N TYR A 195 8.13 -5.25 23.02
CA TYR A 195 6.80 -5.82 23.13
C TYR A 195 6.42 -6.02 24.59
N ASP A 196 5.24 -5.53 24.95
CA ASP A 196 4.66 -5.70 26.28
C ASP A 196 3.18 -6.00 26.10
N PRO A 197 2.71 -7.19 26.48
CA PRO A 197 1.28 -7.51 26.25
C PRO A 197 0.34 -6.58 26.99
N ASN A 198 0.81 -5.91 28.04
CA ASN A 198 -0.04 -4.99 28.80
C ASN A 198 -0.18 -3.62 28.16
N VAL A 199 0.64 -3.31 27.16
CA VAL A 199 0.59 -2.02 26.47
C VAL A 199 0.09 -2.27 25.05
N TYR A 200 -1.02 -1.63 24.70
CA TYR A 200 -1.64 -1.87 23.41
C TYR A 200 -1.02 -1.02 22.30
N SER A 201 -0.46 0.14 22.65
CA SER A 201 0.20 1.04 21.69
C SER A 201 1.65 1.19 22.13
N ILE A 202 2.54 0.43 21.50
CA ILE A 202 3.93 0.35 21.92
C ILE A 202 4.73 1.47 21.27
N LYS A 203 5.55 2.15 22.08
CA LYS A 203 6.46 3.17 21.59
C LYS A 203 7.72 2.50 21.07
N TYR A 204 7.87 2.43 19.76
CA TYR A 204 9.08 1.90 19.15
C TYR A 204 10.03 3.06 18.84
N ASN A 205 11.28 2.91 19.25
CA ASN A 205 12.29 3.88 18.88
C ASN A 205 12.74 3.64 17.45
N ASN A 206 13.28 4.69 16.84
CA ASN A 206 13.80 4.62 15.46
C ASN A 206 12.75 4.11 14.49
N GLN A 207 11.48 4.43 14.74
CA GLN A 207 10.43 4.11 13.79
C GLN A 207 10.37 5.17 12.70
N LEU A 208 10.26 4.71 11.45
CA LEU A 208 10.09 5.59 10.31
C LEU A 208 8.66 5.45 9.81
N ALA A 209 8.01 6.59 9.58
CA ALA A 209 6.63 6.57 9.13
C ALA A 209 6.34 7.80 8.28
N THR A 210 5.62 7.59 7.18
CA THR A 210 5.08 8.70 6.42
C THR A 210 4.10 9.48 7.28
N ARG A 211 3.94 10.77 6.96
CA ARG A 211 3.17 11.69 7.78
C ARG A 211 1.88 12.07 7.07
N THR A 212 0.90 12.48 7.86
CA THR A 212 -0.38 12.94 7.32
C THR A 212 -0.16 14.16 6.44
N ALA A 213 -0.88 14.20 5.32
CA ALA A 213 -0.73 15.29 4.36
C ALA A 213 -2.06 15.96 4.06
N GLN A 214 -2.07 16.86 3.08
CA GLN A 214 -3.25 17.63 2.77
C GLN A 214 -4.38 16.74 2.26
N ALA A 215 -5.62 17.22 2.43
CA ALA A 215 -6.79 16.42 2.11
C ALA A 215 -6.81 16.02 0.63
N ILE A 216 -6.15 16.79 -0.23
CA ILE A 216 -6.13 16.48 -1.65
C ILE A 216 -5.57 15.08 -1.89
N PHE A 217 -4.73 14.59 -0.98
CA PHE A 217 -4.13 13.27 -1.11
C PHE A 217 -4.98 12.16 -0.51
N ASP A 218 -6.15 12.49 0.02
CA ASP A 218 -7.03 11.48 0.58
C ASP A 218 -7.35 10.40 -0.46
N ASP A 219 -7.66 9.20 0.03
CA ASP A 219 -8.15 8.10 -0.80
C ASP A 219 -7.14 7.74 -1.90
N SER A 220 -5.86 7.73 -1.55
CA SER A 220 -4.80 7.34 -2.48
C SER A 220 -4.35 5.89 -2.30
N TYR A 221 -4.46 5.35 -1.08
CA TYR A 221 -4.10 3.96 -0.78
C TYR A 221 -2.58 3.74 -0.84
N LEU A 222 -1.81 4.67 -0.30
CA LEU A 222 -0.40 4.40 -0.08
C LEU A 222 -0.24 3.18 0.83
N GLY A 223 0.69 2.30 0.48
CA GLY A 223 0.88 1.06 1.22
C GLY A 223 0.03 -0.10 0.74
N TYR A 224 -0.71 0.08 -0.36
CA TYR A 224 -1.44 -1.02 -0.97
C TYR A 224 -0.49 -2.16 -1.33
N SER A 225 0.72 -1.84 -1.78
CA SER A 225 1.72 -2.84 -2.11
C SER A 225 3.09 -2.26 -1.80
N VAL A 226 4.02 -3.11 -1.40
CA VAL A 226 5.36 -2.66 -1.06
C VAL A 226 6.41 -3.61 -1.62
N ALA A 227 7.61 -3.06 -1.83
CA ALA A 227 8.79 -3.81 -2.19
C ALA A 227 9.98 -3.01 -1.68
N VAL A 228 11.15 -3.64 -1.63
CA VAL A 228 12.34 -3.01 -1.08
C VAL A 228 13.50 -3.17 -2.05
N GLY A 229 14.30 -2.11 -2.15
CA GLY A 229 15.50 -2.12 -2.96
C GLY A 229 16.25 -0.83 -2.73
N ASP A 230 17.52 -0.84 -3.07
CA ASP A 230 18.37 0.34 -2.92
C ASP A 230 18.30 1.17 -4.19
N PHE A 231 18.04 2.46 -4.04
CA PHE A 231 17.88 3.34 -5.19
C PHE A 231 18.63 4.66 -5.05
N ASN A 232 19.40 4.86 -3.98
CA ASN A 232 20.36 5.94 -3.92
C ASN A 232 21.76 5.42 -3.55
N GLY A 233 22.00 4.13 -3.77
CA GLY A 233 23.34 3.57 -3.75
C GLY A 233 24.08 3.65 -2.43
N ASP A 234 23.38 3.77 -1.30
CA ASP A 234 24.03 3.80 0.00
C ASP A 234 24.00 2.45 0.71
N GLY A 235 23.58 1.38 0.02
CA GLY A 235 23.54 0.06 0.62
C GLY A 235 22.36 -0.20 1.50
N ILE A 236 21.55 0.80 1.82
CA ILE A 236 20.38 0.65 2.67
C ILE A 236 19.16 0.49 1.75
N ASP A 237 18.43 -0.61 1.93
CA ASP A 237 17.22 -0.82 1.15
C ASP A 237 16.26 0.34 1.36
N ASP A 238 15.65 0.78 0.27
CA ASP A 238 14.67 1.86 0.27
C ASP A 238 13.28 1.28 0.05
N PHE A 239 12.25 2.07 0.36
CA PHE A 239 10.87 1.60 0.39
C PHE A 239 10.16 1.99 -0.90
N VAL A 240 9.64 0.99 -1.62
CA VAL A 240 8.84 1.18 -2.82
C VAL A 240 7.40 0.79 -2.48
N SER A 241 6.44 1.64 -2.86
CA SER A 241 5.05 1.37 -2.51
C SER A 241 4.09 1.82 -3.60
N GLY A 242 3.14 0.94 -3.93
CA GLY A 242 2.09 1.30 -4.87
C GLY A 242 1.04 2.19 -4.22
N VAL A 243 0.56 3.16 -5.01
CA VAL A 243 -0.43 4.14 -4.57
C VAL A 243 -1.50 4.19 -5.67
N PRO A 244 -2.39 3.20 -5.74
CA PRO A 244 -3.15 2.99 -6.98
C PRO A 244 -4.30 3.95 -7.23
N ARG A 245 -4.76 4.71 -6.24
CA ARG A 245 -5.80 5.71 -6.48
C ARG A 245 -5.24 7.12 -6.60
N ALA A 246 -3.94 7.30 -6.45
CA ALA A 246 -3.36 8.64 -6.48
C ALA A 246 -3.44 9.26 -7.89
N ALA A 247 -3.26 10.58 -7.94
CA ALA A 247 -3.28 11.34 -9.18
C ALA A 247 -4.60 11.10 -9.92
N ARG A 248 -5.70 11.25 -9.20
CA ARG A 248 -7.06 11.07 -9.71
C ARG A 248 -7.17 9.75 -10.50
N THR A 249 -6.74 8.68 -9.85
CA THR A 249 -6.87 7.30 -10.30
C THR A 249 -5.95 6.95 -11.46
N LEU A 250 -4.98 7.80 -11.79
CA LEU A 250 -3.91 7.35 -12.68
C LEU A 250 -3.03 6.33 -11.97
N GLY A 251 -2.91 6.45 -10.66
CA GLY A 251 -2.00 5.61 -9.91
C GLY A 251 -0.61 6.20 -9.84
N MET A 252 0.04 5.96 -8.72
CA MET A 252 1.44 6.36 -8.54
C MET A 252 2.16 5.29 -7.75
N VAL A 253 3.48 5.31 -7.86
CA VAL A 253 4.37 4.53 -7.01
C VAL A 253 5.33 5.51 -6.35
N TYR A 254 5.38 5.46 -5.03
CA TYR A 254 6.31 6.29 -4.25
C TYR A 254 7.51 5.45 -3.85
N ILE A 255 8.70 6.05 -3.92
CA ILE A 255 9.91 5.50 -3.35
C ILE A 255 10.39 6.45 -2.26
N TYR A 256 10.64 5.90 -1.08
CA TYR A 256 11.14 6.67 0.06
C TYR A 256 12.50 6.14 0.48
N ASP A 257 13.33 7.05 1.00
CA ASP A 257 14.63 6.66 1.52
C ASP A 257 14.47 5.73 2.72
N GLY A 258 15.20 4.62 2.73
CA GLY A 258 15.09 3.64 3.80
C GLY A 258 15.77 4.03 5.09
N LYS A 259 16.54 5.12 5.08
CA LYS A 259 17.18 5.60 6.30
C LYS A 259 16.34 6.62 7.06
N ASN A 260 15.54 7.43 6.35
CA ASN A 260 14.80 8.50 7.01
C ASN A 260 13.40 8.74 6.42
N MET A 261 12.94 7.93 5.47
CA MET A 261 11.60 8.06 4.89
C MET A 261 11.41 9.38 4.15
N SER A 262 12.49 9.90 3.56
CA SER A 262 12.38 11.05 2.68
C SER A 262 11.99 10.59 1.27
N SER A 263 11.19 11.41 0.60
CA SER A 263 10.75 11.06 -0.74
C SER A 263 11.92 11.10 -1.72
N LEU A 264 12.06 10.06 -2.54
CA LEU A 264 13.18 9.93 -3.47
C LEU A 264 12.76 10.03 -4.93
N TYR A 265 11.80 9.22 -5.36
N TYR A 265 11.84 9.19 -5.37
CA TYR A 265 11.40 9.22 -6.76
CA TYR A 265 11.41 9.15 -6.76
C TYR A 265 9.95 8.75 -6.86
C TYR A 265 9.92 8.82 -6.81
N ASN A 266 9.25 9.28 -7.86
CA ASN A 266 7.85 8.94 -8.10
C ASN A 266 7.68 8.40 -9.51
N PHE A 267 6.70 7.50 -9.66
CA PHE A 267 6.19 7.09 -10.96
C PHE A 267 4.71 7.39 -11.00
N THR A 268 4.21 7.70 -12.19
CA THR A 268 2.80 8.00 -12.39
C THR A 268 2.25 7.21 -13.56
N GLY A 269 1.06 6.64 -13.38
CA GLY A 269 0.43 5.90 -14.44
C GLY A 269 -0.06 6.80 -15.56
N GLU A 270 -0.39 6.17 -16.68
CA GLU A 270 -0.83 6.89 -17.87
C GLU A 270 -2.32 6.80 -18.13
N GLN A 271 -3.04 5.92 -17.43
CA GLN A 271 -4.43 5.67 -17.77
C GLN A 271 -5.30 5.64 -16.51
N MET A 272 -6.47 6.25 -16.62
CA MET A 272 -7.39 6.33 -15.48
C MET A 272 -7.93 4.95 -15.12
N ALA A 273 -7.94 4.65 -13.82
CA ALA A 273 -8.54 3.44 -13.28
C ALA A 273 -7.85 2.17 -13.81
N ALA A 274 -6.55 2.26 -14.08
CA ALA A 274 -5.77 1.09 -14.48
C ALA A 274 -5.26 0.29 -13.28
N TYR A 275 -5.41 0.83 -12.07
CA TYR A 275 -4.84 0.25 -10.85
C TYR A 275 -3.33 0.10 -10.96
N PHE A 276 -2.69 1.12 -11.55
CA PHE A 276 -1.23 1.23 -11.54
C PHE A 276 -0.73 1.31 -10.10
N GLY A 277 0.11 0.36 -9.71
CA GLY A 277 0.53 0.23 -8.33
C GLY A 277 -0.13 -0.88 -7.56
N PHE A 278 -1.03 -1.64 -8.20
CA PHE A 278 -1.63 -2.79 -7.52
C PHE A 278 -0.55 -3.72 -6.99
N SER A 279 0.53 -3.88 -7.75
CA SER A 279 1.65 -4.72 -7.38
C SER A 279 2.94 -4.02 -7.74
N VAL A 280 3.98 -4.26 -6.93
CA VAL A 280 5.29 -3.69 -7.18
C VAL A 280 6.34 -4.73 -6.79
N ALA A 281 7.47 -4.69 -7.48
CA ALA A 281 8.60 -5.56 -7.16
C ALA A 281 9.88 -4.84 -7.50
N ALA A 282 10.97 -5.26 -6.84
CA ALA A 282 12.30 -4.72 -7.08
C ALA A 282 13.27 -5.86 -7.19
N THR A 283 14.02 -5.90 -8.30
CA THR A 283 15.05 -6.90 -8.53
C THR A 283 15.92 -6.41 -9.68
N ASP A 284 17.20 -6.76 -9.62
CA ASP A 284 18.14 -6.40 -10.69
C ASP A 284 18.00 -7.40 -11.83
N ILE A 285 17.39 -6.98 -12.93
CA ILE A 285 17.12 -7.90 -14.03
C ILE A 285 18.18 -7.88 -15.12
N ASN A 286 18.97 -6.81 -15.23
CA ASN A 286 19.96 -6.68 -16.29
C ASN A 286 21.38 -6.86 -15.79
N GLY A 287 21.55 -7.35 -14.55
CA GLY A 287 22.86 -7.75 -14.08
C GLY A 287 23.86 -6.64 -13.85
N ASP A 288 23.39 -5.42 -13.59
CA ASP A 288 24.30 -4.31 -13.27
C ASP A 288 24.31 -3.97 -11.79
N ASP A 289 23.73 -4.83 -10.95
CA ASP A 289 23.69 -4.64 -9.50
C ASP A 289 22.91 -3.38 -9.09
N TYR A 290 22.00 -2.93 -9.95
CA TYR A 290 21.12 -1.82 -9.65
C TYR A 290 19.68 -2.33 -9.66
N ALA A 291 19.00 -2.21 -8.52
CA ALA A 291 17.64 -2.70 -8.42
C ALA A 291 16.74 -1.96 -9.41
N ASP A 292 15.87 -2.71 -10.07
CA ASP A 292 14.95 -2.19 -11.05
C ASP A 292 13.52 -2.33 -10.54
N VAL A 293 12.66 -1.39 -10.93
CA VAL A 293 11.31 -1.30 -10.39
C VAL A 293 10.33 -1.91 -11.39
N PHE A 294 9.43 -2.74 -10.89
CA PHE A 294 8.34 -3.32 -11.67
C PHE A 294 7.03 -2.89 -11.06
N ILE A 295 6.11 -2.42 -11.91
CA ILE A 295 4.82 -1.90 -11.45
C ILE A 295 3.73 -2.51 -12.31
N GLY A 296 2.68 -3.00 -11.66
CA GLY A 296 1.58 -3.67 -12.34
C GLY A 296 0.35 -2.78 -12.41
N ALA A 297 -0.28 -2.77 -13.58
CA ALA A 297 -1.53 -2.05 -13.83
C ALA A 297 -2.50 -3.05 -14.45
N PRO A 298 -3.11 -3.92 -13.62
CA PRO A 298 -3.87 -5.05 -14.19
C PRO A 298 -5.09 -4.65 -15.00
N LEU A 299 -5.61 -3.43 -14.84
CA LEU A 299 -6.81 -3.01 -15.55
C LEU A 299 -6.50 -2.13 -16.75
N PHE A 300 -5.23 -1.95 -17.07
CA PHE A 300 -4.84 -1.13 -18.22
C PHE A 300 -5.51 -1.63 -19.49
N MET A 301 -6.01 -0.69 -20.29
CA MET A 301 -6.72 -0.98 -21.53
C MET A 301 -5.87 -0.58 -22.72
N ASP A 302 -5.67 -1.51 -23.64
CA ASP A 302 -4.89 -1.30 -24.85
C ASP A 302 -5.82 -1.12 -26.04
N ARG A 303 -5.34 -0.36 -27.03
CA ARG A 303 -6.08 -0.17 -28.26
C ARG A 303 -5.69 -1.27 -29.24
N GLY A 304 -6.71 -1.94 -29.81
CA GLY A 304 -6.47 -3.04 -30.72
C GLY A 304 -6.43 -2.60 -32.18
N SER A 305 -6.18 -3.59 -33.04
CA SER A 305 -6.13 -3.32 -34.48
C SER A 305 -7.43 -2.70 -34.97
N ASP A 306 -8.56 -3.15 -34.42
CA ASP A 306 -9.86 -2.61 -34.79
C ASP A 306 -10.17 -1.28 -34.15
N GLY A 307 -9.32 -0.79 -33.25
CA GLY A 307 -9.56 0.46 -32.56
C GLY A 307 -10.35 0.34 -31.29
N LYS A 308 -10.74 -0.87 -30.88
CA LYS A 308 -11.47 -1.04 -29.64
C LYS A 308 -10.51 -1.10 -28.45
N LEU A 309 -10.91 -0.45 -27.36
CA LEU A 309 -10.19 -0.63 -26.11
C LEU A 309 -10.45 -2.04 -25.57
N GLN A 310 -9.38 -2.68 -25.10
CA GLN A 310 -9.49 -4.00 -24.49
C GLN A 310 -8.65 -4.02 -23.23
N GLU A 311 -9.27 -4.44 -22.13
CA GLU A 311 -8.59 -4.52 -20.84
C GLU A 311 -7.70 -5.76 -20.84
N VAL A 312 -6.39 -5.55 -20.92
CA VAL A 312 -5.44 -6.66 -20.89
C VAL A 312 -4.41 -6.53 -19.79
N GLY A 313 -4.30 -5.37 -19.15
CA GLY A 313 -3.30 -5.15 -18.14
C GLY A 313 -1.95 -4.78 -18.72
N GLN A 314 -1.11 -4.18 -17.88
CA GLN A 314 0.18 -3.69 -18.31
C GLN A 314 1.15 -3.71 -17.13
N VAL A 315 2.41 -4.00 -17.41
CA VAL A 315 3.49 -3.97 -16.43
C VAL A 315 4.58 -3.05 -16.98
N SER A 316 5.09 -2.18 -16.13
CA SER A 316 6.14 -1.25 -16.52
C SER A 316 7.45 -1.64 -15.85
N VAL A 317 8.53 -1.63 -16.63
CA VAL A 317 9.85 -2.04 -16.18
C VAL A 317 10.76 -0.82 -16.21
N SER A 318 11.27 -0.43 -15.04
CA SER A 318 12.13 0.74 -14.90
C SER A 318 13.51 0.30 -14.44
N LEU A 319 14.50 0.43 -15.32
CA LEU A 319 15.87 0.10 -14.96
C LEU A 319 16.52 1.30 -14.26
N GLN A 320 17.11 1.05 -13.11
CA GLN A 320 17.82 2.09 -12.38
C GLN A 320 19.17 2.36 -13.02
N ARG A 321 19.57 3.63 -13.04
CA ARG A 321 20.85 4.03 -13.60
C ARG A 321 21.64 4.81 -12.56
N ALA A 322 22.96 4.83 -12.74
CA ALA A 322 23.84 5.47 -11.77
C ALA A 322 23.46 6.93 -11.56
N SER A 323 23.09 7.62 -12.65
CA SER A 323 22.72 9.02 -12.56
C SER A 323 21.52 9.25 -11.67
N GLY A 324 20.68 8.24 -11.47
CA GLY A 324 19.46 8.36 -10.69
C GLY A 324 18.20 8.37 -11.54
N ASP A 325 18.32 8.55 -12.84
CA ASP A 325 17.17 8.47 -13.73
C ASP A 325 16.68 7.03 -13.82
N PHE A 326 15.60 6.83 -14.57
CA PHE A 326 15.07 5.50 -14.82
C PHE A 326 14.80 5.33 -16.31
N GLN A 327 14.98 4.10 -16.77
CA GLN A 327 14.76 3.73 -18.17
C GLN A 327 13.55 2.79 -18.20
N THR A 328 12.42 3.29 -18.68
CA THR A 328 11.14 2.62 -18.49
C THR A 328 10.64 2.01 -19.79
N THR A 329 10.06 0.81 -19.67
CA THR A 329 9.44 0.10 -20.78
C THR A 329 8.16 -0.52 -20.27
N LYS A 330 7.22 -0.78 -21.19
CA LYS A 330 5.90 -1.28 -20.83
C LYS A 330 5.69 -2.66 -21.45
N LEU A 331 5.01 -3.52 -20.71
CA LEU A 331 4.71 -4.89 -21.14
C LEU A 331 3.21 -5.10 -21.02
N ASN A 332 2.56 -5.42 -22.13
CA ASN A 332 1.10 -5.54 -22.15
C ASN A 332 0.67 -6.99 -21.99
N GLY A 333 -0.49 -7.17 -21.37
CA GLY A 333 -1.07 -8.48 -21.25
C GLY A 333 -1.54 -9.00 -22.60
N PHE A 334 -1.91 -10.28 -22.59
CA PHE A 334 -2.26 -10.98 -23.82
C PHE A 334 -3.73 -11.35 -23.94
N GLU A 335 -4.45 -11.43 -22.82
CA GLU A 335 -5.84 -11.87 -22.81
C GLU A 335 -6.73 -10.84 -22.14
N VAL A 336 -7.89 -10.58 -22.74
CA VAL A 336 -8.78 -9.56 -22.22
C VAL A 336 -9.35 -10.00 -20.87
N PHE A 337 -9.39 -9.05 -19.93
CA PHE A 337 -9.93 -9.25 -18.58
C PHE A 337 -9.13 -10.25 -17.76
N ALA A 338 -7.94 -10.64 -18.23
CA ALA A 338 -7.11 -11.59 -17.49
C ALA A 338 -6.38 -10.94 -16.32
N ARG A 339 -6.30 -9.61 -16.29
CA ARG A 339 -5.62 -8.88 -15.22
C ARG A 339 -4.15 -9.24 -15.13
N PHE A 340 -3.52 -9.39 -16.30
CA PHE A 340 -2.07 -9.48 -16.38
C PHE A 340 -1.42 -8.38 -15.55
N GLY A 341 -0.47 -8.77 -14.70
CA GLY A 341 0.20 -7.84 -13.82
C GLY A 341 -0.35 -7.79 -12.41
N SER A 342 -1.33 -8.64 -12.06
CA SER A 342 -1.84 -8.65 -10.71
C SER A 342 -0.76 -9.00 -9.69
N ALA A 343 0.18 -9.87 -10.07
CA ALA A 343 1.24 -10.29 -9.18
C ALA A 343 2.54 -10.36 -9.97
N ILE A 344 3.61 -9.85 -9.37
CA ILE A 344 4.93 -9.84 -9.97
C ILE A 344 5.90 -10.45 -8.95
N ALA A 345 6.53 -11.54 -9.32
CA ALA A 345 7.41 -12.26 -8.40
C ALA A 345 8.82 -12.31 -8.96
N PRO A 346 9.80 -11.66 -8.34
CA PRO A 346 11.20 -11.93 -8.70
C PRO A 346 11.50 -13.41 -8.55
N LEU A 347 12.15 -13.96 -9.57
CA LEU A 347 12.45 -15.39 -9.61
C LEU A 347 13.89 -15.69 -9.24
N GLY A 348 14.72 -14.67 -9.03
CA GLY A 348 16.13 -14.93 -9.06
C GLY A 348 16.52 -15.26 -10.49
N ASP A 349 17.63 -15.99 -10.63
CA ASP A 349 18.12 -16.40 -11.94
C ASP A 349 17.60 -17.80 -12.21
N LEU A 350 16.44 -17.87 -12.85
CA LEU A 350 15.76 -19.15 -13.04
C LEU A 350 16.58 -20.12 -13.87
N ASP A 351 17.21 -19.64 -14.94
CA ASP A 351 17.97 -20.50 -15.83
C ASP A 351 19.48 -20.43 -15.58
N GLN A 352 19.92 -19.70 -14.56
CA GLN A 352 21.33 -19.61 -14.20
C GLN A 352 22.17 -19.17 -15.39
N ASP A 353 21.72 -18.11 -16.06
CA ASP A 353 22.45 -17.55 -17.19
C ASP A 353 23.14 -16.24 -16.84
N GLY A 354 23.06 -15.80 -15.59
CA GLY A 354 23.70 -14.56 -15.16
C GLY A 354 22.80 -13.37 -15.06
N PHE A 355 21.54 -13.49 -15.47
CA PHE A 355 20.57 -12.39 -15.41
C PHE A 355 19.34 -12.85 -14.66
N ASN A 356 18.89 -12.04 -13.71
CA ASN A 356 17.70 -12.38 -12.94
C ASN A 356 16.47 -12.36 -13.83
N ASP A 357 15.43 -13.04 -13.37
CA ASP A 357 14.21 -13.24 -14.13
C ASP A 357 13.03 -12.89 -13.24
N ILE A 358 11.84 -12.84 -13.85
CA ILE A 358 10.62 -12.48 -13.14
C ILE A 358 9.46 -13.28 -13.70
N ALA A 359 8.42 -13.43 -12.87
CA ALA A 359 7.16 -14.04 -13.25
C ALA A 359 6.05 -13.02 -13.08
N ILE A 360 5.15 -12.97 -14.07
CA ILE A 360 4.00 -12.06 -14.03
C ILE A 360 2.75 -12.90 -14.20
N ALA A 361 1.77 -12.69 -13.32
CA ALA A 361 0.57 -13.51 -13.28
C ALA A 361 -0.61 -12.82 -13.95
N ALA A 362 -1.46 -13.63 -14.57
CA ALA A 362 -2.73 -13.19 -15.15
C ALA A 362 -3.80 -14.07 -14.53
N PRO A 363 -4.19 -13.79 -13.28
CA PRO A 363 -4.94 -14.78 -12.49
C PRO A 363 -6.27 -15.20 -13.08
N TYR A 364 -6.83 -14.45 -14.04
CA TYR A 364 -8.15 -14.76 -14.58
C TYR A 364 -8.08 -15.11 -16.06
N GLY A 365 -6.90 -15.42 -16.57
CA GLY A 365 -6.74 -15.87 -17.94
C GLY A 365 -6.94 -17.37 -18.09
N GLY A 366 -6.68 -17.86 -19.29
CA GLY A 366 -6.79 -19.27 -19.57
C GLY A 366 -8.23 -19.72 -19.73
N GLU A 367 -8.39 -21.04 -19.88
CA GLU A 367 -9.70 -21.64 -20.08
C GLU A 367 -10.47 -21.67 -18.77
N ASP A 368 -11.71 -21.19 -18.80
CA ASP A 368 -12.59 -21.17 -17.63
C ASP A 368 -11.91 -20.48 -16.45
N LYS A 369 -11.19 -19.39 -16.74
CA LYS A 369 -10.56 -18.56 -15.72
C LYS A 369 -9.62 -19.35 -14.81
N LYS A 370 -8.94 -20.36 -15.36
CA LYS A 370 -8.06 -21.19 -14.54
C LYS A 370 -6.78 -20.47 -14.16
N GLY A 371 -6.41 -19.41 -14.86
CA GLY A 371 -5.25 -18.62 -14.49
C GLY A 371 -4.03 -18.98 -15.30
N ILE A 372 -3.16 -18.00 -15.50
CA ILE A 372 -1.93 -18.16 -16.27
C ILE A 372 -0.83 -17.36 -15.58
N VAL A 373 0.40 -17.90 -15.61
CA VAL A 373 1.57 -17.23 -15.09
C VAL A 373 2.61 -17.20 -16.21
N TYR A 374 3.20 -16.02 -16.45
CA TYR A 374 4.17 -15.82 -17.51
C TYR A 374 5.56 -15.68 -16.92
N ILE A 375 6.53 -16.36 -17.52
CA ILE A 375 7.93 -16.30 -17.12
C ILE A 375 8.67 -15.41 -18.11
N PHE A 376 9.35 -14.38 -17.61
CA PHE A 376 10.14 -13.47 -18.43
C PHE A 376 11.59 -13.54 -17.98
N ASN A 377 12.49 -13.66 -18.95
CA ASN A 377 13.91 -13.78 -18.68
C ASN A 377 14.60 -12.43 -18.85
N GLY A 378 15.52 -12.14 -17.94
CA GLY A 378 16.28 -10.91 -18.05
C GLY A 378 17.46 -11.05 -18.99
N ARG A 379 17.99 -9.90 -19.39
CA ARG A 379 19.19 -9.83 -20.21
C ARG A 379 19.82 -8.46 -19.97
N SER A 380 20.98 -8.25 -20.60
CA SER A 380 21.74 -7.03 -20.33
C SER A 380 20.98 -5.78 -20.76
N THR A 381 20.20 -5.87 -21.84
CA THR A 381 19.46 -4.70 -22.30
C THR A 381 18.32 -4.37 -21.34
N GLY A 382 17.70 -5.39 -20.76
CA GLY A 382 16.59 -5.20 -19.85
C GLY A 382 15.85 -6.51 -19.66
N LEU A 383 14.53 -6.47 -19.66
CA LEU A 383 13.72 -7.68 -19.65
C LEU A 383 13.39 -8.07 -21.08
N ASN A 384 13.49 -9.36 -21.37
CA ASN A 384 13.08 -9.86 -22.68
C ASN A 384 11.57 -9.74 -22.82
N ALA A 385 11.11 -9.15 -23.93
CA ALA A 385 9.71 -8.80 -24.06
C ALA A 385 8.81 -10.03 -24.19
N VAL A 386 9.33 -11.13 -24.72
CA VAL A 386 8.52 -12.31 -25.01
C VAL A 386 8.68 -13.30 -23.85
N PRO A 387 7.60 -13.83 -23.31
CA PRO A 387 7.73 -14.82 -22.22
C PRO A 387 8.30 -16.13 -22.75
N SER A 388 9.22 -16.71 -21.98
CA SER A 388 9.84 -17.97 -22.36
C SER A 388 9.12 -19.18 -21.76
N GLN A 389 8.12 -18.97 -20.92
CA GLN A 389 7.30 -20.06 -20.41
C GLN A 389 5.94 -19.53 -20.03
N ILE A 390 4.96 -20.44 -20.03
CA ILE A 390 3.57 -20.11 -19.72
C ILE A 390 3.03 -21.24 -18.84
N LEU A 391 2.85 -20.95 -17.56
CA LEU A 391 2.24 -21.90 -16.63
C LEU A 391 0.73 -21.70 -16.64
N GLU A 392 -0.01 -22.79 -16.75
CA GLU A 392 -1.46 -22.74 -16.83
C GLU A 392 -2.07 -23.42 -15.62
N GLY A 393 -2.95 -22.70 -14.92
CA GLY A 393 -3.67 -23.32 -13.82
C GLY A 393 -4.52 -24.47 -14.32
N GLN A 394 -4.61 -25.52 -13.50
CA GLN A 394 -5.26 -26.76 -13.91
C GLN A 394 -6.60 -27.01 -13.25
N TRP A 395 -7.00 -26.20 -12.26
CA TRP A 395 -8.17 -26.49 -11.44
C TRP A 395 -9.23 -25.43 -11.60
N ALA A 396 -10.48 -25.86 -11.59
CA ALA A 396 -11.65 -25.01 -11.67
C ALA A 396 -12.38 -25.01 -10.34
N ALA A 397 -13.19 -23.97 -10.11
CA ALA A 397 -13.89 -23.78 -8.85
C ALA A 397 -15.38 -23.62 -9.11
N ARG A 398 -16.16 -23.59 -8.03
CA ARG A 398 -17.61 -23.49 -8.11
C ARG A 398 -18.17 -22.16 -7.59
N SER A 399 -17.32 -21.25 -7.09
CA SER A 399 -17.82 -19.96 -6.62
C SER A 399 -16.89 -18.81 -7.02
N CYS A 400 -15.93 -18.47 -6.16
CA CYS A 400 -14.92 -17.49 -6.52
C CYS A 400 -13.93 -18.11 -7.50
N PRO A 401 -13.40 -17.33 -8.45
CA PRO A 401 -12.55 -17.92 -9.49
C PRO A 401 -11.27 -18.49 -8.91
N PRO A 402 -10.68 -19.50 -9.55
CA PRO A 402 -9.45 -20.12 -8.99
C PRO A 402 -8.34 -19.14 -8.65
N SER A 403 -8.10 -18.12 -9.49
CA SER A 403 -7.10 -17.09 -9.21
C SER A 403 -5.69 -17.67 -9.12
N PHE A 404 -5.40 -18.67 -9.95
CA PHE A 404 -4.04 -19.17 -10.09
C PHE A 404 -3.08 -18.04 -10.44
N GLY A 405 -2.10 -17.79 -9.58
CA GLY A 405 -1.14 -16.73 -9.79
C GLY A 405 -1.39 -15.46 -9.01
N TYR A 406 -2.52 -15.37 -8.30
CA TYR A 406 -2.82 -14.17 -7.53
C TYR A 406 -1.70 -13.84 -6.56
N SER A 407 -1.00 -14.85 -6.05
CA SER A 407 0.20 -14.67 -5.26
C SER A 407 1.26 -15.64 -5.74
N MET A 408 2.52 -15.20 -5.67
CA MET A 408 3.64 -15.99 -6.13
C MET A 408 4.86 -15.66 -5.30
N LYS A 409 5.80 -16.60 -5.24
CA LYS A 409 7.10 -16.32 -4.65
C LYS A 409 8.13 -17.26 -5.28
N GLY A 410 9.25 -16.67 -5.71
CA GLY A 410 10.36 -17.44 -6.22
C GLY A 410 11.66 -17.09 -5.53
N ALA A 411 12.78 -17.37 -6.19
CA ALA A 411 14.12 -16.98 -5.74
C ALA A 411 14.59 -17.81 -4.54
N THR A 412 14.09 -19.03 -4.39
CA THR A 412 14.56 -19.96 -3.38
C THR A 412 14.80 -21.32 -4.02
N ASP A 413 15.99 -21.87 -3.81
CA ASP A 413 16.36 -23.18 -4.35
C ASP A 413 16.00 -24.22 -3.29
N ILE A 414 14.75 -24.67 -3.32
CA ILE A 414 14.25 -25.49 -2.23
C ILE A 414 14.74 -26.93 -2.30
N ASP A 415 15.11 -27.43 -3.48
CA ASP A 415 15.64 -28.78 -3.62
C ASP A 415 17.15 -28.81 -3.78
N LYS A 416 17.82 -27.67 -3.61
CA LYS A 416 19.29 -27.59 -3.63
C LYS A 416 19.86 -28.20 -4.92
N ASN A 417 19.21 -27.93 -6.04
CA ASN A 417 19.71 -28.38 -7.34
C ASN A 417 20.40 -27.27 -8.12
N GLY A 418 20.52 -26.08 -7.54
CA GLY A 418 21.23 -24.99 -8.18
C GLY A 418 20.37 -24.05 -9.00
N TYR A 419 19.06 -24.21 -9.00
CA TYR A 419 18.16 -23.33 -9.73
C TYR A 419 17.01 -22.91 -8.82
N PRO A 420 16.68 -21.62 -8.76
CA PRO A 420 15.57 -21.19 -7.91
C PRO A 420 14.24 -21.73 -8.39
N ASP A 421 13.33 -21.93 -7.44
CA ASP A 421 12.03 -22.54 -7.70
C ASP A 421 10.93 -21.54 -7.38
N LEU A 422 9.70 -21.88 -7.75
CA LEU A 422 8.58 -20.95 -7.72
C LEU A 422 7.37 -21.56 -7.04
N ILE A 423 6.71 -20.77 -6.20
CA ILE A 423 5.42 -21.13 -5.60
C ILE A 423 4.36 -20.26 -6.26
N VAL A 424 3.25 -20.89 -6.67
CA VAL A 424 2.10 -20.19 -7.21
C VAL A 424 0.90 -20.52 -6.34
N GLY A 425 0.27 -19.48 -5.78
CA GLY A 425 -0.95 -19.66 -5.01
C GLY A 425 -2.19 -19.53 -5.88
N ALA A 426 -3.23 -20.29 -5.51
CA ALA A 426 -4.50 -20.32 -6.24
C ALA A 426 -5.62 -20.38 -5.21
N PHE A 427 -5.94 -19.22 -4.61
CA PHE A 427 -6.75 -19.23 -3.41
C PHE A 427 -8.22 -19.55 -3.68
N GLY A 428 -8.70 -19.36 -4.90
CA GLY A 428 -10.10 -19.66 -5.20
C GLY A 428 -10.41 -21.13 -5.33
N VAL A 429 -9.38 -21.97 -5.46
CA VAL A 429 -9.51 -23.41 -5.36
C VAL A 429 -8.72 -23.96 -4.17
N ASP A 430 -8.28 -23.08 -3.27
CA ASP A 430 -7.62 -23.49 -2.03
C ASP A 430 -6.42 -24.39 -2.32
N ARG A 431 -5.55 -23.90 -3.21
CA ARG A 431 -4.41 -24.67 -3.67
C ARG A 431 -3.18 -23.78 -3.70
N ALA A 432 -2.03 -24.38 -3.40
CA ALA A 432 -0.73 -23.76 -3.60
C ALA A 432 0.16 -24.79 -4.28
N ILE A 433 1.04 -24.33 -5.16
CA ILE A 433 1.79 -25.23 -6.03
C ILE A 433 3.24 -24.76 -6.13
N LEU A 434 4.17 -25.70 -5.97
CA LEU A 434 5.59 -25.45 -6.16
C LEU A 434 6.02 -26.03 -7.50
N TYR A 435 6.75 -25.23 -8.28
CA TYR A 435 7.33 -25.64 -9.54
C TYR A 435 8.84 -25.63 -9.39
N ARG A 436 9.49 -26.74 -9.74
CA ARG A 436 10.93 -26.87 -9.61
C ARG A 436 11.62 -26.57 -10.92
N ALA A 437 12.73 -25.84 -10.84
CA ALA A 437 13.48 -25.44 -12.03
C ALA A 437 14.42 -26.56 -12.47
N ARG A 438 14.34 -26.92 -13.75
CA ARG A 438 15.16 -27.98 -14.30
C ARG A 438 16.56 -27.47 -14.65
N PRO A 439 17.58 -28.32 -14.56
CA PRO A 439 18.91 -27.91 -15.02
C PRO A 439 18.91 -27.61 -16.50
N VAL A 440 19.77 -26.67 -16.90
CA VAL A 440 19.80 -26.13 -18.26
C VAL A 440 21.11 -26.54 -18.92
N ILE A 441 21.01 -27.25 -20.03
CA ILE A 441 22.16 -27.69 -20.81
C ILE A 441 22.37 -26.73 -21.96
N THR A 442 23.54 -26.13 -22.03
CA THR A 442 23.92 -25.25 -23.13
C THR A 442 24.79 -26.02 -24.12
N VAL A 443 24.45 -25.93 -25.40
CA VAL A 443 25.09 -26.74 -26.44
C VAL A 443 25.79 -25.80 -27.42
N ASN A 444 27.04 -26.12 -27.73
CA ASN A 444 27.79 -25.49 -28.82
C ASN A 444 27.84 -26.47 -29.99
N ALA A 445 27.24 -26.09 -31.12
CA ALA A 445 27.19 -26.94 -32.29
C ALA A 445 27.98 -26.32 -33.44
N GLY A 446 28.64 -27.18 -34.21
CA GLY A 446 29.38 -26.73 -35.38
C GLY A 446 29.08 -27.63 -36.56
N LEU A 447 29.08 -27.03 -37.75
CA LEU A 447 28.82 -27.75 -38.99
C LEU A 447 29.68 -27.13 -40.08
N GLU A 448 30.57 -27.93 -40.67
CA GLU A 448 31.49 -27.47 -41.69
C GLU A 448 31.28 -28.28 -42.97
N VAL A 449 31.14 -27.59 -44.09
CA VAL A 449 31.01 -28.21 -45.40
C VAL A 449 32.20 -27.76 -46.25
N TYR A 450 33.03 -28.72 -46.66
CA TYR A 450 34.21 -28.44 -47.46
C TYR A 450 34.37 -29.53 -48.52
N PRO A 451 34.56 -29.18 -49.79
CA PRO A 451 34.64 -27.83 -50.36
C PRO A 451 33.30 -27.11 -50.39
N SER A 452 33.33 -25.79 -50.23
CA SER A 452 32.09 -25.02 -50.26
C SER A 452 31.56 -24.89 -51.67
N ILE A 453 32.45 -24.66 -52.65
CA ILE A 453 32.05 -24.54 -54.05
C ILE A 453 32.17 -25.92 -54.71
N LEU A 454 31.18 -26.28 -55.50
CA LEU A 454 31.07 -27.60 -56.09
C LEU A 454 31.04 -27.49 -57.61
N ASN A 455 31.93 -28.21 -58.27
CA ASN A 455 31.99 -28.27 -59.73
C ASN A 455 31.47 -29.64 -60.17
N GLN A 456 30.32 -29.63 -60.85
CA GLN A 456 29.73 -30.89 -61.30
C GLN A 456 30.72 -31.74 -62.08
N ASP A 457 31.64 -31.11 -62.82
CA ASP A 457 32.62 -31.83 -63.62
C ASP A 457 33.81 -32.34 -62.80
N ASN A 458 33.78 -32.19 -61.47
CA ASN A 458 34.84 -32.68 -60.58
C ASN A 458 34.33 -33.96 -59.91
N LYS A 459 34.54 -35.09 -60.59
CA LYS A 459 34.08 -36.39 -60.12
C LYS A 459 35.30 -37.20 -59.67
N THR A 460 35.69 -37.04 -58.41
CA THR A 460 36.79 -37.78 -57.82
C THR A 460 36.33 -38.87 -56.86
N CYS A 461 35.02 -39.07 -56.70
CA CYS A 461 34.47 -40.05 -55.79
C CYS A 461 33.77 -41.16 -56.56
N SER A 462 33.80 -42.36 -55.97
CA SER A 462 33.16 -43.54 -56.53
C SER A 462 32.12 -44.05 -55.53
N LEU A 463 30.89 -44.28 -56.01
CA LEU A 463 29.83 -44.80 -55.17
C LEU A 463 30.06 -46.29 -54.89
N PRO A 464 29.34 -46.86 -53.92
CA PRO A 464 29.54 -48.28 -53.63
C PRO A 464 29.22 -49.19 -54.82
N GLY A 465 28.19 -48.85 -55.59
CA GLY A 465 27.83 -49.60 -56.76
C GLY A 465 28.68 -49.24 -57.97
N THR A 466 28.20 -49.67 -59.14
CA THR A 466 28.92 -49.41 -60.38
C THR A 466 29.07 -47.91 -60.62
N ALA A 467 27.94 -47.20 -60.68
CA ALA A 467 27.85 -45.74 -60.66
C ALA A 467 28.70 -44.96 -61.67
N LEU A 468 30.00 -45.23 -61.76
CA LEU A 468 30.89 -44.48 -62.65
C LEU A 468 31.07 -43.03 -62.16
N LYS A 469 31.16 -42.86 -60.84
CA LYS A 469 31.63 -41.65 -60.18
C LYS A 469 30.63 -40.49 -60.14
N VAL A 470 30.85 -39.58 -59.19
CA VAL A 470 29.99 -38.44 -58.91
C VAL A 470 30.83 -37.33 -58.28
N SER A 471 30.29 -36.13 -58.21
CA SER A 471 30.97 -34.99 -57.58
C SER A 471 30.61 -34.95 -56.10
N CYS A 472 31.63 -35.02 -55.24
CA CYS A 472 31.41 -35.24 -53.81
C CYS A 472 32.01 -34.12 -52.97
N PHE A 473 31.53 -34.05 -51.72
CA PHE A 473 32.05 -33.11 -50.72
C PHE A 473 31.89 -33.71 -49.34
N ASN A 474 32.52 -33.06 -48.35
CA ASN A 474 32.55 -33.54 -46.98
C ASN A 474 31.62 -32.71 -46.09
N VAL A 475 30.97 -33.37 -45.14
CA VAL A 475 30.13 -32.73 -44.14
C VAL A 475 30.60 -33.20 -42.77
N ARG A 476 30.86 -32.25 -41.88
CA ARG A 476 31.44 -32.53 -40.56
C ARG A 476 30.65 -31.78 -39.51
N PHE A 477 29.82 -32.51 -38.75
CA PHE A 477 29.00 -31.92 -37.70
C PHE A 477 29.62 -32.19 -36.35
N CYS A 478 29.69 -31.16 -35.50
CA CYS A 478 30.26 -31.26 -34.17
C CYS A 478 29.25 -30.78 -33.15
N LEU A 479 29.39 -31.29 -31.92
CA LEU A 479 28.46 -30.95 -30.86
C LEU A 479 29.20 -30.98 -29.52
N LYS A 480 28.90 -30.02 -28.67
CA LYS A 480 29.54 -29.86 -27.37
C LYS A 480 28.53 -29.27 -26.41
N ALA A 481 28.55 -29.74 -25.15
CA ALA A 481 27.56 -29.32 -24.18
C ALA A 481 28.16 -29.30 -22.78
N ASP A 482 27.53 -28.51 -21.92
CA ASP A 482 27.91 -28.41 -20.51
C ASP A 482 26.68 -27.96 -19.74
N GLY A 483 26.82 -27.84 -18.43
CA GLY A 483 25.70 -27.40 -17.61
C GLY A 483 26.18 -26.89 -16.27
N LYS A 484 25.19 -26.48 -15.47
CA LYS A 484 25.40 -26.02 -14.10
C LYS A 484 24.46 -26.79 -13.20
N GLY A 485 24.96 -27.19 -12.03
CA GLY A 485 24.13 -27.84 -11.04
C GLY A 485 24.20 -29.35 -11.11
N VAL A 486 23.20 -29.98 -10.49
CA VAL A 486 23.12 -31.43 -10.40
C VAL A 486 22.82 -31.98 -11.80
N LEU A 487 23.79 -32.69 -12.38
CA LEU A 487 23.66 -33.23 -13.73
C LEU A 487 24.53 -34.47 -13.86
N PRO A 488 24.18 -35.39 -14.76
CA PRO A 488 25.08 -36.50 -15.07
C PRO A 488 26.19 -36.02 -16.00
N ARG A 489 27.20 -36.87 -16.16
CA ARG A 489 28.34 -36.60 -17.03
C ARG A 489 28.25 -37.37 -18.34
N LYS A 490 27.04 -37.55 -18.87
CA LYS A 490 26.83 -38.35 -20.07
C LYS A 490 25.41 -38.14 -20.60
N LEU A 491 25.28 -37.74 -21.87
CA LEU A 491 23.98 -37.38 -22.44
C LEU A 491 23.84 -37.93 -23.85
N ASN A 492 22.64 -38.42 -24.16
CA ASN A 492 22.34 -39.06 -25.44
C ASN A 492 21.66 -38.05 -26.37
N PHE A 493 22.35 -37.65 -27.44
CA PHE A 493 21.83 -36.71 -28.40
C PHE A 493 21.38 -37.42 -29.67
N GLN A 494 20.26 -36.97 -30.22
CA GLN A 494 19.80 -37.38 -31.55
C GLN A 494 20.09 -36.24 -32.53
N VAL A 495 20.96 -36.51 -33.50
CA VAL A 495 21.39 -35.52 -34.48
C VAL A 495 20.88 -35.93 -35.85
N GLU A 496 20.33 -34.97 -36.59
CA GLU A 496 19.79 -35.20 -37.93
C GLU A 496 20.37 -34.20 -38.90
N LEU A 497 20.73 -34.69 -40.10
CA LEU A 497 21.22 -33.88 -41.19
C LEU A 497 20.29 -34.02 -42.39
N LEU A 498 20.10 -32.93 -43.13
CA LEU A 498 19.26 -32.93 -44.32
C LEU A 498 19.93 -32.10 -45.40
N LEU A 499 20.26 -32.73 -46.52
CA LEU A 499 20.94 -32.05 -47.61
C LEU A 499 19.94 -31.34 -48.52
N ASP A 500 20.33 -30.17 -49.01
CA ASP A 500 19.48 -29.33 -49.85
C ASP A 500 18.10 -29.17 -49.23
N LYS A 501 18.08 -28.58 -48.03
CA LYS A 501 16.83 -28.40 -47.31
C LYS A 501 15.95 -27.31 -47.92
N LEU A 502 16.54 -26.35 -48.63
CA LEU A 502 15.75 -25.26 -49.20
C LEU A 502 14.59 -25.81 -50.03
N LYS A 503 14.85 -26.81 -50.84
CA LYS A 503 13.82 -27.37 -51.71
C LYS A 503 12.73 -28.05 -50.87
N GLN A 504 11.48 -27.69 -51.16
CA GLN A 504 10.34 -28.06 -50.34
C GLN A 504 9.46 -29.09 -51.06
N LYS A 505 8.27 -29.33 -50.51
CA LYS A 505 7.36 -30.37 -50.98
C LYS A 505 7.23 -30.36 -52.50
N GLY A 506 7.80 -31.37 -53.16
CA GLY A 506 7.69 -31.50 -54.59
C GLY A 506 8.83 -30.90 -55.39
N ALA A 507 9.99 -30.68 -54.77
CA ALA A 507 11.14 -30.09 -55.43
C ALA A 507 12.33 -31.02 -55.32
N ILE A 508 13.19 -30.97 -56.34
CA ILE A 508 14.31 -31.91 -56.44
C ILE A 508 15.39 -31.54 -55.43
N ARG A 509 15.89 -32.53 -54.70
CA ARG A 509 17.02 -32.36 -53.80
C ARG A 509 18.29 -32.77 -54.52
N ARG A 510 19.17 -31.81 -54.77
CA ARG A 510 20.30 -32.01 -55.66
C ARG A 510 21.42 -32.83 -55.01
N ALA A 511 21.56 -32.73 -53.69
CA ALA A 511 22.63 -33.42 -52.98
C ALA A 511 22.08 -34.61 -52.21
N LEU A 512 22.89 -35.66 -52.13
CA LEU A 512 22.53 -36.88 -51.43
C LEU A 512 23.77 -37.38 -50.69
N PHE A 513 23.55 -38.17 -49.65
CA PHE A 513 24.66 -38.74 -48.91
C PHE A 513 25.22 -39.96 -49.65
N LEU A 514 26.53 -40.15 -49.52
CA LEU A 514 27.19 -41.22 -50.27
C LEU A 514 26.57 -42.56 -49.94
N TYR A 515 26.63 -42.97 -48.67
CA TYR A 515 26.13 -44.28 -48.28
C TYR A 515 24.62 -44.38 -48.50
N SER A 516 23.85 -43.50 -47.86
CA SER A 516 22.40 -43.66 -47.84
C SER A 516 21.75 -43.50 -49.20
N ARG A 517 22.37 -42.77 -50.12
CA ARG A 517 21.73 -42.35 -51.36
C ARG A 517 20.43 -41.58 -51.11
N SER A 518 20.25 -41.09 -49.90
CA SER A 518 19.12 -40.27 -49.52
C SER A 518 19.62 -38.94 -48.97
N PRO A 519 18.80 -37.89 -49.00
CA PRO A 519 19.25 -36.58 -48.50
C PRO A 519 19.19 -36.41 -47.00
N SER A 520 18.86 -37.46 -46.25
CA SER A 520 18.71 -37.38 -44.80
C SER A 520 19.59 -38.43 -44.13
N HIS A 521 20.33 -38.01 -43.10
CA HIS A 521 21.14 -38.90 -42.30
C HIS A 521 20.91 -38.58 -40.83
N SER A 522 20.68 -39.61 -40.02
CA SER A 522 20.44 -39.44 -38.59
C SER A 522 21.48 -40.23 -37.82
N LYS A 523 22.03 -39.62 -36.77
CA LYS A 523 23.10 -40.21 -35.97
C LYS A 523 22.85 -39.93 -34.50
N ASN A 524 22.83 -40.98 -33.69
CA ASN A 524 22.77 -40.83 -32.24
C ASN A 524 24.18 -40.60 -31.71
N MET A 525 24.29 -39.72 -30.71
CA MET A 525 25.57 -39.34 -30.15
C MET A 525 25.53 -39.38 -28.63
N THR A 526 26.72 -39.49 -28.03
CA THR A 526 26.88 -39.47 -26.58
C THR A 526 27.94 -38.44 -26.22
N ILE A 527 27.57 -37.45 -25.41
CA ILE A 527 28.45 -36.36 -25.02
C ILE A 527 28.41 -36.19 -23.51
N SER A 528 29.55 -35.80 -22.94
CA SER A 528 29.69 -35.60 -21.50
C SER A 528 29.99 -34.13 -21.20
N ARG A 529 29.52 -33.68 -20.04
CA ARG A 529 29.66 -32.27 -19.66
C ARG A 529 31.13 -31.86 -19.65
N GLY A 530 31.37 -30.57 -19.88
CA GLY A 530 32.71 -30.01 -19.86
C GLY A 530 33.63 -30.54 -20.93
N GLY A 531 33.19 -31.56 -21.66
CA GLY A 531 34.04 -32.26 -22.59
C GLY A 531 34.42 -31.40 -23.79
N LEU A 532 35.12 -32.05 -24.71
CA LEU A 532 35.62 -31.43 -25.93
C LEU A 532 34.64 -31.67 -27.07
N MET A 533 34.77 -30.85 -28.12
CA MET A 533 33.96 -31.04 -29.32
C MET A 533 34.08 -32.48 -29.81
N GLN A 534 32.93 -33.12 -30.01
CA GLN A 534 32.86 -34.49 -30.50
C GLN A 534 32.28 -34.45 -31.92
N CYS A 535 33.11 -34.75 -32.91
CA CYS A 535 32.77 -34.54 -34.30
C CYS A 535 32.61 -35.87 -35.05
N GLU A 536 32.07 -35.76 -36.27
CA GLU A 536 31.88 -36.90 -37.14
C GLU A 536 31.80 -36.42 -38.58
N GLU A 537 32.54 -37.07 -39.47
CA GLU A 537 32.53 -36.75 -40.90
C GLU A 537 31.75 -37.80 -41.67
N LEU A 538 31.06 -37.36 -42.73
CA LEU A 538 30.53 -38.25 -43.74
C LEU A 538 30.61 -37.53 -45.08
N ILE A 539 30.22 -38.22 -46.15
CA ILE A 539 30.47 -37.78 -47.51
C ILE A 539 29.16 -37.69 -48.27
N ALA A 540 29.05 -36.67 -49.14
CA ALA A 540 27.86 -36.42 -49.93
C ALA A 540 28.27 -36.11 -51.36
N TYR A 541 27.29 -36.09 -52.27
CA TYR A 541 27.57 -35.88 -53.68
C TYR A 541 26.39 -35.20 -54.36
N LEU A 542 26.57 -34.90 -55.64
CA LEU A 542 25.55 -34.26 -56.46
C LEU A 542 25.00 -35.24 -57.49
N ARG A 543 23.70 -35.13 -57.76
CA ARG A 543 23.10 -35.87 -58.85
C ARG A 543 23.75 -35.47 -60.18
N ASP A 544 23.51 -36.27 -61.21
CA ASP A 544 23.95 -35.90 -62.55
C ASP A 544 23.21 -34.65 -63.00
N GLU A 545 23.93 -33.78 -63.72
CA GLU A 545 23.33 -32.55 -64.24
C GLU A 545 22.01 -32.82 -64.96
N SER A 546 21.80 -34.04 -65.46
CA SER A 546 20.61 -34.36 -66.21
C SER A 546 19.34 -34.20 -65.38
N GLU A 547 19.43 -34.36 -64.07
CA GLU A 547 18.25 -34.51 -63.23
C GLU A 547 17.80 -33.22 -62.54
N PHE A 548 18.58 -32.14 -62.65
CA PHE A 548 18.15 -30.85 -62.10
C PHE A 548 18.70 -29.73 -62.97
N ARG A 549 17.82 -28.84 -63.42
CA ARG A 549 18.21 -27.64 -64.15
C ARG A 549 18.25 -26.41 -63.25
N ASP A 550 18.39 -26.60 -61.94
CA ASP A 550 18.56 -25.50 -60.98
C ASP A 550 19.98 -25.61 -60.42
N LYS A 551 20.90 -24.83 -60.98
CA LYS A 551 22.25 -24.73 -60.48
C LYS A 551 22.50 -23.39 -59.77
N LEU A 552 21.45 -22.60 -59.55
CA LEU A 552 21.58 -21.24 -59.05
C LEU A 552 21.30 -21.15 -57.55
N THR A 553 20.12 -21.60 -57.13
CA THR A 553 19.81 -21.54 -55.71
C THR A 553 20.85 -22.35 -54.93
N PRO A 554 21.33 -21.85 -53.80
CA PRO A 554 22.37 -22.58 -53.07
C PRO A 554 21.85 -23.86 -52.44
N ILE A 555 22.76 -24.82 -52.26
CA ILE A 555 22.47 -26.06 -51.56
C ILE A 555 22.75 -25.84 -50.08
N THR A 556 21.72 -25.94 -49.26
CA THR A 556 21.84 -25.72 -47.81
C THR A 556 21.95 -27.05 -47.09
N ILE A 557 22.97 -27.17 -46.25
CA ILE A 557 23.17 -28.33 -45.38
C ILE A 557 22.61 -27.97 -44.01
N PHE A 558 21.60 -28.69 -43.57
CA PHE A 558 20.88 -28.39 -42.34
C PHE A 558 21.18 -29.45 -41.29
N MET A 559 21.35 -29.01 -40.05
CA MET A 559 21.67 -29.90 -38.94
C MET A 559 20.78 -29.57 -37.75
N GLU A 560 20.13 -30.60 -37.21
CA GLU A 560 19.33 -30.50 -36.00
C GLU A 560 19.94 -31.38 -34.91
N TYR A 561 19.74 -30.98 -33.66
CA TYR A 561 20.17 -31.80 -32.53
C TYR A 561 19.13 -31.70 -31.41
N ARG A 562 18.58 -32.84 -31.02
CA ARG A 562 17.67 -32.96 -29.89
C ARG A 562 18.32 -33.82 -28.82
N LEU A 563 17.69 -33.85 -27.65
CA LEU A 563 18.20 -34.59 -26.50
C LEU A 563 17.08 -35.41 -25.90
N ASP A 564 17.41 -36.62 -25.45
CA ASP A 564 16.46 -37.47 -24.74
C ASP A 564 16.48 -37.08 -23.27
N TYR A 565 15.43 -36.41 -22.80
CA TYR A 565 15.44 -35.86 -21.47
C TYR A 565 15.30 -36.93 -20.40
N ARG A 566 14.57 -38.02 -20.68
CA ARG A 566 14.30 -39.02 -19.66
C ARG A 566 15.58 -39.69 -19.19
N THR A 567 16.54 -39.90 -20.09
CA THR A 567 17.74 -40.65 -19.73
C THR A 567 18.68 -39.87 -18.81
N ALA A 568 18.56 -38.54 -18.76
CA ALA A 568 19.46 -37.70 -17.99
C ALA A 568 18.92 -37.37 -16.60
N ALA A 569 17.82 -38.00 -16.17
CA ALA A 569 17.18 -37.64 -14.92
C ALA A 569 18.12 -37.84 -13.74
N ASP A 570 17.74 -37.26 -12.60
CA ASP A 570 18.52 -37.32 -11.38
C ASP A 570 17.63 -37.78 -10.22
N THR A 571 18.25 -37.91 -9.04
CA THR A 571 17.52 -38.37 -7.86
C THR A 571 16.22 -37.61 -7.65
N THR A 572 16.20 -36.32 -8.00
CA THR A 572 14.99 -35.52 -7.84
C THR A 572 13.85 -36.05 -8.70
N GLY A 573 14.16 -36.73 -9.79
CA GLY A 573 13.18 -36.99 -10.83
C GLY A 573 13.13 -35.91 -11.88
N LEU A 574 14.16 -35.06 -11.94
CA LEU A 574 14.11 -33.80 -12.66
C LEU A 574 15.03 -33.89 -13.87
N GLN A 575 14.44 -34.01 -15.06
CA GLN A 575 15.21 -34.06 -16.27
C GLN A 575 15.77 -32.68 -16.60
N PRO A 576 16.97 -32.59 -17.16
CA PRO A 576 17.45 -31.29 -17.65
C PRO A 576 16.73 -30.94 -18.94
N ILE A 577 17.00 -29.73 -19.42
CA ILE A 577 16.38 -29.23 -20.64
C ILE A 577 17.42 -28.42 -21.39
N LEU A 578 17.27 -28.36 -22.71
CA LEU A 578 18.21 -27.61 -23.54
C LEU A 578 17.94 -26.11 -23.39
N ASN A 579 19.03 -25.34 -23.33
CA ASN A 579 18.92 -23.90 -23.25
C ASN A 579 18.15 -23.37 -24.45
N GLN A 580 16.94 -22.86 -24.22
CA GLN A 580 16.08 -22.44 -25.31
C GLN A 580 16.60 -21.23 -26.06
N PHE A 581 17.61 -20.54 -25.55
CA PHE A 581 18.09 -19.31 -26.17
C PHE A 581 19.27 -19.54 -27.11
N THR A 582 19.90 -20.73 -27.08
CA THR A 582 20.76 -21.10 -28.21
C THR A 582 19.95 -21.95 -29.20
N PRO A 583 19.91 -21.59 -30.47
CA PRO A 583 19.07 -22.35 -31.41
C PRO A 583 19.59 -23.76 -31.62
N ALA A 584 18.65 -24.72 -31.65
CA ALA A 584 18.99 -26.13 -31.77
C ALA A 584 19.11 -26.59 -33.22
N ASN A 585 19.34 -25.65 -34.14
CA ASN A 585 19.63 -25.98 -35.53
C ASN A 585 20.75 -25.06 -36.01
N ILE A 586 21.57 -25.57 -36.92
CA ILE A 586 22.55 -24.76 -37.64
C ILE A 586 22.53 -25.17 -39.10
N SER A 587 22.96 -24.25 -39.95
CA SER A 587 22.92 -24.51 -41.39
C SER A 587 24.06 -23.77 -42.08
N ARG A 588 24.66 -24.45 -43.05
CA ARG A 588 25.65 -23.91 -43.96
C ARG A 588 25.14 -24.18 -45.37
N GLN A 589 25.77 -23.57 -46.37
CA GLN A 589 25.34 -23.82 -47.73
C GLN A 589 26.53 -23.93 -48.67
N ALA A 590 26.43 -24.87 -49.60
CA ALA A 590 27.35 -25.03 -50.71
C ALA A 590 26.78 -24.37 -51.95
N HIS A 591 27.63 -24.20 -52.96
CA HIS A 591 27.22 -23.55 -54.20
C HIS A 591 27.75 -24.34 -55.39
N ILE A 592 26.94 -24.40 -56.44
CA ILE A 592 27.34 -25.03 -57.69
C ILE A 592 28.15 -24.03 -58.50
N LEU A 593 29.34 -24.46 -58.93
CA LEU A 593 30.19 -23.65 -59.81
C LEU A 593 29.52 -23.46 -61.17
N LEU A 594 29.77 -22.31 -61.78
CA LEU A 594 29.20 -21.96 -63.07
C LEU A 594 30.29 -21.66 -64.08
N ASP A 595 29.98 -21.93 -65.35
CA ASP A 595 30.92 -21.71 -66.45
C ASP A 595 30.21 -21.14 -67.68
N GLY B 1 5.88 -7.47 -59.83
CA GLY B 1 5.44 -7.02 -58.52
C GLY B 1 4.93 -8.15 -57.65
N CYS B 2 4.11 -9.03 -58.24
CA CYS B 2 3.56 -10.18 -57.53
C CYS B 2 4.30 -11.47 -57.83
N ALA B 3 5.47 -11.39 -58.49
CA ALA B 3 6.24 -12.58 -58.83
C ALA B 3 7.29 -12.90 -57.77
N LEU B 4 7.12 -12.38 -56.56
CA LEU B 4 8.16 -12.44 -55.54
C LEU B 4 8.11 -13.79 -54.82
N GLY B 5 8.88 -13.89 -53.72
CA GLY B 5 9.01 -15.12 -52.96
C GLY B 5 7.74 -15.92 -52.83
N GLY B 6 7.86 -17.24 -52.82
CA GLY B 6 6.69 -18.10 -52.83
C GLY B 6 6.13 -18.15 -54.23
N ALA B 7 4.81 -17.95 -54.35
CA ALA B 7 4.16 -17.81 -55.64
C ALA B 7 4.41 -19.02 -56.53
N GLU B 8 3.96 -20.19 -56.05
CA GLU B 8 4.00 -21.41 -56.85
C GLU B 8 2.70 -22.20 -56.74
N THR B 9 1.66 -21.62 -56.12
CA THR B 9 0.34 -22.23 -56.05
C THR B 9 -0.69 -21.12 -56.13
N CYS B 10 -1.86 -21.42 -56.72
CA CYS B 10 -2.88 -20.40 -56.88
C CYS B 10 -3.27 -19.81 -55.54
N GLU B 11 -3.52 -20.66 -54.54
CA GLU B 11 -3.85 -20.16 -53.21
C GLU B 11 -2.69 -19.36 -52.64
N ASP B 12 -1.45 -19.79 -52.87
CA ASP B 12 -0.30 -19.04 -52.40
C ASP B 12 -0.18 -17.71 -53.12
N CYS B 13 -0.55 -17.67 -54.40
CA CYS B 13 -0.42 -16.45 -55.18
C CYS B 13 -1.35 -15.36 -54.64
N LEU B 14 -2.62 -15.72 -54.38
CA LEU B 14 -3.58 -14.73 -53.90
C LEU B 14 -3.14 -14.11 -52.58
N LEU B 15 -2.46 -14.87 -51.73
CA LEU B 15 -2.18 -14.43 -50.37
C LEU B 15 -1.25 -13.22 -50.35
N ILE B 16 -0.25 -13.20 -51.22
CA ILE B 16 0.78 -12.17 -51.12
C ILE B 16 0.19 -10.79 -51.40
N GLY B 17 -0.69 -10.68 -52.40
CA GLY B 17 -1.17 -9.38 -52.82
C GLY B 17 -2.62 -9.34 -53.27
N PRO B 18 -3.32 -8.26 -52.93
CA PRO B 18 -4.70 -8.10 -53.41
C PRO B 18 -4.84 -8.05 -54.93
N GLN B 19 -3.86 -7.51 -55.65
CA GLN B 19 -3.99 -7.29 -57.09
C GLN B 19 -3.18 -8.31 -57.91
N CYS B 20 -3.05 -9.52 -57.40
CA CYS B 20 -2.30 -10.57 -58.08
C CYS B 20 -3.28 -11.59 -58.65
N ALA B 21 -2.95 -12.12 -59.83
CA ALA B 21 -3.77 -13.13 -60.49
C ALA B 21 -2.90 -14.35 -60.76
N TRP B 22 -3.53 -15.36 -61.35
CA TRP B 22 -2.88 -16.64 -61.58
C TRP B 22 -3.33 -17.18 -62.93
N CYS B 23 -2.36 -17.56 -63.77
CA CYS B 23 -2.66 -18.10 -65.09
C CYS B 23 -2.86 -19.60 -65.02
N ALA B 24 -3.45 -20.15 -66.08
CA ALA B 24 -3.63 -21.59 -66.21
C ALA B 24 -3.17 -22.07 -67.57
N GLN B 25 -2.26 -23.06 -67.56
CA GLN B 25 -1.70 -23.73 -68.74
C GLN B 25 -0.97 -22.80 -69.69
N GLU B 26 -0.52 -23.32 -70.84
CA GLU B 26 0.23 -22.54 -71.81
C GLU B 26 0.00 -23.08 -73.21
N ASN B 27 0.05 -22.16 -74.17
CA ASN B 27 -0.27 -22.45 -75.57
C ASN B 27 0.86 -21.96 -76.48
N GLY B 35 5.65 -22.23 -62.50
CA GLY B 35 6.79 -21.35 -62.34
C GLY B 35 6.42 -20.00 -61.74
N GLU B 36 6.18 -19.01 -62.60
CA GLU B 36 5.84 -17.66 -62.16
C GLU B 36 4.57 -17.20 -62.88
N ARG B 37 3.48 -17.91 -62.63
CA ARG B 37 2.18 -17.57 -63.18
C ARG B 37 1.45 -16.55 -62.32
N CYS B 38 2.09 -16.07 -61.25
CA CYS B 38 1.50 -15.10 -60.34
C CYS B 38 1.95 -13.71 -60.76
N ASP B 39 1.04 -12.93 -61.34
CA ASP B 39 1.37 -11.57 -61.76
C ASP B 39 0.07 -10.81 -62.01
N THR B 40 0.22 -9.55 -62.41
CA THR B 40 -0.91 -8.69 -62.67
C THR B 40 -1.79 -9.28 -63.76
N PRO B 41 -3.12 -9.17 -63.66
CA PRO B 41 -3.97 -9.70 -64.74
C PRO B 41 -3.64 -9.17 -66.12
N ALA B 42 -3.23 -7.90 -66.23
CA ALA B 42 -2.83 -7.36 -67.53
C ALA B 42 -1.57 -8.07 -68.03
N ASN B 43 -0.60 -8.29 -67.14
CA ASN B 43 0.63 -8.97 -67.55
C ASN B 43 0.36 -10.40 -67.99
N LEU B 44 -0.60 -11.07 -67.34
CA LEU B 44 -0.91 -12.44 -67.74
C LEU B 44 -1.54 -12.48 -69.12
N LEU B 45 -2.40 -11.52 -69.44
CA LEU B 45 -2.95 -11.43 -70.79
C LEU B 45 -1.85 -11.11 -71.80
N ALA B 46 -0.89 -10.27 -71.41
CA ALA B 46 0.22 -9.97 -72.30
C ALA B 46 1.08 -11.19 -72.58
N LYS B 47 1.23 -12.08 -71.60
CA LYS B 47 2.01 -13.30 -71.78
C LYS B 47 1.27 -14.34 -72.60
N GLY B 48 -0.05 -14.24 -72.72
CA GLY B 48 -0.80 -15.13 -73.58
C GLY B 48 -2.01 -15.76 -72.92
N CYS B 49 -2.07 -15.66 -71.58
CA CYS B 49 -3.18 -16.25 -70.85
C CYS B 49 -4.51 -15.73 -71.37
N GLN B 50 -5.44 -16.64 -71.65
CA GLN B 50 -6.77 -16.27 -72.10
C GLN B 50 -7.61 -15.74 -70.94
N LEU B 51 -8.66 -15.00 -71.29
CA LEU B 51 -9.54 -14.41 -70.27
C LEU B 51 -10.31 -15.47 -69.49
N ASN B 52 -10.61 -16.60 -70.12
CA ASN B 52 -11.31 -17.66 -69.41
C ASN B 52 -10.37 -18.38 -68.44
N PHE B 53 -9.09 -18.47 -68.80
CA PHE B 53 -8.11 -19.19 -67.98
C PHE B 53 -7.62 -18.36 -66.80
N ILE B 54 -7.58 -17.04 -66.95
CA ILE B 54 -7.09 -16.19 -65.86
C ILE B 54 -7.95 -16.41 -64.62
N GLU B 55 -7.29 -16.47 -63.46
CA GLU B 55 -7.94 -16.73 -62.19
C GLU B 55 -7.63 -15.59 -61.24
N ASN B 56 -8.67 -14.95 -60.71
CA ASN B 56 -8.49 -13.74 -59.92
C ASN B 56 -9.76 -13.37 -59.16
N PRO B 57 -9.97 -13.92 -57.97
CA PRO B 57 -11.11 -13.48 -57.16
C PRO B 57 -10.89 -12.06 -56.66
N VAL B 58 -11.99 -11.31 -56.56
CA VAL B 58 -11.94 -9.91 -56.16
C VAL B 58 -12.96 -9.66 -55.06
N SER B 59 -12.62 -8.77 -54.13
CA SER B 59 -13.55 -8.41 -53.06
C SER B 59 -14.80 -7.77 -53.65
N GLN B 60 -15.96 -8.18 -53.13
CA GLN B 60 -17.24 -7.70 -53.62
C GLN B 60 -18.21 -7.58 -52.44
N VAL B 61 -19.21 -6.72 -52.62
CA VAL B 61 -20.22 -6.47 -51.61
C VAL B 61 -21.59 -6.85 -52.18
N GLU B 62 -22.36 -7.59 -51.39
CA GLU B 62 -23.72 -7.97 -51.75
C GLU B 62 -24.69 -7.31 -50.78
N ILE B 63 -25.69 -6.62 -51.31
CA ILE B 63 -26.68 -5.90 -50.52
C ILE B 63 -27.89 -6.81 -50.35
N LEU B 64 -28.17 -7.22 -49.12
CA LEU B 64 -29.31 -8.08 -48.83
C LEU B 64 -30.54 -7.28 -48.40
N LYS B 65 -30.35 -6.28 -47.55
CA LYS B 65 -31.45 -5.45 -47.07
C LYS B 65 -31.00 -3.99 -47.13
N ASN B 66 -31.76 -3.16 -47.84
CA ASN B 66 -31.46 -1.74 -47.97
C ASN B 66 -32.78 -0.94 -48.03
N LYS B 67 -33.60 -1.10 -47.01
CA LYS B 67 -34.82 -0.31 -46.92
C LYS B 67 -34.48 1.17 -46.79
N PRO B 68 -35.18 2.06 -47.50
CA PRO B 68 -34.82 3.48 -47.43
C PRO B 68 -34.99 4.03 -46.03
N LEU B 69 -34.22 5.09 -45.73
CA LEU B 69 -34.36 5.79 -44.46
C LEU B 69 -35.74 6.43 -44.37
N SER B 70 -36.41 6.23 -43.24
CA SER B 70 -37.75 6.79 -43.07
C SER B 70 -37.67 8.30 -42.89
N VAL B 71 -38.61 8.99 -43.54
CA VAL B 71 -38.63 10.46 -43.55
C VAL B 71 -39.88 10.90 -42.81
N GLY B 72 -39.71 11.85 -41.89
CA GLY B 72 -40.81 12.41 -41.13
C GLY B 72 -41.25 11.52 -39.98
N ARG B 73 -42.00 12.13 -39.07
CA ARG B 73 -42.55 11.40 -37.94
C ARG B 73 -43.33 10.18 -38.43
N GLN B 74 -43.10 9.05 -37.76
CA GLN B 74 -43.75 7.79 -38.10
C GLN B 74 -44.77 7.44 -37.03
N LYS B 75 -46.01 7.17 -37.46
CA LYS B 75 -47.06 6.76 -36.54
C LYS B 75 -46.92 5.31 -36.09
N ASN B 76 -46.10 4.52 -36.78
CA ASN B 76 -45.92 3.10 -36.48
C ASN B 76 -44.45 2.84 -36.20
N SER B 77 -44.15 2.29 -35.02
CA SER B 77 -42.76 2.07 -34.61
C SER B 77 -42.02 1.15 -35.56
N SER B 78 -42.73 0.40 -36.40
CA SER B 78 -42.10 -0.57 -37.28
C SER B 78 -41.62 0.03 -38.60
N ASP B 79 -42.13 1.20 -38.98
CA ASP B 79 -41.71 1.87 -40.20
C ASP B 79 -40.57 2.86 -39.95
N ILE B 80 -40.01 2.88 -38.75
CA ILE B 80 -38.86 3.72 -38.46
C ILE B 80 -37.61 3.04 -39.00
N VAL B 81 -36.82 3.78 -39.78
CA VAL B 81 -35.56 3.29 -40.33
C VAL B 81 -34.53 4.39 -40.15
N GLN B 82 -33.55 4.16 -39.27
CA GLN B 82 -32.53 5.15 -38.96
C GLN B 82 -31.15 4.78 -39.47
N ILE B 83 -30.94 3.55 -39.93
CA ILE B 83 -29.70 3.14 -40.56
C ILE B 83 -30.02 2.37 -41.83
N ALA B 84 -29.30 2.68 -42.91
CA ALA B 84 -29.47 2.03 -44.19
C ALA B 84 -28.08 1.95 -44.83
N PRO B 85 -27.68 0.80 -45.37
CA PRO B 85 -28.40 -0.49 -45.49
C PRO B 85 -28.53 -1.21 -44.15
N GLN B 86 -29.36 -2.25 -44.10
CA GLN B 86 -29.57 -3.00 -42.87
C GLN B 86 -28.80 -4.31 -42.82
N SER B 87 -28.44 -4.88 -43.97
CA SER B 87 -27.68 -6.12 -43.98
C SER B 87 -26.84 -6.18 -45.25
N LEU B 88 -25.60 -6.64 -45.10
CA LEU B 88 -24.67 -6.75 -46.20
C LEU B 88 -23.83 -8.01 -46.03
N ILE B 89 -23.39 -8.57 -47.15
CA ILE B 89 -22.36 -9.60 -47.16
C ILE B 89 -21.14 -8.98 -47.84
N LEU B 90 -20.02 -8.98 -47.14
CA LEU B 90 -18.78 -8.41 -47.65
C LEU B 90 -17.79 -9.56 -47.86
N LYS B 91 -17.60 -9.94 -49.12
CA LYS B 91 -16.65 -10.97 -49.49
C LYS B 91 -15.30 -10.31 -49.72
N LEU B 92 -14.36 -10.52 -48.79
CA LEU B 92 -13.07 -9.85 -48.82
C LEU B 92 -12.01 -10.83 -49.29
N ARG B 93 -11.33 -10.48 -50.37
CA ARG B 93 -10.15 -11.22 -50.76
C ARG B 93 -9.06 -11.03 -49.72
N PRO B 94 -8.36 -12.10 -49.32
CA PRO B 94 -7.28 -11.94 -48.32
C PRO B 94 -6.36 -10.78 -48.66
N GLY B 95 -6.26 -9.81 -47.76
CA GLY B 95 -5.51 -8.60 -48.03
C GLY B 95 -6.29 -7.51 -48.71
N GLY B 96 -7.50 -7.81 -49.21
CA GLY B 96 -8.25 -6.82 -49.95
C GLY B 96 -9.03 -5.87 -49.05
N ALA B 97 -9.34 -4.71 -49.60
CA ALA B 97 -10.03 -3.66 -48.85
C ALA B 97 -11.23 -3.16 -49.63
N GLN B 98 -12.34 -2.99 -48.93
CA GLN B 98 -13.58 -2.49 -49.50
C GLN B 98 -14.14 -1.39 -48.61
N THR B 99 -14.81 -0.42 -49.22
CA THR B 99 -15.41 0.69 -48.50
C THR B 99 -16.93 0.60 -48.60
N LEU B 100 -17.58 0.54 -47.45
CA LEU B 100 -19.04 0.54 -47.36
C LEU B 100 -19.54 1.95 -47.08
N GLN B 101 -20.63 2.31 -47.74
CA GLN B 101 -21.35 3.55 -47.43
C GLN B 101 -22.48 3.23 -46.46
N VAL B 102 -22.51 3.95 -45.33
CA VAL B 102 -23.52 3.76 -44.30
C VAL B 102 -24.19 5.10 -44.06
N HIS B 103 -25.52 5.09 -44.04
CA HIS B 103 -26.32 6.30 -43.93
C HIS B 103 -27.18 6.22 -42.67
N VAL B 104 -27.14 7.29 -41.87
CA VAL B 104 -27.86 7.35 -40.61
C VAL B 104 -28.68 8.63 -40.58
N ARG B 105 -29.90 8.51 -40.06
CA ARG B 105 -30.82 9.64 -39.94
C ARG B 105 -31.71 9.37 -38.74
N GLN B 106 -31.74 10.31 -37.79
CA GLN B 106 -32.56 10.14 -36.60
C GLN B 106 -33.99 10.51 -36.92
N THR B 107 -34.92 9.62 -36.56
CA THR B 107 -36.34 9.87 -36.76
C THR B 107 -36.81 10.96 -35.78
N GLU B 108 -37.90 11.62 -36.14
CA GLU B 108 -38.30 12.81 -35.41
C GLU B 108 -38.99 12.48 -34.08
N ASP B 109 -39.61 11.31 -33.97
CA ASP B 109 -40.23 10.88 -32.71
C ASP B 109 -39.67 9.51 -32.36
N TYR B 110 -38.82 9.47 -31.34
CA TYR B 110 -38.19 8.23 -30.91
C TYR B 110 -38.32 8.12 -29.39
N PRO B 111 -38.71 6.97 -28.87
CA PRO B 111 -38.93 6.86 -27.42
C PRO B 111 -37.63 7.02 -26.64
N VAL B 112 -37.78 7.44 -25.38
CA VAL B 112 -36.66 7.75 -24.51
C VAL B 112 -36.93 7.10 -23.16
N ASP B 113 -36.00 6.25 -22.72
CA ASP B 113 -35.96 5.76 -21.35
C ASP B 113 -34.88 6.53 -20.60
N LEU B 114 -35.20 7.02 -19.40
CA LEU B 114 -34.23 7.69 -18.55
C LEU B 114 -34.28 7.06 -17.17
N TYR B 115 -33.18 6.46 -16.74
CA TYR B 115 -33.06 5.90 -15.40
C TYR B 115 -32.22 6.86 -14.55
N TYR B 116 -32.85 7.46 -13.56
CA TYR B 116 -32.22 8.42 -12.67
C TYR B 116 -31.55 7.66 -11.54
N LEU B 117 -30.22 7.66 -11.52
CA LEU B 117 -29.43 6.89 -10.56
C LEU B 117 -28.67 7.87 -9.67
N MET B 118 -29.03 7.92 -8.39
CA MET B 118 -28.64 9.02 -7.52
C MET B 118 -27.84 8.54 -6.33
N ASP B 119 -26.71 9.20 -6.10
CA ASP B 119 -25.99 9.14 -4.84
C ASP B 119 -26.91 9.59 -3.70
N LEU B 120 -27.13 8.72 -2.71
CA LEU B 120 -27.95 9.06 -1.56
C LEU B 120 -27.14 9.09 -0.26
N SER B 121 -25.84 9.41 -0.34
CA SER B 121 -25.07 9.62 0.88
C SER B 121 -25.46 10.96 1.50
N ALA B 122 -24.85 11.28 2.64
CA ALA B 122 -25.38 12.31 3.51
C ALA B 122 -25.28 13.72 2.92
N SER B 123 -24.40 13.94 1.95
CA SER B 123 -24.28 15.25 1.32
C SER B 123 -25.33 15.49 0.25
N MET B 124 -26.21 14.53 -0.01
CA MET B 124 -27.24 14.64 -1.03
C MET B 124 -28.61 14.87 -0.44
N ASP B 125 -28.68 15.24 0.85
CA ASP B 125 -29.95 15.54 1.49
C ASP B 125 -30.62 16.76 0.86
N ASP B 126 -29.86 17.86 0.75
CA ASP B 126 -30.38 19.03 0.05
C ASP B 126 -30.82 18.69 -1.36
N ASP B 127 -30.05 17.85 -2.06
CA ASP B 127 -30.39 17.50 -3.44
C ASP B 127 -31.78 16.87 -3.52
N LEU B 128 -32.12 16.01 -2.55
CA LEU B 128 -33.45 15.39 -2.56
C LEU B 128 -34.55 16.44 -2.46
N ASN B 129 -34.33 17.48 -1.64
CA ASN B 129 -35.37 18.48 -1.44
C ASN B 129 -35.70 19.23 -2.72
N THR B 130 -34.71 19.46 -3.58
CA THR B 130 -34.93 20.30 -4.75
C THR B 130 -35.45 19.54 -5.96
N ILE B 131 -35.45 18.21 -5.94
CA ILE B 131 -35.96 17.41 -7.06
C ILE B 131 -37.32 16.79 -6.73
N LYS B 132 -38.04 17.33 -5.74
CA LYS B 132 -39.32 16.75 -5.35
C LYS B 132 -40.30 16.69 -6.52
N GLU B 133 -40.16 17.58 -7.50
CA GLU B 133 -41.04 17.63 -8.66
C GLU B 133 -40.24 17.52 -9.95
N LEU B 134 -39.06 16.90 -9.88
CA LEU B 134 -38.27 16.66 -11.10
C LEU B 134 -39.02 15.76 -12.07
N GLY B 135 -39.64 14.70 -11.56
CA GLY B 135 -40.38 13.80 -12.44
C GLY B 135 -41.36 14.52 -13.34
N SER B 136 -42.24 15.34 -12.75
CA SER B 136 -43.24 16.02 -13.55
C SER B 136 -42.61 17.14 -14.40
N ARG B 137 -41.73 17.94 -13.81
CA ARG B 137 -41.05 18.97 -14.59
C ARG B 137 -40.32 18.35 -15.78
N LEU B 138 -39.70 17.19 -15.58
CA LEU B 138 -38.85 16.61 -16.62
C LEU B 138 -39.69 16.01 -17.74
N SER B 139 -40.71 15.22 -17.39
CA SER B 139 -41.51 14.60 -18.44
C SER B 139 -42.40 15.59 -19.17
N LYS B 140 -42.71 16.73 -18.54
CA LYS B 140 -43.38 17.81 -19.27
C LYS B 140 -42.48 18.37 -20.36
N GLU B 141 -41.21 18.61 -20.04
CA GLU B 141 -40.26 19.10 -21.04
C GLU B 141 -39.98 18.04 -22.10
N MET B 142 -39.77 16.79 -21.68
CA MET B 142 -39.48 15.73 -22.64
C MET B 142 -40.67 15.43 -23.53
N SER B 143 -41.89 15.81 -23.14
CA SER B 143 -43.05 15.58 -23.98
C SER B 143 -43.06 16.50 -25.21
N LYS B 144 -42.35 17.62 -25.15
CA LYS B 144 -42.20 18.47 -26.33
C LYS B 144 -41.30 17.82 -27.37
N LEU B 145 -40.48 16.85 -26.97
CA LEU B 145 -39.45 16.27 -27.82
C LEU B 145 -39.74 14.84 -28.24
N THR B 146 -40.41 14.06 -27.39
CA THR B 146 -40.77 12.69 -27.69
C THR B 146 -42.15 12.41 -27.11
N SER B 147 -42.91 11.56 -27.80
CA SER B 147 -44.23 11.16 -27.32
C SER B 147 -44.19 9.93 -26.43
N ASN B 148 -43.00 9.34 -26.21
CA ASN B 148 -42.86 8.12 -25.42
C ASN B 148 -41.67 8.28 -24.46
N PHE B 149 -41.87 9.06 -23.41
CA PHE B 149 -40.87 9.23 -22.37
C PHE B 149 -41.25 8.41 -21.14
N ARG B 150 -40.32 7.59 -20.68
CA ARG B 150 -40.46 6.84 -19.45
C ARG B 150 -39.26 7.10 -18.56
N LEU B 151 -39.48 7.12 -17.25
CA LEU B 151 -38.39 7.39 -16.32
C LEU B 151 -38.46 6.45 -15.13
N GLY B 152 -37.28 6.15 -14.58
CA GLY B 152 -37.17 5.30 -13.42
C GLY B 152 -36.22 5.93 -12.41
N PHE B 153 -36.12 5.29 -11.25
CA PHE B 153 -35.30 5.81 -10.17
C PHE B 153 -34.56 4.69 -9.47
N GLY B 154 -33.35 5.00 -9.04
CA GLY B 154 -32.53 4.09 -8.26
C GLY B 154 -31.55 4.91 -7.45
N SER B 155 -31.00 4.28 -6.41
CA SER B 155 -30.16 4.98 -5.47
C SER B 155 -29.00 4.10 -5.05
N PHE B 156 -27.90 4.74 -4.67
CA PHE B 156 -26.71 4.01 -4.26
C PHE B 156 -25.96 4.79 -3.20
N VAL B 157 -25.21 4.06 -2.36
CA VAL B 157 -24.29 4.66 -1.41
C VAL B 157 -22.94 3.94 -1.50
N GLU B 158 -22.85 2.75 -0.90
CA GLU B 158 -21.56 2.12 -0.68
C GLU B 158 -21.76 0.67 -0.30
N LYS B 159 -20.75 -0.15 -0.59
CA LYS B 159 -20.69 -1.50 -0.04
C LYS B 159 -20.78 -1.42 1.47
N PRO B 160 -21.81 -1.99 2.11
CA PRO B 160 -21.99 -1.83 3.56
C PRO B 160 -21.10 -2.75 4.39
N VAL B 161 -19.78 -2.67 4.17
CA VAL B 161 -18.83 -3.48 4.91
C VAL B 161 -17.65 -2.62 5.35
N SER B 162 -17.00 -3.08 6.41
CA SER B 162 -15.75 -2.47 6.84
C SER B 162 -14.74 -2.55 5.69
N PRO B 163 -13.89 -1.54 5.50
CA PRO B 163 -13.69 -0.31 6.27
C PRO B 163 -14.48 0.89 5.76
N PHE B 164 -15.42 0.67 4.84
CA PHE B 164 -16.14 1.77 4.24
C PHE B 164 -17.29 2.28 5.11
N VAL B 165 -17.71 1.50 6.10
CA VAL B 165 -18.69 1.94 7.08
C VAL B 165 -18.16 1.61 8.47
N LYS B 166 -18.69 2.33 9.46
CA LYS B 166 -18.51 1.91 10.85
C LYS B 166 -19.33 0.66 11.09
N THR B 167 -18.81 -0.24 11.93
CA THR B 167 -19.44 -1.53 12.15
C THR B 167 -19.80 -1.77 13.61
N THR B 168 -19.95 -0.71 14.41
CA THR B 168 -20.57 -0.86 15.71
C THR B 168 -22.08 -1.06 15.55
N PRO B 169 -22.73 -1.73 16.49
CA PRO B 169 -24.20 -1.87 16.40
C PRO B 169 -24.91 -0.54 16.17
N GLU B 170 -24.55 0.50 16.94
CA GLU B 170 -25.22 1.78 16.79
C GLU B 170 -25.08 2.32 15.38
N GLU B 171 -23.89 2.23 14.80
CA GLU B 171 -23.64 2.81 13.49
C GLU B 171 -24.22 1.97 12.36
N ILE B 172 -24.28 0.65 12.55
CA ILE B 172 -24.95 -0.20 11.54
C ILE B 172 -26.42 0.16 11.47
N ALA B 173 -27.08 0.31 12.62
CA ALA B 173 -28.50 0.63 12.64
C ALA B 173 -28.77 2.02 12.09
N ASN B 174 -27.86 2.96 12.35
CA ASN B 174 -28.03 4.35 11.92
C ASN B 174 -26.65 4.95 11.74
N PRO B 175 -26.14 4.98 10.50
CA PRO B 175 -24.78 5.50 10.29
C PRO B 175 -24.63 6.98 10.56
N CYS B 176 -25.71 7.70 10.89
CA CYS B 176 -25.65 9.08 11.34
C CYS B 176 -25.99 9.22 12.82
N SER B 177 -26.08 8.11 13.55
CA SER B 177 -26.41 8.19 14.97
C SER B 177 -25.49 9.14 15.71
N SER B 178 -24.26 9.33 15.21
CA SER B 178 -23.28 10.15 15.90
C SER B 178 -23.57 11.64 15.80
N ILE B 179 -24.44 12.06 14.89
CA ILE B 179 -24.58 13.49 14.58
C ILE B 179 -25.30 14.22 15.70
N PRO B 180 -26.56 13.88 16.04
CA PRO B 180 -27.43 12.83 15.50
C PRO B 180 -28.32 13.30 14.37
N TYR B 181 -28.73 12.36 13.53
CA TYR B 181 -29.59 12.63 12.38
C TYR B 181 -30.13 11.29 11.91
N PHE B 182 -31.32 11.32 11.32
CA PHE B 182 -31.95 10.08 10.87
C PHE B 182 -31.41 9.72 9.49
N CYS B 183 -30.64 8.63 9.43
CA CYS B 183 -30.18 8.06 8.18
C CYS B 183 -30.58 6.58 8.16
N LEU B 184 -30.82 6.06 6.98
CA LEU B 184 -31.07 4.64 6.84
C LEU B 184 -29.75 3.88 6.78
N PRO B 185 -29.75 2.61 7.15
CA PRO B 185 -28.54 1.81 7.06
C PRO B 185 -27.88 1.93 5.70
N THR B 186 -26.55 1.94 5.68
CA THR B 186 -25.81 1.98 4.43
C THR B 186 -26.24 0.81 3.54
N PHE B 187 -26.34 1.07 2.24
CA PHE B 187 -26.72 0.05 1.28
C PHE B 187 -25.95 0.28 -0.02
N GLY B 188 -25.84 -0.79 -0.80
CA GLY B 188 -25.12 -0.73 -2.06
C GLY B 188 -25.93 -0.09 -3.18
N PHE B 189 -26.95 -0.79 -3.65
CA PHE B 189 -27.80 -0.27 -4.73
C PHE B 189 -29.23 -0.71 -4.51
N LYS B 190 -30.14 0.26 -4.45
CA LYS B 190 -31.57 0.02 -4.38
C LYS B 190 -32.19 0.44 -5.71
N HIS B 191 -32.67 -0.54 -6.47
CA HIS B 191 -33.54 -0.25 -7.61
C HIS B 191 -34.96 -0.08 -7.10
N ILE B 192 -35.53 1.11 -7.27
CA ILE B 192 -36.72 1.52 -6.54
C ILE B 192 -37.92 1.66 -7.47
N LEU B 193 -37.74 2.31 -8.61
CA LEU B 193 -38.83 2.56 -9.54
C LEU B 193 -38.44 2.10 -10.94
N PRO B 194 -38.99 1.00 -11.44
CA PRO B 194 -38.74 0.64 -12.84
C PRO B 194 -39.31 1.69 -13.78
N LEU B 195 -38.77 1.70 -14.99
CA LEU B 195 -39.13 2.72 -15.98
C LEU B 195 -40.64 2.77 -16.18
N THR B 196 -41.20 3.98 -16.13
CA THR B 196 -42.63 4.16 -16.28
C THR B 196 -42.91 5.58 -16.77
N ASN B 197 -44.07 5.73 -17.42
CA ASN B 197 -44.58 7.03 -17.82
C ASN B 197 -45.26 7.77 -16.69
N ASP B 198 -45.39 7.15 -15.51
CA ASP B 198 -46.13 7.73 -14.39
C ASP B 198 -45.21 8.68 -13.64
N ALA B 199 -45.20 9.95 -14.08
CA ALA B 199 -44.23 10.91 -13.53
C ALA B 199 -44.54 11.26 -12.07
N GLU B 200 -45.82 11.35 -11.71
CA GLU B 200 -46.16 11.63 -10.32
C GLU B 200 -45.70 10.50 -9.40
N ARG B 201 -45.66 9.27 -9.91
CA ARG B 201 -45.12 8.16 -9.13
C ARG B 201 -43.64 8.39 -8.85
N PHE B 202 -42.90 8.91 -9.83
CA PHE B 202 -41.52 9.30 -9.62
C PHE B 202 -41.41 10.38 -8.55
N ASN B 203 -42.27 11.39 -8.63
CA ASN B 203 -42.32 12.43 -7.60
C ASN B 203 -42.54 11.82 -6.22
N GLU B 204 -43.50 10.89 -6.11
CA GLU B 204 -43.82 10.32 -4.80
C GLU B 204 -42.63 9.59 -4.21
N ILE B 205 -41.93 8.80 -5.01
CA ILE B 205 -40.85 7.98 -4.48
C ILE B 205 -39.68 8.85 -4.08
N VAL B 206 -39.39 9.90 -4.85
CA VAL B 206 -38.35 10.84 -4.47
C VAL B 206 -38.71 11.50 -3.13
N LYS B 207 -39.96 11.95 -3.00
CA LYS B 207 -40.40 12.58 -1.76
C LYS B 207 -40.28 11.65 -0.56
N ASN B 208 -40.28 10.34 -0.76
CA ASN B 208 -40.21 9.38 0.33
C ASN B 208 -38.80 8.91 0.63
N GLN B 209 -37.80 9.37 -0.11
CA GLN B 209 -36.44 8.88 0.07
C GLN B 209 -35.78 9.54 1.27
N LYS B 210 -35.00 8.76 2.00
CA LYS B 210 -34.21 9.25 3.13
C LYS B 210 -32.75 8.98 2.82
N ILE B 211 -31.89 9.89 3.29
CA ILE B 211 -30.46 9.76 3.00
C ILE B 211 -29.86 8.66 3.86
N SER B 212 -28.65 8.23 3.46
CA SER B 212 -27.82 7.32 4.23
C SER B 212 -26.47 7.98 4.43
N ALA B 213 -25.51 7.25 4.98
CA ALA B 213 -24.16 7.78 5.14
C ALA B 213 -23.16 6.64 5.09
N ASN B 214 -21.90 7.02 4.94
CA ASN B 214 -20.75 6.11 5.04
C ASN B 214 -19.54 7.00 5.32
N ILE B 215 -18.36 6.39 5.49
CA ILE B 215 -17.25 7.13 6.10
C ILE B 215 -16.12 7.48 5.12
N ASP B 216 -16.09 6.94 3.90
CA ASP B 216 -15.03 7.30 2.97
C ASP B 216 -15.62 7.98 1.72
N THR B 217 -14.85 8.94 1.20
CA THR B 217 -15.38 9.84 0.18
C THR B 217 -15.79 9.14 -1.10
N PRO B 218 -14.94 8.34 -1.75
CA PRO B 218 -15.37 7.68 -2.98
C PRO B 218 -16.55 6.75 -2.69
N GLU B 219 -17.50 6.71 -3.61
CA GLU B 219 -18.74 5.99 -3.40
C GLU B 219 -18.82 4.76 -4.30
N GLY B 220 -19.89 3.98 -4.10
CA GLY B 220 -20.03 2.70 -4.75
C GLY B 220 -20.97 2.70 -5.94
N GLY B 221 -21.10 3.86 -6.59
CA GLY B 221 -22.04 3.97 -7.70
C GLY B 221 -21.71 3.12 -8.91
N PHE B 222 -20.46 2.72 -9.07
CA PHE B 222 -20.11 1.88 -10.21
C PHE B 222 -20.84 0.53 -10.13
N ASP B 223 -21.01 -0.01 -8.91
CA ASP B 223 -21.84 -1.19 -8.75
C ASP B 223 -23.24 -0.95 -9.31
N ALA B 224 -23.81 0.22 -9.02
CA ALA B 224 -25.18 0.51 -9.43
C ALA B 224 -25.26 0.72 -10.94
N ILE B 225 -24.24 1.35 -11.53
CA ILE B 225 -24.23 1.51 -12.99
C ILE B 225 -24.29 0.15 -13.66
N MET B 226 -23.45 -0.78 -13.21
CA MET B 226 -23.43 -2.11 -13.80
C MET B 226 -24.80 -2.76 -13.72
N GLN B 227 -25.44 -2.71 -12.55
CA GLN B 227 -26.74 -3.34 -12.38
C GLN B 227 -27.82 -2.63 -13.20
N ALA B 228 -27.75 -1.30 -13.27
CA ALA B 228 -28.75 -0.57 -14.04
C ALA B 228 -28.61 -0.83 -15.53
N ALA B 229 -27.40 -1.15 -15.99
CA ALA B 229 -27.17 -1.39 -17.41
C ALA B 229 -27.54 -2.81 -17.82
N VAL B 230 -27.45 -3.76 -16.90
CA VAL B 230 -27.50 -5.17 -17.23
C VAL B 230 -28.86 -5.78 -16.87
N CYS B 231 -29.55 -5.21 -15.90
CA CYS B 231 -30.82 -5.77 -15.41
C CYS B 231 -31.99 -5.30 -16.29
N LYS B 232 -31.96 -5.73 -17.55
CA LYS B 232 -32.89 -5.19 -18.54
C LYS B 232 -34.34 -5.31 -18.10
N GLU B 233 -34.76 -6.51 -17.68
CA GLU B 233 -36.17 -6.72 -17.38
C GLU B 233 -36.60 -5.98 -16.12
N LYS B 234 -35.76 -6.00 -15.09
CA LYS B 234 -36.13 -5.36 -13.82
C LYS B 234 -36.03 -3.85 -13.91
N ILE B 235 -35.04 -3.32 -14.62
CA ILE B 235 -34.98 -1.88 -14.84
C ILE B 235 -36.12 -1.46 -15.76
N GLY B 236 -36.39 -2.23 -16.81
CA GLY B 236 -37.45 -1.96 -17.73
C GLY B 236 -37.05 -1.38 -19.07
N TRP B 237 -35.76 -1.36 -19.40
CA TRP B 237 -35.35 -0.88 -20.71
C TRP B 237 -36.15 -1.58 -21.79
N ARG B 238 -36.71 -0.80 -22.71
CA ARG B 238 -37.40 -1.36 -23.86
C ARG B 238 -36.50 -1.26 -25.09
N ASN B 239 -36.61 -2.23 -25.97
CA ASN B 239 -35.92 -2.14 -27.25
C ASN B 239 -36.30 -0.83 -27.94
N ASP B 240 -35.51 -0.46 -28.94
CA ASP B 240 -35.89 0.57 -29.90
C ASP B 240 -36.31 1.86 -29.19
N SER B 241 -35.54 2.23 -28.17
CA SER B 241 -35.62 3.55 -27.58
C SER B 241 -34.23 3.95 -27.12
N LEU B 242 -34.06 5.25 -26.87
CA LEU B 242 -32.86 5.72 -26.20
C LEU B 242 -32.83 5.22 -24.77
N HIS B 243 -31.63 4.94 -24.27
CA HIS B 243 -31.42 4.50 -22.89
C HIS B 243 -30.48 5.49 -22.22
N LEU B 244 -31.06 6.42 -21.47
CA LEU B 244 -30.28 7.43 -20.74
C LEU B 244 -30.16 7.00 -19.28
N LEU B 245 -28.94 6.77 -18.84
CA LEU B 245 -28.64 6.46 -17.46
C LEU B 245 -27.95 7.68 -16.85
N VAL B 246 -28.67 8.39 -15.99
CA VAL B 246 -28.17 9.64 -15.41
C VAL B 246 -27.63 9.33 -14.02
N PHE B 247 -26.31 9.39 -13.91
CA PHE B 247 -25.58 9.14 -12.67
C PHE B 247 -25.35 10.48 -11.99
N VAL B 248 -25.89 10.63 -10.77
CA VAL B 248 -25.93 11.92 -10.07
C VAL B 248 -25.15 11.76 -8.78
N SER B 249 -24.01 12.44 -8.66
CA SER B 249 -23.17 12.29 -7.49
C SER B 249 -22.29 13.52 -7.33
N ASP B 250 -21.83 13.72 -6.10
CA ASP B 250 -20.85 14.76 -5.80
C ASP B 250 -19.55 14.15 -5.28
N ALA B 251 -19.22 12.94 -5.71
CA ALA B 251 -18.08 12.24 -5.14
C ALA B 251 -17.36 11.39 -6.19
N ASP B 252 -16.10 11.11 -5.88
CA ASP B 252 -15.28 10.10 -6.54
C ASP B 252 -16.01 8.76 -6.60
N SER B 253 -15.48 7.80 -7.36
CA SER B 253 -16.10 6.49 -7.49
C SER B 253 -15.09 5.38 -7.20
N HIS B 254 -15.49 4.44 -6.35
CA HIS B 254 -14.71 3.22 -6.17
C HIS B 254 -14.74 2.39 -7.46
N PHE B 255 -13.64 1.67 -7.71
CA PHE B 255 -13.56 0.83 -8.89
C PHE B 255 -12.67 -0.37 -8.61
N GLY B 256 -12.95 -1.46 -9.34
CA GLY B 256 -12.06 -2.59 -9.36
C GLY B 256 -11.70 -3.09 -7.98
N MET B 257 -10.39 -3.23 -7.74
CA MET B 257 -9.89 -3.87 -6.55
C MET B 257 -9.84 -2.96 -5.33
N ASP B 258 -10.51 -1.80 -5.37
CA ASP B 258 -10.70 -1.03 -4.15
C ASP B 258 -11.31 -1.90 -3.06
N SER B 259 -12.19 -2.83 -3.43
CA SER B 259 -12.89 -3.67 -2.47
C SER B 259 -11.96 -4.65 -1.79
N LYS B 260 -10.71 -4.77 -2.22
CA LYS B 260 -9.77 -5.66 -1.57
C LYS B 260 -9.55 -5.28 -0.12
N LEU B 261 -9.64 -3.97 0.19
CA LEU B 261 -9.54 -3.54 1.58
C LEU B 261 -10.59 -4.23 2.45
N ALA B 262 -11.76 -4.50 1.89
CA ALA B 262 -12.87 -5.12 2.61
C ALA B 262 -12.86 -6.63 2.53
N GLY B 263 -11.80 -7.23 1.99
CA GLY B 263 -11.74 -8.67 1.83
C GLY B 263 -12.57 -9.22 0.69
N ILE B 264 -13.02 -8.36 -0.22
CA ILE B 264 -13.78 -8.77 -1.39
C ILE B 264 -12.81 -8.85 -2.56
N VAL B 265 -12.56 -10.08 -3.03
CA VAL B 265 -11.52 -10.30 -4.03
C VAL B 265 -11.99 -11.25 -5.13
N CYS B 266 -13.29 -11.25 -5.41
CA CYS B 266 -13.83 -12.02 -6.52
C CYS B 266 -14.34 -11.04 -7.58
N PRO B 267 -13.78 -11.04 -8.79
CA PRO B 267 -14.11 -9.97 -9.74
C PRO B 267 -15.61 -9.88 -10.00
N ASN B 268 -16.07 -8.66 -10.28
CA ASN B 268 -17.44 -8.45 -10.72
C ASN B 268 -17.70 -9.31 -11.95
N ASP B 269 -18.91 -9.88 -12.02
CA ASP B 269 -19.23 -10.87 -13.04
C ASP B 269 -20.15 -10.33 -14.13
N GLY B 270 -20.59 -9.07 -14.03
CA GLY B 270 -21.36 -8.47 -15.10
C GLY B 270 -22.77 -8.98 -15.26
N LEU B 271 -23.31 -9.66 -14.25
CA LEU B 271 -24.65 -10.23 -14.30
C LEU B 271 -25.60 -9.44 -13.40
N CYS B 272 -26.90 -9.62 -13.64
CA CYS B 272 -27.90 -9.00 -12.79
C CYS B 272 -27.98 -9.75 -11.47
N HIS B 273 -28.00 -9.00 -10.36
CA HIS B 273 -28.10 -9.58 -9.03
C HIS B 273 -29.02 -8.73 -8.16
N LEU B 274 -30.22 -8.44 -8.66
CA LEU B 274 -31.25 -7.79 -7.86
C LEU B 274 -32.05 -8.86 -7.15
N ASP B 275 -32.17 -8.75 -5.83
CA ASP B 275 -32.84 -9.75 -5.03
C ASP B 275 -34.33 -9.40 -4.92
N SER B 276 -35.03 -10.01 -3.96
CA SER B 276 -36.46 -9.79 -3.84
C SER B 276 -36.79 -8.34 -3.50
N LYS B 277 -36.03 -7.74 -2.58
CA LYS B 277 -36.19 -6.32 -2.27
C LYS B 277 -35.69 -5.40 -3.41
N ASN B 278 -35.30 -5.95 -4.56
CA ASN B 278 -34.71 -5.19 -5.65
C ASN B 278 -33.46 -4.44 -5.19
N GLU B 279 -32.69 -5.07 -4.31
CA GLU B 279 -31.38 -4.59 -3.91
C GLU B 279 -30.30 -5.46 -4.54
N TYR B 280 -29.15 -4.85 -4.79
CA TYR B 280 -28.00 -5.56 -5.35
C TYR B 280 -27.44 -6.50 -4.28
N SER B 281 -27.53 -7.80 -4.52
CA SER B 281 -27.28 -8.80 -3.49
C SER B 281 -25.83 -9.24 -3.41
N MET B 282 -25.00 -8.89 -4.39
CA MET B 282 -23.58 -9.21 -4.36
C MET B 282 -22.74 -8.02 -3.90
N SER B 283 -23.38 -7.01 -3.31
CA SER B 283 -22.67 -5.81 -2.87
C SER B 283 -21.48 -6.16 -1.99
N THR B 284 -21.66 -7.14 -1.09
CA THR B 284 -20.62 -7.53 -0.14
C THR B 284 -19.82 -8.74 -0.63
N VAL B 285 -19.97 -9.13 -1.89
CA VAL B 285 -19.41 -10.37 -2.40
C VAL B 285 -18.48 -10.15 -3.58
N LEU B 286 -18.81 -9.22 -4.47
CA LEU B 286 -18.07 -9.02 -5.70
C LEU B 286 -17.36 -7.67 -5.69
N GLU B 287 -16.22 -7.63 -6.37
CA GLU B 287 -15.47 -6.38 -6.51
C GLU B 287 -16.31 -5.33 -7.23
N TYR B 288 -15.96 -4.07 -7.03
CA TYR B 288 -16.51 -3.04 -7.88
C TYR B 288 -16.13 -3.34 -9.33
N PRO B 289 -16.96 -2.95 -10.30
CA PRO B 289 -16.56 -3.11 -11.70
C PRO B 289 -15.38 -2.25 -12.06
N THR B 290 -14.62 -2.71 -13.04
CA THR B 290 -13.59 -1.91 -13.69
C THR B 290 -14.22 -1.10 -14.81
N ILE B 291 -13.53 -0.04 -15.22
CA ILE B 291 -14.03 0.74 -16.36
C ILE B 291 -14.21 -0.19 -17.56
N GLY B 292 -13.25 -1.07 -17.80
CA GLY B 292 -13.38 -2.01 -18.91
C GLY B 292 -14.65 -2.83 -18.82
N GLN B 293 -14.96 -3.35 -17.62
CA GLN B 293 -16.18 -4.12 -17.47
C GLN B 293 -17.42 -3.26 -17.72
N LEU B 294 -17.41 -2.02 -17.23
CA LEU B 294 -18.55 -1.14 -17.47
C LEU B 294 -18.70 -0.84 -18.95
N ILE B 295 -17.60 -0.56 -19.63
CA ILE B 295 -17.66 -0.31 -21.08
C ILE B 295 -18.33 -1.48 -21.78
N ASP B 296 -17.87 -2.70 -21.48
CA ASP B 296 -18.41 -3.88 -22.15
C ASP B 296 -19.92 -3.94 -22.04
N LYS B 297 -20.45 -3.75 -20.82
CA LYS B 297 -21.88 -3.93 -20.60
C LYS B 297 -22.70 -2.73 -21.04
N LEU B 298 -22.15 -1.52 -20.95
CA LEU B 298 -22.89 -0.36 -21.45
C LEU B 298 -23.05 -0.46 -22.97
N VAL B 299 -22.00 -0.85 -23.68
CA VAL B 299 -22.08 -1.02 -25.12
C VAL B 299 -23.05 -2.14 -25.46
N GLN B 300 -22.95 -3.26 -24.76
CA GLN B 300 -23.75 -4.44 -25.08
C GLN B 300 -25.24 -4.19 -24.85
N ASN B 301 -25.60 -3.41 -23.83
CA ASN B 301 -26.99 -3.07 -23.56
C ASN B 301 -27.40 -1.74 -24.17
N ASN B 302 -26.51 -1.11 -24.94
CA ASN B 302 -26.84 0.13 -25.64
C ASN B 302 -27.39 1.16 -24.67
N VAL B 303 -26.63 1.42 -23.61
CA VAL B 303 -26.99 2.37 -22.56
C VAL B 303 -26.05 3.56 -22.62
N LEU B 304 -26.61 4.76 -22.71
CA LEU B 304 -25.83 5.98 -22.71
C LEU B 304 -25.74 6.54 -21.30
N LEU B 305 -24.52 6.80 -20.86
CA LEU B 305 -24.24 7.21 -19.49
C LEU B 305 -24.02 8.72 -19.44
N ILE B 306 -24.75 9.39 -18.55
CA ILE B 306 -24.64 10.83 -18.35
C ILE B 306 -24.14 11.05 -16.93
N PHE B 307 -22.91 11.54 -16.79
CA PHE B 307 -22.34 11.86 -15.49
C PHE B 307 -22.78 13.28 -15.13
N ALA B 308 -23.69 13.39 -14.17
CA ALA B 308 -24.13 14.68 -13.63
C ALA B 308 -23.47 14.83 -12.26
N VAL B 309 -22.31 15.49 -12.23
CA VAL B 309 -21.48 15.55 -11.04
C VAL B 309 -21.02 16.98 -10.79
N THR B 310 -20.66 17.24 -9.52
CA THR B 310 -20.34 18.58 -9.07
C THR B 310 -19.00 19.06 -9.65
N GLN B 311 -18.71 20.35 -9.43
CA GLN B 311 -17.53 20.96 -10.03
C GLN B 311 -16.26 20.21 -9.67
N GLU B 312 -16.15 19.78 -8.40
CA GLU B 312 -14.93 19.13 -7.93
C GLU B 312 -14.66 17.81 -8.63
N GLN B 313 -15.67 17.19 -9.24
CA GLN B 313 -15.56 15.87 -9.81
C GLN B 313 -15.53 15.87 -11.34
N VAL B 314 -15.77 17.02 -11.97
CA VAL B 314 -16.01 17.02 -13.42
C VAL B 314 -14.80 16.51 -14.18
N HIS B 315 -13.61 16.99 -13.82
CA HIS B 315 -12.42 16.60 -14.58
C HIS B 315 -12.20 15.10 -14.52
N LEU B 316 -12.38 14.50 -13.34
CA LEU B 316 -12.27 13.06 -13.22
C LEU B 316 -13.26 12.36 -14.15
N TYR B 317 -14.54 12.74 -14.05
CA TYR B 317 -15.56 12.01 -14.80
C TYR B 317 -15.49 12.33 -16.29
N GLU B 318 -14.95 13.49 -16.67
CA GLU B 318 -14.69 13.73 -18.08
C GLU B 318 -13.66 12.74 -18.62
N ASN B 319 -12.61 12.46 -17.84
CA ASN B 319 -11.61 11.50 -18.30
C ASN B 319 -12.19 10.09 -18.38
N TYR B 320 -13.07 9.73 -17.45
CA TYR B 320 -13.79 8.46 -17.59
C TYR B 320 -14.63 8.46 -18.85
N ALA B 321 -15.31 9.57 -19.13
CA ALA B 321 -16.22 9.60 -20.28
C ALA B 321 -15.47 9.53 -21.60
N LYS B 322 -14.22 10.01 -21.64
CA LYS B 322 -13.42 9.83 -22.85
C LYS B 322 -13.31 8.35 -23.21
N LEU B 323 -13.18 7.49 -22.19
CA LEU B 323 -12.99 6.06 -22.41
C LEU B 323 -14.28 5.33 -22.72
N ILE B 324 -15.42 5.87 -22.30
CA ILE B 324 -16.71 5.17 -22.38
C ILE B 324 -17.45 5.68 -23.61
N PRO B 325 -17.77 4.82 -24.57
CA PRO B 325 -18.45 5.31 -25.78
C PRO B 325 -19.81 5.90 -25.45
N GLY B 326 -20.08 7.09 -25.97
CA GLY B 326 -21.36 7.74 -25.78
C GLY B 326 -21.53 8.47 -24.47
N ALA B 327 -20.58 8.36 -23.55
CA ALA B 327 -20.69 9.02 -22.26
C ALA B 327 -20.46 10.52 -22.40
N THR B 328 -21.17 11.29 -21.57
CA THR B 328 -20.95 12.72 -21.47
C THR B 328 -20.98 13.12 -20.01
N VAL B 329 -20.67 14.40 -19.76
CA VAL B 329 -20.59 14.93 -18.40
C VAL B 329 -21.33 16.27 -18.36
N GLY B 330 -22.16 16.44 -17.33
CA GLY B 330 -22.78 17.72 -17.06
C GLY B 330 -22.35 18.20 -15.69
N LEU B 331 -22.25 19.53 -15.54
CA LEU B 331 -21.81 20.12 -14.30
C LEU B 331 -23.01 20.36 -13.38
N LEU B 332 -23.02 19.66 -12.26
CA LEU B 332 -24.16 19.64 -11.35
C LEU B 332 -23.94 20.57 -10.16
N GLN B 333 -24.98 21.31 -9.79
CA GLN B 333 -24.90 22.18 -8.64
C GLN B 333 -24.92 21.35 -7.35
N LYS B 334 -24.44 21.98 -6.26
CA LYS B 334 -24.33 21.30 -4.98
C LYS B 334 -25.67 20.80 -4.45
N ASP B 335 -26.79 21.24 -5.03
CA ASP B 335 -28.11 20.82 -4.59
C ASP B 335 -28.95 20.27 -5.74
N SER B 336 -28.32 19.88 -6.84
CA SER B 336 -28.99 19.41 -8.05
C SER B 336 -29.99 20.43 -8.58
N GLY B 337 -29.82 21.71 -8.25
CA GLY B 337 -30.77 22.71 -8.68
C GLY B 337 -30.94 22.78 -10.18
N ASN B 338 -29.93 22.35 -10.94
CA ASN B 338 -29.93 22.51 -12.39
C ASN B 338 -30.02 21.17 -13.12
N ILE B 339 -30.44 20.10 -12.43
CA ILE B 339 -30.37 18.77 -13.04
C ILE B 339 -31.31 18.68 -14.24
N LEU B 340 -32.43 19.38 -14.21
CA LEU B 340 -33.35 19.34 -15.35
C LEU B 340 -32.67 19.89 -16.59
N GLN B 341 -31.96 21.01 -16.45
CA GLN B 341 -31.29 21.63 -17.59
C GLN B 341 -30.15 20.74 -18.09
N LEU B 342 -29.43 20.07 -17.19
CA LEU B 342 -28.38 19.16 -17.62
C LEU B 342 -28.94 18.07 -18.53
N ILE B 343 -30.01 17.42 -18.08
CA ILE B 343 -30.57 16.29 -18.82
C ILE B 343 -31.04 16.75 -20.19
N ILE B 344 -31.79 17.85 -20.24
CA ILE B 344 -32.29 18.34 -21.53
C ILE B 344 -31.12 18.68 -22.45
N SER B 345 -30.08 19.34 -21.91
CA SER B 345 -28.93 19.67 -22.74
C SER B 345 -28.27 18.41 -23.30
N ALA B 346 -28.02 17.43 -22.42
CA ALA B 346 -27.40 16.19 -22.88
C ALA B 346 -28.26 15.51 -23.93
N TYR B 347 -29.58 15.53 -23.74
CA TYR B 347 -30.47 14.90 -24.71
C TYR B 347 -30.42 15.64 -26.04
N GLU B 348 -30.43 16.97 -26.01
CA GLU B 348 -30.37 17.73 -27.26
C GLU B 348 -29.05 17.51 -27.98
N GLU B 349 -27.95 17.38 -27.22
CA GLU B 349 -26.68 17.06 -27.85
C GLU B 349 -26.74 15.72 -28.56
N LEU B 350 -27.32 14.70 -27.90
CA LEU B 350 -27.43 13.38 -28.51
C LEU B 350 -28.26 13.43 -29.79
N ARG B 351 -29.34 14.20 -29.81
CA ARG B 351 -30.19 14.25 -31.00
C ARG B 351 -29.54 15.03 -32.14
N SER B 352 -28.49 15.81 -31.85
CA SER B 352 -27.81 16.62 -32.86
C SER B 352 -26.50 15.98 -33.31
N GLU B 353 -26.25 14.74 -32.92
CA GLU B 353 -25.01 14.04 -33.26
C GLU B 353 -25.35 12.64 -33.75
N VAL B 354 -24.45 12.10 -34.57
CA VAL B 354 -24.50 10.69 -34.97
C VAL B 354 -23.07 10.17 -34.93
N GLU B 355 -22.84 9.15 -34.12
CA GLU B 355 -21.53 8.52 -33.99
C GLU B 355 -21.69 7.05 -34.34
N LEU B 356 -20.85 6.56 -35.24
CA LEU B 356 -20.90 5.16 -35.61
C LEU B 356 -20.15 4.29 -34.60
N GLU B 357 -20.63 3.07 -34.46
CA GLU B 357 -20.09 2.07 -33.55
C GLU B 357 -20.02 0.77 -34.33
N VAL B 358 -18.96 -0.01 -34.12
CA VAL B 358 -18.81 -1.29 -34.83
C VAL B 358 -18.58 -2.38 -33.81
N LEU B 359 -19.46 -3.36 -33.79
CA LEU B 359 -19.46 -4.43 -32.81
C LEU B 359 -19.35 -5.78 -33.51
N GLY B 360 -18.88 -6.78 -32.76
CA GLY B 360 -18.81 -8.14 -33.26
C GLY B 360 -17.38 -8.66 -33.29
N ASP B 361 -17.14 -9.63 -34.18
CA ASP B 361 -15.82 -10.21 -34.35
C ASP B 361 -14.98 -9.25 -35.21
N THR B 362 -14.44 -8.24 -34.55
CA THR B 362 -13.65 -7.22 -35.22
C THR B 362 -12.15 -7.36 -35.01
N GLU B 363 -11.73 -8.10 -33.98
CA GLU B 363 -10.31 -8.26 -33.71
C GLU B 363 -9.58 -8.78 -34.94
N GLY B 364 -8.46 -8.14 -35.28
CA GLY B 364 -7.67 -8.52 -36.42
C GLY B 364 -8.04 -7.80 -37.70
N LEU B 365 -9.14 -7.07 -37.71
CA LEU B 365 -9.53 -6.30 -38.88
C LEU B 365 -8.94 -4.90 -38.83
N ASN B 366 -8.64 -4.36 -40.00
CA ASN B 366 -8.29 -2.95 -40.15
C ASN B 366 -9.55 -2.21 -40.56
N LEU B 367 -9.87 -1.14 -39.83
CA LEU B 367 -11.03 -0.32 -40.12
C LEU B 367 -10.59 1.13 -40.28
N SER B 368 -11.12 1.79 -41.30
CA SER B 368 -10.95 3.21 -41.50
C SER B 368 -12.33 3.84 -41.64
N PHE B 369 -12.51 5.00 -41.04
CA PHE B 369 -13.79 5.70 -41.04
C PHE B 369 -13.61 7.09 -41.62
N THR B 370 -14.50 7.45 -42.54
CA THR B 370 -14.64 8.83 -43.01
C THR B 370 -16.12 9.19 -42.95
N ALA B 371 -16.40 10.36 -42.39
CA ALA B 371 -17.78 10.83 -42.19
C ALA B 371 -18.06 11.98 -43.14
N ILE B 372 -19.21 11.92 -43.80
CA ILE B 372 -19.67 13.00 -44.68
C ILE B 372 -20.89 13.63 -44.01
N CYS B 373 -20.77 14.90 -43.64
CA CYS B 373 -21.81 15.61 -42.92
C CYS B 373 -22.31 16.79 -43.75
N ASN B 374 -23.50 17.29 -43.38
CA ASN B 374 -24.14 18.40 -44.09
C ASN B 374 -24.23 18.09 -45.58
N ASN B 375 -24.87 16.96 -45.89
CA ASN B 375 -24.93 16.44 -47.27
C ASN B 375 -23.47 16.25 -47.71
N GLY B 376 -23.14 16.51 -48.97
CA GLY B 376 -21.82 16.21 -49.48
C GLY B 376 -20.77 17.27 -49.23
N THR B 377 -21.06 18.28 -48.40
CA THR B 377 -20.16 19.42 -48.30
C THR B 377 -18.92 19.11 -47.46
N LEU B 378 -19.09 18.44 -46.33
CA LEU B 378 -18.01 18.27 -45.36
C LEU B 378 -17.54 16.82 -45.31
N PHE B 379 -16.22 16.63 -45.34
CA PHE B 379 -15.60 15.32 -45.18
C PHE B 379 -14.64 15.36 -44.00
N GLN B 380 -14.71 14.35 -43.13
CA GLN B 380 -13.84 14.29 -41.97
C GLN B 380 -13.53 12.84 -41.66
N HIS B 381 -12.31 12.59 -41.19
CA HIS B 381 -11.86 11.23 -40.87
C HIS B 381 -12.15 10.95 -39.40
N GLN B 382 -13.44 10.86 -39.11
CA GLN B 382 -13.96 10.44 -37.83
C GLN B 382 -15.15 9.53 -38.09
N LYS B 383 -15.74 9.02 -37.01
CA LYS B 383 -16.96 8.23 -37.09
C LYS B 383 -18.14 8.99 -36.48
N LYS B 384 -18.16 10.31 -36.65
CA LYS B 384 -19.16 11.15 -36.00
C LYS B 384 -19.45 12.38 -36.84
N CYS B 385 -20.74 12.70 -36.96
CA CYS B 385 -21.20 13.96 -37.55
C CYS B 385 -21.93 14.74 -36.48
N SER B 386 -21.65 16.04 -36.38
CA SER B 386 -22.16 16.88 -35.31
C SER B 386 -22.93 18.06 -35.87
N HIS B 387 -23.59 18.78 -34.95
CA HIS B 387 -24.30 20.02 -35.27
C HIS B 387 -25.34 19.80 -36.35
N MET B 388 -26.02 18.65 -36.31
CA MET B 388 -27.02 18.33 -37.29
C MET B 388 -28.41 18.55 -36.72
N LYS B 389 -29.35 18.89 -37.60
CA LYS B 389 -30.75 19.00 -37.24
C LYS B 389 -31.39 17.64 -37.33
N VAL B 390 -32.32 17.36 -36.42
CA VAL B 390 -33.01 16.07 -36.45
C VAL B 390 -33.71 15.94 -37.79
N GLY B 391 -33.52 14.80 -38.45
CA GLY B 391 -33.94 14.61 -39.81
C GLY B 391 -32.81 14.71 -40.82
N ASP B 392 -31.73 15.41 -40.49
CA ASP B 392 -30.56 15.41 -41.35
C ASP B 392 -29.98 14.00 -41.44
N THR B 393 -29.28 13.73 -42.53
CA THR B 393 -28.68 12.43 -42.79
C THR B 393 -27.16 12.54 -42.68
N ALA B 394 -26.58 11.67 -41.88
CA ALA B 394 -25.12 11.55 -41.77
C ALA B 394 -24.69 10.31 -42.53
N SER B 395 -23.71 10.47 -43.43
CA SER B 395 -23.18 9.38 -44.22
C SER B 395 -21.78 9.04 -43.76
N PHE B 396 -21.41 7.76 -43.88
CA PHE B 396 -20.13 7.30 -43.42
C PHE B 396 -19.51 6.36 -44.44
N SER B 397 -18.23 6.58 -44.74
CA SER B 397 -17.44 5.61 -45.48
C SER B 397 -16.71 4.74 -44.47
N VAL B 398 -16.94 3.44 -44.55
CA VAL B 398 -16.34 2.46 -43.65
C VAL B 398 -15.52 1.51 -44.50
N THR B 399 -14.20 1.62 -44.41
CA THR B 399 -13.29 0.77 -45.17
C THR B 399 -12.88 -0.40 -44.30
N VAL B 400 -12.95 -1.60 -44.87
CA VAL B 400 -12.73 -2.85 -44.15
C VAL B 400 -11.69 -3.67 -44.88
N ASN B 401 -10.74 -4.23 -44.14
CA ASN B 401 -9.67 -5.01 -44.71
C ASN B 401 -9.34 -6.17 -43.80
N ILE B 402 -9.16 -7.35 -44.39
CA ILE B 402 -8.67 -8.53 -43.68
C ILE B 402 -7.23 -8.75 -44.10
N PRO B 403 -6.26 -8.79 -43.16
CA PRO B 403 -4.85 -8.85 -43.56
C PRO B 403 -4.39 -10.23 -44.02
N HIS B 404 -4.93 -11.28 -43.42
CA HIS B 404 -4.55 -12.66 -43.70
C HIS B 404 -5.78 -13.44 -44.11
N CYS B 405 -5.58 -14.60 -44.73
CA CYS B 405 -6.74 -15.43 -45.02
C CYS B 405 -7.17 -16.17 -43.75
N GLU B 406 -8.47 -16.41 -43.66
CA GLU B 406 -9.05 -17.12 -42.53
C GLU B 406 -10.06 -18.13 -43.07
N ARG B 407 -10.61 -18.93 -42.16
CA ARG B 407 -11.65 -19.89 -42.48
C ARG B 407 -13.03 -19.42 -42.05
N ARG B 408 -13.15 -18.88 -40.85
CA ARG B 408 -14.45 -18.52 -40.31
C ARG B 408 -14.89 -17.15 -40.81
N SER B 409 -16.18 -17.05 -41.16
CA SER B 409 -16.78 -15.76 -41.42
C SER B 409 -16.91 -14.97 -40.11
N ARG B 410 -17.00 -13.66 -40.24
CA ARG B 410 -17.14 -12.76 -39.11
C ARG B 410 -18.52 -12.12 -39.13
N HIS B 411 -19.23 -12.18 -38.01
CA HIS B 411 -20.50 -11.50 -37.84
C HIS B 411 -20.24 -10.17 -37.14
N ILE B 412 -20.61 -9.08 -37.80
CA ILE B 412 -20.30 -7.74 -37.34
C ILE B 412 -21.57 -6.90 -37.42
N ILE B 413 -21.65 -5.89 -36.55
CA ILE B 413 -22.77 -4.96 -36.52
C ILE B 413 -22.22 -3.54 -36.55
N ILE B 414 -22.83 -2.71 -37.39
CA ILE B 414 -22.58 -1.28 -37.42
C ILE B 414 -23.87 -0.59 -37.00
N LYS B 415 -23.78 0.30 -36.01
CA LYS B 415 -24.98 0.96 -35.54
C LYS B 415 -24.61 2.35 -35.04
N PRO B 416 -25.56 3.27 -34.99
CA PRO B 416 -25.32 4.54 -34.30
C PRO B 416 -25.22 4.30 -32.80
N VAL B 417 -24.32 5.04 -32.16
CA VAL B 417 -24.24 4.98 -30.71
C VAL B 417 -25.57 5.46 -30.14
N GLY B 418 -26.17 4.64 -29.28
CA GLY B 418 -27.40 4.98 -28.60
C GLY B 418 -28.66 4.40 -29.21
N LEU B 419 -28.62 3.96 -30.46
CA LEU B 419 -29.79 3.48 -31.18
C LEU B 419 -29.68 1.99 -31.48
N GLY B 420 -30.83 1.34 -31.61
CA GLY B 420 -30.86 -0.09 -31.83
C GLY B 420 -30.75 -0.48 -33.28
N ASP B 421 -31.22 0.39 -34.17
CA ASP B 421 -31.10 0.16 -35.61
C ASP B 421 -29.67 -0.26 -35.96
N ALA B 422 -29.54 -1.46 -36.52
CA ALA B 422 -28.23 -2.06 -36.76
C ALA B 422 -28.07 -2.48 -38.21
N LEU B 423 -26.87 -2.29 -38.73
CA LEU B 423 -26.45 -2.85 -40.01
C LEU B 423 -25.70 -4.13 -39.72
N GLU B 424 -26.29 -5.26 -40.12
CA GLU B 424 -25.63 -6.55 -39.94
C GLU B 424 -24.67 -6.79 -41.11
N LEU B 425 -23.43 -7.11 -40.78
CA LEU B 425 -22.38 -7.27 -41.78
C LEU B 425 -21.72 -8.63 -41.62
N LEU B 426 -21.65 -9.37 -42.72
CA LEU B 426 -21.01 -10.68 -42.74
C LEU B 426 -19.74 -10.57 -43.60
N VAL B 427 -18.59 -10.73 -42.96
CA VAL B 427 -17.30 -10.68 -43.65
C VAL B 427 -16.89 -12.12 -43.94
N SER B 428 -16.79 -12.45 -45.21
CA SER B 428 -16.46 -13.80 -45.64
C SER B 428 -15.15 -13.77 -46.42
N PRO B 429 -14.16 -14.58 -46.05
CA PRO B 429 -12.92 -14.61 -46.82
C PRO B 429 -13.13 -15.22 -48.20
N GLU B 430 -12.26 -14.84 -49.13
CA GLU B 430 -12.28 -15.32 -50.50
C GLU B 430 -10.83 -15.56 -50.93
N CYS B 431 -10.20 -16.58 -50.32
CA CYS B 431 -8.79 -16.84 -50.56
C CYS B 431 -8.55 -18.15 -51.31
N ASN B 432 -9.56 -18.62 -52.05
CA ASN B 432 -9.44 -19.84 -52.84
C ASN B 432 -9.81 -19.56 -54.28
N CYS B 433 -9.08 -20.18 -55.20
CA CYS B 433 -9.34 -20.03 -56.63
C CYS B 433 -10.44 -20.99 -57.07
N ASP B 434 -11.09 -20.64 -58.18
CA ASP B 434 -12.11 -21.53 -58.74
C ASP B 434 -11.51 -22.87 -59.13
N CYS B 435 -10.34 -22.86 -59.76
CA CYS B 435 -9.72 -24.09 -60.24
C CYS B 435 -9.31 -25.01 -59.09
N GLN B 436 -9.20 -24.49 -57.88
CA GLN B 436 -8.75 -25.31 -56.75
C GLN B 436 -9.65 -26.52 -56.54
N LYS B 437 -10.93 -26.41 -56.90
CA LYS B 437 -11.91 -27.46 -56.64
C LYS B 437 -12.05 -28.45 -57.78
N GLU B 438 -11.26 -28.34 -58.85
CA GLU B 438 -11.29 -29.28 -59.97
C GLU B 438 -9.91 -29.95 -60.05
N VAL B 439 -9.69 -30.93 -59.17
CA VAL B 439 -8.34 -31.48 -59.00
C VAL B 439 -7.93 -32.34 -60.19
N GLU B 440 -8.86 -33.14 -60.72
CA GLU B 440 -8.53 -34.11 -61.76
C GLU B 440 -7.31 -34.94 -61.36
N VAL B 441 -7.54 -35.77 -60.33
CA VAL B 441 -6.44 -36.48 -59.70
C VAL B 441 -5.92 -37.58 -60.63
N ASN B 442 -4.65 -37.94 -60.43
CA ASN B 442 -3.98 -38.97 -61.25
C ASN B 442 -4.07 -38.62 -62.73
N SER B 443 -3.95 -37.34 -63.05
CA SER B 443 -4.06 -36.89 -64.42
C SER B 443 -2.87 -37.38 -65.24
N SER B 444 -3.08 -37.48 -66.55
CA SER B 444 -2.01 -37.88 -67.46
C SER B 444 -0.88 -36.85 -67.47
N LYS B 445 -1.18 -35.60 -67.13
CA LYS B 445 -0.22 -34.51 -67.29
C LYS B 445 0.88 -34.52 -66.25
N CYS B 446 0.80 -35.37 -65.23
CA CYS B 446 1.81 -35.39 -64.18
C CYS B 446 2.53 -36.74 -64.14
N HIS B 447 3.13 -37.12 -65.27
CA HIS B 447 3.93 -38.34 -65.39
C HIS B 447 3.14 -39.58 -64.96
N HIS B 448 2.05 -39.83 -65.68
CA HIS B 448 1.28 -41.06 -65.53
C HIS B 448 0.71 -41.20 -64.12
N GLY B 449 0.00 -40.17 -63.67
CA GLY B 449 -0.72 -40.26 -62.41
C GLY B 449 0.11 -40.14 -61.16
N ASN B 450 1.34 -39.64 -61.27
CA ASN B 450 2.16 -39.37 -60.10
C ASN B 450 1.78 -38.06 -59.41
N GLY B 451 0.69 -37.44 -59.82
CA GLY B 451 0.26 -36.20 -59.20
C GLY B 451 -1.12 -35.81 -59.68
N SER B 452 -1.55 -34.63 -59.25
CA SER B 452 -2.87 -34.09 -59.57
C SER B 452 -2.73 -32.74 -60.27
N PHE B 453 -3.54 -32.53 -61.31
CA PHE B 453 -3.48 -31.33 -62.13
C PHE B 453 -4.57 -30.36 -61.67
N GLN B 454 -4.17 -29.32 -60.96
CA GLN B 454 -5.11 -28.47 -60.25
C GLN B 454 -5.44 -27.18 -60.99
N CYS B 455 -4.46 -26.31 -61.20
CA CYS B 455 -4.67 -24.98 -61.75
C CYS B 455 -3.66 -24.68 -62.85
N GLY B 456 -3.41 -25.65 -63.72
CA GLY B 456 -2.35 -25.53 -64.69
C GLY B 456 -0.99 -25.92 -64.16
N VAL B 457 -0.93 -26.57 -63.00
CA VAL B 457 0.31 -27.02 -62.38
C VAL B 457 0.06 -28.40 -61.79
N CYS B 458 1.15 -29.15 -61.59
CA CYS B 458 1.06 -30.48 -61.01
C CYS B 458 1.31 -30.41 -59.51
N ALA B 459 0.37 -30.98 -58.75
CA ALA B 459 0.53 -31.17 -57.31
C ALA B 459 0.92 -32.63 -57.10
N CYS B 460 2.19 -32.86 -56.78
CA CYS B 460 2.75 -34.20 -56.88
C CYS B 460 2.27 -35.11 -55.76
N HIS B 461 2.20 -36.40 -56.08
CA HIS B 461 1.96 -37.42 -55.08
C HIS B 461 3.20 -37.59 -54.20
N PRO B 462 3.05 -38.17 -53.01
CA PRO B 462 4.22 -38.39 -52.15
C PRO B 462 5.25 -39.26 -52.83
N GLY B 463 6.51 -38.88 -52.70
CA GLY B 463 7.61 -39.64 -53.27
C GLY B 463 7.95 -39.31 -54.71
N HIS B 464 7.42 -38.22 -55.26
CA HIS B 464 7.68 -37.84 -56.63
C HIS B 464 7.91 -36.33 -56.68
N MET B 465 9.09 -35.92 -57.13
CA MET B 465 9.49 -34.52 -57.19
C MET B 465 9.68 -34.11 -58.65
N GLY B 466 9.24 -32.89 -58.98
CA GLY B 466 9.46 -32.35 -60.30
C GLY B 466 8.30 -31.51 -60.80
N PRO B 467 8.55 -30.73 -61.86
CA PRO B 467 7.46 -29.90 -62.43
C PRO B 467 6.28 -30.73 -62.91
N ARG B 468 6.54 -31.94 -63.41
CA ARG B 468 5.48 -32.88 -63.77
C ARG B 468 5.59 -34.17 -62.96
N CYS B 469 6.34 -34.14 -61.85
CA CYS B 469 6.43 -35.26 -60.92
C CYS B 469 7.14 -36.45 -61.56
N GLU B 470 8.21 -36.17 -62.30
CA GLU B 470 8.81 -37.13 -63.21
C GLU B 470 9.99 -37.90 -62.62
N SER B 471 10.44 -37.54 -61.42
CA SER B 471 11.51 -38.26 -60.74
C SER B 471 10.99 -38.84 -59.44
N GLY B 472 11.62 -39.89 -58.97
CA GLY B 472 11.13 -40.66 -57.82
C GLY B 472 12.13 -40.73 -56.67
N HIS B 473 11.61 -40.52 -55.47
CA HIS B 473 12.41 -40.69 -54.25
C HIS B 473 11.55 -41.27 -53.12
N ASP C 1 -15.89 14.45 39.93
CA ASP C 1 -14.52 13.88 39.78
C ASP C 1 -14.27 12.81 40.84
N ILE C 2 -13.35 11.89 40.53
CA ILE C 2 -12.92 10.87 41.47
C ILE C 2 -11.91 11.49 42.43
N GLN C 3 -12.18 11.39 43.73
CA GLN C 3 -11.26 11.87 44.75
C GLN C 3 -10.32 10.75 45.16
N MET C 4 -9.02 11.02 45.10
CA MET C 4 -7.99 10.08 45.53
C MET C 4 -7.37 10.59 46.82
N THR C 5 -7.21 9.70 47.79
CA THR C 5 -6.67 10.07 49.10
C THR C 5 -5.66 9.02 49.54
N GLN C 6 -4.43 9.45 49.80
CA GLN C 6 -3.40 8.62 50.40
C GLN C 6 -3.35 8.98 51.88
N THR C 7 -3.84 8.06 52.72
CA THR C 7 -4.12 8.40 54.11
C THR C 7 -2.90 8.99 54.81
N THR C 8 -1.77 8.29 54.75
CA THR C 8 -0.53 8.78 55.36
C THR C 8 0.22 9.63 54.34
N SER C 9 0.55 10.86 54.73
CA SER C 9 1.29 11.76 53.85
C SER C 9 2.80 11.58 53.96
N SER C 10 3.30 10.95 55.02
CA SER C 10 4.72 10.72 55.19
C SER C 10 4.93 9.46 56.01
N LEU C 11 6.00 8.75 55.70
CA LEU C 11 6.40 7.57 56.46
C LEU C 11 7.91 7.44 56.36
N SER C 12 8.51 6.83 57.38
CA SER C 12 9.96 6.68 57.47
C SER C 12 10.35 5.21 57.46
N ALA C 13 11.46 4.91 56.81
CA ALA C 13 11.87 3.53 56.56
C ALA C 13 13.39 3.43 56.59
N SER C 14 13.86 2.23 56.86
CA SER C 14 15.29 1.91 56.83
C SER C 14 15.61 1.12 55.57
N LEU C 15 16.89 1.16 55.18
CA LEU C 15 17.35 0.37 54.04
C LEU C 15 16.95 -1.09 54.21
N GLY C 16 16.44 -1.68 53.13
CA GLY C 16 16.03 -3.06 53.12
C GLY C 16 14.61 -3.31 53.59
N ASP C 17 14.00 -2.36 54.29
CA ASP C 17 12.66 -2.55 54.81
C ASP C 17 11.65 -2.72 53.68
N ARG C 18 10.47 -3.21 54.03
CA ARG C 18 9.33 -3.30 53.13
C ARG C 18 8.39 -2.13 53.42
N VAL C 19 8.05 -1.37 52.38
CA VAL C 19 7.22 -0.18 52.50
C VAL C 19 5.93 -0.42 51.72
N ILE C 20 4.79 -0.15 52.34
CA ILE C 20 3.49 -0.27 51.71
C ILE C 20 2.79 1.09 51.77
N ILE C 21 2.32 1.57 50.63
CA ILE C 21 1.61 2.83 50.52
C ILE C 21 0.20 2.53 50.02
N SER C 22 -0.80 3.08 50.70
CA SER C 22 -2.20 2.79 50.41
C SER C 22 -2.86 3.99 49.75
N CYS C 23 -3.79 3.70 48.84
CA CYS C 23 -4.50 4.71 48.06
C CYS C 23 -5.96 4.27 47.99
N ARG C 24 -6.88 5.20 48.23
CA ARG C 24 -8.30 4.90 48.18
C ARG C 24 -8.99 5.88 47.24
N ALA C 25 -9.82 5.34 46.35
CA ALA C 25 -10.63 6.15 45.46
C ALA C 25 -12.06 6.27 46.00
N SER C 26 -12.73 7.36 45.60
CA SER C 26 -14.10 7.60 46.03
C SER C 26 -15.11 6.77 45.24
N GLN C 27 -14.67 6.05 44.21
CA GLN C 27 -15.55 5.20 43.43
C GLN C 27 -14.74 4.03 42.88
N ASP C 28 -15.44 3.01 42.41
CA ASP C 28 -14.80 1.92 41.68
C ASP C 28 -14.08 2.50 40.46
N ILE C 29 -12.78 2.24 40.36
CA ILE C 29 -11.98 2.71 39.23
C ILE C 29 -11.48 1.54 38.37
N SER C 30 -12.01 0.33 38.60
CA SER C 30 -11.82 -0.79 37.68
C SER C 30 -10.34 -1.04 37.38
N ASN C 31 -9.50 -0.87 38.38
CA ASN C 31 -8.08 -1.20 38.35
C ASN C 31 -7.25 -0.25 37.50
N TYR C 32 -7.84 0.83 37.00
CA TYR C 32 -7.07 1.86 36.30
C TYR C 32 -6.45 2.79 37.35
N LEU C 33 -5.43 2.27 38.01
CA LEU C 33 -4.66 3.02 38.98
C LEU C 33 -3.17 2.85 38.71
N SER C 34 -2.46 3.97 38.72
CA SER C 34 -1.03 4.01 38.44
C SER C 34 -0.29 4.64 39.61
N TRP C 35 1.01 4.37 39.68
CA TRP C 35 1.86 4.89 40.74
C TRP C 35 3.05 5.62 40.14
N TYR C 36 3.37 6.78 40.72
CA TYR C 36 4.47 7.62 40.24
C TYR C 36 5.42 7.93 41.39
N GLN C 37 6.70 8.04 41.06
CA GLN C 37 7.74 8.45 41.99
C GLN C 37 8.24 9.83 41.58
N GLN C 38 8.27 10.75 42.55
CA GLN C 38 8.81 12.09 42.33
C GLN C 38 10.00 12.28 43.27
N LYS C 39 11.17 12.48 42.70
CA LYS C 39 12.38 12.70 43.47
C LYS C 39 12.46 14.16 43.91
N PRO C 40 13.34 14.47 44.87
CA PRO C 40 13.46 15.86 45.33
C PRO C 40 13.67 16.86 44.21
N ASP C 41 14.43 16.50 43.17
CA ASP C 41 14.74 17.44 42.10
C ASP C 41 13.56 17.69 41.18
N GLY C 42 12.42 17.03 41.37
CA GLY C 42 11.26 17.20 40.55
C GLY C 42 11.07 16.13 39.49
N THR C 43 12.07 15.30 39.25
CA THR C 43 11.93 14.20 38.30
C THR C 43 10.74 13.34 38.67
N VAL C 44 9.96 12.96 37.66
CA VAL C 44 8.79 12.11 37.83
C VAL C 44 8.95 10.88 36.94
N LYS C 45 8.68 9.72 37.51
CA LYS C 45 8.74 8.46 36.79
C LYS C 45 7.47 7.65 37.07
N LEU C 46 6.99 6.95 36.05
CA LEU C 46 5.93 5.97 36.23
C LEU C 46 6.54 4.66 36.69
N LEU C 47 5.95 4.08 37.74
CA LEU C 47 6.38 2.79 38.27
C LEU C 47 5.40 1.67 37.91
N ILE C 48 4.13 1.86 38.25
CA ILE C 48 3.11 0.83 38.11
C ILE C 48 1.92 1.44 37.38
N PHE C 49 1.39 0.70 36.41
CA PHE C 49 0.16 1.07 35.74
C PHE C 49 -0.80 -0.12 35.79
N TYR C 50 -2.08 0.18 35.62
CA TYR C 50 -3.15 -0.82 35.70
C TYR C 50 -2.96 -1.69 36.95
N THR C 51 -2.89 -1.02 38.10
CA THR C 51 -2.83 -1.65 39.42
C THR C 51 -1.53 -2.39 39.69
N SER C 52 -1.13 -3.32 38.81
CA SER C 52 -0.03 -4.23 39.11
C SER C 52 0.99 -4.39 38.00
N LYS C 53 0.83 -3.70 36.87
CA LYS C 53 1.74 -3.89 35.74
C LYS C 53 2.96 -2.98 35.86
N LEU C 54 4.13 -3.55 35.62
CA LEU C 54 5.38 -2.84 35.80
C LEU C 54 5.79 -2.12 34.53
N HIS C 55 6.17 -0.85 34.67
CA HIS C 55 6.68 -0.08 33.54
C HIS C 55 8.09 -0.51 33.20
N SER C 56 8.42 -0.45 31.91
CA SER C 56 9.73 -0.88 31.44
C SER C 56 10.83 -0.06 32.08
N GLY C 57 11.89 -0.74 32.53
CA GLY C 57 13.01 -0.09 33.18
C GLY C 57 12.87 0.06 34.68
N VAL C 58 11.76 -0.39 35.25
CA VAL C 58 11.46 -0.21 36.67
C VAL C 58 11.86 -1.47 37.41
N PRO C 59 12.57 -1.37 38.54
CA PRO C 59 13.06 -2.58 39.22
C PRO C 59 11.94 -3.39 39.84
N SER C 60 12.18 -4.71 39.94
CA SER C 60 11.17 -5.65 40.42
C SER C 60 10.73 -5.35 41.84
N ARG C 61 11.52 -4.60 42.61
CA ARG C 61 11.14 -4.32 43.99
C ARG C 61 9.76 -3.70 44.09
N PHE C 62 9.38 -2.90 43.10
CA PHE C 62 8.09 -2.23 43.11
C PHE C 62 7.00 -3.18 42.60
N SER C 63 5.90 -3.23 43.34
CA SER C 63 4.73 -4.00 42.93
C SER C 63 3.50 -3.31 43.47
N GLY C 64 2.36 -3.64 42.88
CA GLY C 64 1.11 -3.01 43.25
C GLY C 64 -0.02 -4.01 43.30
N SER C 65 -1.00 -3.70 44.15
CA SER C 65 -2.15 -4.57 44.37
C SER C 65 -3.40 -3.73 44.58
N GLY C 66 -4.54 -4.39 44.51
CA GLY C 66 -5.81 -3.77 44.85
C GLY C 66 -6.88 -4.02 43.79
N SER C 67 -8.09 -3.58 44.13
CA SER C 67 -9.23 -3.63 43.23
C SER C 67 -10.31 -2.73 43.82
N GLY C 68 -11.31 -2.42 42.99
CA GLY C 68 -12.42 -1.61 43.44
C GLY C 68 -12.03 -0.20 43.79
N THR C 69 -11.94 0.09 45.10
CA THR C 69 -11.59 1.41 45.58
C THR C 69 -10.27 1.45 46.33
N ASP C 70 -9.73 0.31 46.77
CA ASP C 70 -8.54 0.28 47.60
C ASP C 70 -7.38 -0.33 46.82
N TYR C 71 -6.23 0.33 46.89
CA TYR C 71 -5.05 -0.03 46.12
C TYR C 71 -3.82 0.26 46.97
N SER C 72 -2.74 -0.48 46.69
CA SER C 72 -1.52 -0.30 47.48
C SER C 72 -0.29 -0.52 46.60
N LEU C 73 0.72 0.33 46.82
CA LEU C 73 2.05 0.14 46.26
C LEU C 73 2.95 -0.48 47.33
N THR C 74 3.80 -1.41 46.92
CA THR C 74 4.69 -2.11 47.84
C THR C 74 6.12 -1.99 47.33
N ILE C 75 7.00 -1.46 48.16
CA ILE C 75 8.44 -1.45 47.90
C ILE C 75 9.06 -2.46 48.85
N SER C 76 9.62 -3.53 48.31
CA SER C 76 10.36 -4.51 49.09
C SER C 76 11.85 -4.26 48.90
N ASN C 77 12.62 -4.45 49.97
CA ASN C 77 14.05 -4.20 49.97
C ASN C 77 14.34 -2.77 49.51
N LEU C 78 14.00 -1.84 50.40
CA LEU C 78 14.15 -0.41 50.10
C LEU C 78 15.59 -0.06 49.79
N ASP C 79 15.78 0.83 48.81
CA ASP C 79 17.09 1.29 48.38
C ASP C 79 17.23 2.78 48.69
N GLN C 80 18.49 3.24 48.74
CA GLN C 80 18.73 4.65 49.01
C GLN C 80 18.11 5.53 47.92
N GLU C 81 18.12 5.05 46.68
CA GLU C 81 17.55 5.82 45.58
C GLU C 81 16.03 5.82 45.59
N ASP C 82 15.40 5.09 46.50
CA ASP C 82 13.94 5.04 46.59
C ASP C 82 13.36 6.12 47.50
N ILE C 83 14.18 6.94 48.15
CA ILE C 83 13.64 8.02 48.98
C ILE C 83 13.08 9.08 48.03
N ALA C 84 11.77 9.22 48.03
CA ALA C 84 11.08 10.11 47.09
C ALA C 84 9.63 10.22 47.57
N THR C 85 8.82 10.92 46.80
CA THR C 85 7.39 11.03 47.06
C THR C 85 6.63 10.20 46.03
N TYR C 86 5.59 9.51 46.48
CA TYR C 86 4.83 8.58 45.65
C TYR C 86 3.38 9.01 45.55
N PHE C 87 2.88 9.10 44.32
CA PHE C 87 1.52 9.51 44.02
C PHE C 87 0.78 8.38 43.32
N CYS C 88 -0.49 8.20 43.66
CA CYS C 88 -1.39 7.35 42.88
C CYS C 88 -2.27 8.20 41.98
N GLN C 89 -2.76 7.58 40.91
CA GLN C 89 -3.56 8.28 39.90
C GLN C 89 -4.54 7.30 39.28
N GLN C 90 -5.81 7.67 39.27
CA GLN C 90 -6.83 6.89 38.57
C GLN C 90 -6.94 7.38 37.14
N GLY C 91 -7.07 6.43 36.21
CA GLY C 91 -7.23 6.73 34.81
C GLY C 91 -8.48 6.12 34.25
N ASN C 92 -9.44 5.82 35.13
CA ASN C 92 -10.69 5.20 34.70
C ASN C 92 -11.61 6.21 34.02
N THR C 93 -11.56 7.47 34.44
CA THR C 93 -12.52 8.46 33.97
C THR C 93 -11.89 9.85 34.05
N PHE C 94 -12.21 10.68 33.07
CA PHE C 94 -11.72 12.05 33.06
C PHE C 94 -12.56 12.91 34.00
N PRO C 95 -11.95 13.92 34.66
CA PRO C 95 -10.51 14.21 34.59
C PRO C 95 -9.68 13.21 35.39
N TYR C 96 -8.47 12.91 34.92
CA TYR C 96 -7.56 12.12 35.73
C TYR C 96 -7.27 12.89 37.02
N THR C 97 -7.18 12.15 38.13
CA THR C 97 -6.97 12.75 39.43
C THR C 97 -5.91 11.97 40.19
N PHE C 98 -5.13 12.68 41.00
CA PHE C 98 -4.06 12.10 41.78
C PHE C 98 -4.40 12.11 43.26
N GLY C 99 -3.74 11.23 44.01
CA GLY C 99 -3.75 11.33 45.45
C GLY C 99 -2.77 12.36 45.96
N GLY C 100 -2.93 12.75 47.22
CA GLY C 100 -2.16 13.85 47.77
C GLY C 100 -0.67 13.59 47.86
N GLY C 101 -0.25 12.33 47.78
CA GLY C 101 1.16 12.01 47.83
C GLY C 101 1.57 11.44 49.18
N THR C 102 2.57 10.56 49.14
CA THR C 102 3.16 9.97 50.34
C THR C 102 4.67 10.03 50.21
N LYS C 103 5.33 10.66 51.18
CA LYS C 103 6.77 10.84 51.17
C LYS C 103 7.44 9.74 51.98
N VAL C 104 8.51 9.17 51.42
CA VAL C 104 9.27 8.10 52.06
C VAL C 104 10.66 8.65 52.36
N GLU C 105 10.99 8.77 53.64
CA GLU C 105 12.25 9.33 54.09
C GLU C 105 13.00 8.30 54.95
N MET C 106 14.33 8.38 54.91
CA MET C 106 15.15 7.41 55.63
C MET C 106 14.96 7.55 57.13
N ARG C 107 15.05 6.42 57.83
CA ARG C 107 15.03 6.43 59.29
C ARG C 107 16.42 6.70 59.82
N ARG C 108 16.48 7.36 60.97
CA ARG C 108 17.75 7.76 61.57
C ARG C 108 17.58 7.79 63.08
N ALA C 109 18.70 7.70 63.78
CA ALA C 109 18.70 7.96 65.21
C ALA C 109 18.40 9.43 65.45
N ASP C 110 17.64 9.71 66.50
CA ASP C 110 17.31 11.10 66.81
C ASP C 110 18.58 11.88 67.07
N ALA C 111 18.63 13.12 66.57
CA ALA C 111 19.79 13.98 66.71
C ALA C 111 19.33 15.38 67.06
N ALA C 112 20.00 15.99 68.04
CA ALA C 112 19.63 17.35 68.44
C ALA C 112 20.18 18.35 67.44
N PRO C 113 19.46 19.45 67.18
CA PRO C 113 19.94 20.45 66.23
C PRO C 113 21.07 21.29 66.81
N THR C 114 22.04 21.62 65.96
CA THR C 114 23.06 22.61 66.29
C THR C 114 22.50 23.98 65.93
N VAL C 115 22.27 24.83 66.93
CA VAL C 115 21.61 26.10 66.73
C VAL C 115 22.63 27.22 66.78
N SER C 116 22.44 28.22 65.91
CA SER C 116 23.28 29.41 65.88
C SER C 116 22.42 30.60 65.49
N ILE C 117 22.53 31.69 66.26
CA ILE C 117 21.75 32.90 66.02
C ILE C 117 22.71 33.98 65.54
N PHE C 118 22.20 34.88 64.68
CA PHE C 118 23.03 35.91 64.07
C PHE C 118 22.32 37.26 64.09
N PRO C 119 23.01 38.32 64.51
CA PRO C 119 22.40 39.65 64.48
C PRO C 119 22.47 40.25 63.09
N PRO C 120 21.75 41.34 62.84
CA PRO C 120 21.84 41.99 61.53
C PRO C 120 23.27 42.41 61.22
N SER C 121 23.65 42.26 59.95
CA SER C 121 24.95 42.71 59.52
C SER C 121 25.01 44.24 59.54
N SER C 122 26.23 44.77 59.65
CA SER C 122 26.40 46.22 59.57
C SER C 122 25.92 46.75 58.23
N GLU C 123 26.19 46.01 57.15
CA GLU C 123 25.76 46.46 55.83
C GLU C 123 24.26 46.62 55.75
N GLN C 124 23.51 45.69 56.34
CA GLN C 124 22.05 45.75 56.26
C GLN C 124 21.51 46.95 57.03
N LEU C 125 22.10 47.26 58.19
CA LEU C 125 21.57 48.34 59.01
C LEU C 125 21.72 49.69 58.31
N THR C 126 22.84 49.92 57.62
CA THR C 126 22.99 51.18 56.89
C THR C 126 21.92 51.31 55.81
N SER C 127 21.60 50.20 55.15
CA SER C 127 20.53 50.20 54.16
C SER C 127 19.17 50.42 54.80
N GLY C 128 19.06 50.21 56.11
CA GLY C 128 17.77 50.22 56.77
C GLY C 128 17.25 48.80 56.88
N GLY C 129 16.58 48.48 57.98
CA GLY C 129 16.12 47.12 58.14
C GLY C 129 17.13 46.24 58.85
N ALA C 130 16.62 45.25 59.56
CA ALA C 130 17.44 44.36 60.38
C ALA C 130 16.85 42.97 60.33
N SER C 131 17.69 41.99 60.00
CA SER C 131 17.29 40.59 59.96
C SER C 131 18.10 39.80 60.97
N VAL C 132 17.42 39.07 61.84
CA VAL C 132 18.05 38.15 62.78
C VAL C 132 17.86 36.74 62.23
N VAL C 133 18.95 36.04 61.98
CA VAL C 133 18.91 34.73 61.35
C VAL C 133 19.29 33.68 62.40
N CYS C 134 18.54 32.58 62.41
CA CYS C 134 18.81 31.46 63.30
C CYS C 134 18.83 30.17 62.49
N PHE C 135 19.93 29.42 62.60
CA PHE C 135 20.11 28.18 61.88
C PHE C 135 20.01 27.00 62.84
N LEU C 136 19.15 26.04 62.51
CA LEU C 136 19.05 24.76 63.22
C LEU C 136 19.44 23.66 62.25
N ASN C 137 20.57 23.01 62.49
CA ASN C 137 21.17 22.13 61.51
C ASN C 137 21.29 20.69 62.01
N ASN C 138 21.12 19.76 61.07
CA ASN C 138 21.39 18.35 61.25
C ASN C 138 20.64 17.78 62.45
N PHE C 139 19.31 17.86 62.38
CA PHE C 139 18.43 17.28 63.39
C PHE C 139 17.51 16.25 62.76
N TYR C 140 17.14 15.24 63.56
CA TYR C 140 16.18 14.21 63.20
C TYR C 140 15.31 13.95 64.41
N PRO C 141 13.99 13.79 64.23
CA PRO C 141 13.19 13.77 63.00
C PRO C 141 12.86 15.18 62.49
N LYS C 142 12.06 15.28 61.42
CA LYS C 142 11.90 16.56 60.76
C LYS C 142 11.10 17.55 61.59
N ASP C 143 10.24 17.08 62.48
CA ASP C 143 9.32 17.99 63.18
C ASP C 143 10.08 18.86 64.18
N ILE C 144 9.78 20.16 64.18
CA ILE C 144 10.45 21.13 65.04
C ILE C 144 9.68 22.44 65.01
N ASN C 145 9.77 23.23 66.10
CA ASN C 145 9.10 24.51 66.20
C ASN C 145 10.07 25.58 66.66
N VAL C 146 9.98 26.77 66.06
CA VAL C 146 10.85 27.90 66.35
C VAL C 146 10.00 29.05 66.84
N LYS C 147 10.42 29.66 67.96
CA LYS C 147 9.76 30.82 68.53
C LYS C 147 10.77 31.93 68.74
N TRP C 148 10.43 33.14 68.30
CA TRP C 148 11.28 34.32 68.47
C TRP C 148 10.74 35.13 69.64
N LYS C 149 11.58 35.31 70.67
CA LYS C 149 11.24 36.17 71.81
C LYS C 149 12.29 37.27 71.91
N ILE C 150 11.89 38.50 71.58
CA ILE C 150 12.79 39.64 71.75
C ILE C 150 13.10 39.84 73.23
N ASP C 151 12.05 40.06 74.02
CA ASP C 151 12.18 40.29 75.47
C ASP C 151 11.13 39.45 76.20
N GLY C 152 11.23 38.13 76.02
CA GLY C 152 10.26 37.22 76.61
C GLY C 152 8.89 37.26 75.98
N SER C 153 8.75 37.88 74.81
CA SER C 153 7.47 38.03 74.14
C SER C 153 7.60 37.55 72.69
N GLU C 154 6.74 36.61 72.31
CA GLU C 154 6.74 36.10 70.95
C GLU C 154 6.36 37.21 69.97
N ARG C 155 7.10 37.29 68.86
CA ARG C 155 6.78 38.27 67.82
C ARG C 155 5.90 37.64 66.73
N GLN C 156 6.43 36.67 66.00
CA GLN C 156 5.61 35.89 65.06
C GLN C 156 4.90 36.80 64.07
N ASN C 157 5.62 37.78 63.53
CA ASN C 157 5.01 38.66 62.53
C ASN C 157 5.89 38.79 61.28
N GLY C 158 7.16 39.13 61.47
CA GLY C 158 8.09 39.26 60.36
C GLY C 158 8.96 38.03 60.11
N VAL C 159 8.66 36.91 60.76
CA VAL C 159 9.51 35.72 60.66
C VAL C 159 9.27 35.02 59.33
N LEU C 160 10.34 34.51 58.74
CA LEU C 160 10.27 33.68 57.54
C LEU C 160 11.20 32.48 57.73
N ASN C 161 10.71 31.29 57.37
CA ASN C 161 11.42 30.05 57.61
C ASN C 161 11.65 29.31 56.30
N SER C 162 12.68 28.46 56.30
CA SER C 162 12.97 27.61 55.16
C SER C 162 13.56 26.30 55.67
N TRP C 163 13.21 25.20 55.01
CA TRP C 163 13.63 23.86 55.39
C TRP C 163 14.38 23.21 54.24
N THR C 164 15.33 22.34 54.58
CA THR C 164 16.08 21.60 53.57
C THR C 164 15.44 20.25 53.31
N ASP C 165 15.66 19.74 52.11
CA ASP C 165 15.42 18.33 51.86
C ASP C 165 16.27 17.49 52.80
N GLN C 166 15.81 16.28 53.10
CA GLN C 166 16.61 15.36 53.90
C GLN C 166 17.98 15.17 53.24
N ASP C 167 19.02 15.22 54.06
CA ASP C 167 20.38 15.12 53.55
C ASP C 167 20.70 13.67 53.18
N SER C 168 21.46 13.51 52.09
CA SER C 168 21.71 12.16 51.56
C SER C 168 22.70 11.40 52.43
N LYS C 169 23.81 12.04 52.79
CA LYS C 169 24.84 11.36 53.57
C LYS C 169 24.30 10.94 54.93
N ASP C 170 23.71 11.89 55.66
CA ASP C 170 23.09 11.64 56.96
C ASP C 170 21.63 12.08 56.88
N SER C 171 20.72 11.16 57.23
CA SER C 171 19.30 11.42 57.02
C SER C 171 18.79 12.41 58.05
N THR C 172 19.29 13.64 57.98
CA THR C 172 18.87 14.71 58.85
C THR C 172 18.31 15.87 58.02
N TYR C 173 17.63 16.77 58.71
CA TYR C 173 17.05 17.96 58.12
C TYR C 173 17.70 19.19 58.75
N SER C 174 17.45 20.35 58.16
CA SER C 174 17.97 21.61 58.68
C SER C 174 16.94 22.70 58.45
N PHE C 175 17.16 23.85 59.10
CA PHE C 175 16.11 24.84 59.29
C PHE C 175 16.77 26.21 59.42
N SER C 176 16.28 27.17 58.63
CA SER C 176 16.70 28.56 58.73
C SER C 176 15.48 29.44 59.03
N SER C 177 15.59 30.24 60.10
CA SER C 177 14.54 31.16 60.51
C SER C 177 15.10 32.57 60.53
N THR C 178 14.38 33.50 59.89
CA THR C 178 14.83 34.88 59.77
C THR C 178 13.73 35.82 60.26
N LEU C 179 14.00 36.51 61.36
CA LEU C 179 13.13 37.59 61.84
C LEU C 179 13.62 38.90 61.26
N THR C 180 12.78 39.55 60.44
CA THR C 180 13.14 40.79 59.78
C THR C 180 12.36 41.95 60.36
N LEU C 181 13.05 43.04 60.64
CA LEU C 181 12.45 44.24 61.20
C LEU C 181 12.83 45.47 60.39
N THR C 182 12.49 46.64 60.92
CA THR C 182 13.12 47.89 60.51
C THR C 182 14.32 48.13 61.42
N LYS C 183 15.27 48.93 60.93
CA LYS C 183 16.40 49.29 61.79
C LYS C 183 15.91 49.98 63.05
N ASP C 184 14.88 50.83 62.92
CA ASP C 184 14.34 51.52 64.08
C ASP C 184 13.88 50.53 65.15
N GLU C 185 12.97 49.63 64.77
CA GLU C 185 12.45 48.66 65.73
C GLU C 185 13.58 47.83 66.34
N TYR C 186 14.52 47.37 65.52
CA TYR C 186 15.62 46.57 66.03
C TYR C 186 16.37 47.29 67.14
N GLU C 187 16.61 48.59 66.96
CA GLU C 187 17.42 49.36 67.89
C GLU C 187 16.64 49.83 69.12
N ARG C 188 15.40 49.37 69.29
CA ARG C 188 14.63 49.74 70.48
C ARG C 188 14.75 48.74 71.61
N HIS C 189 15.03 47.47 71.30
CA HIS C 189 15.15 46.41 72.29
C HIS C 189 16.59 45.93 72.36
N ASN C 190 16.90 45.15 73.39
CA ASN C 190 18.27 44.77 73.69
C ASN C 190 18.56 43.29 73.51
N SER C 191 17.74 42.41 74.10
CA SER C 191 17.96 40.98 73.97
C SER C 191 17.24 40.43 72.74
N TYR C 192 17.79 39.36 72.18
CA TYR C 192 17.23 38.73 70.98
C TYR C 192 17.43 37.23 71.09
N THR C 193 16.33 36.48 71.05
CA THR C 193 16.36 35.07 71.40
C THR C 193 15.69 34.23 70.32
N CYS C 194 16.38 33.15 69.92
CA CYS C 194 15.86 32.14 69.02
C CYS C 194 15.61 30.87 69.81
N GLU C 195 14.35 30.46 69.91
CA GLU C 195 13.94 29.34 70.73
C GLU C 195 13.52 28.17 69.86
N ALA C 196 14.10 26.99 70.15
CA ALA C 196 13.82 25.78 69.40
C ALA C 196 13.31 24.70 70.34
N THR C 197 12.22 24.04 69.94
CA THR C 197 11.64 22.93 70.68
C THR C 197 11.71 21.70 69.79
N HIS C 198 12.32 20.63 70.29
CA HIS C 198 12.50 19.41 69.52
C HIS C 198 12.12 18.19 70.35
N LYS C 199 11.79 17.11 69.64
CA LYS C 199 11.41 15.86 70.30
C LYS C 199 12.52 15.32 71.18
N THR C 200 13.78 15.59 70.82
CA THR C 200 14.90 14.94 71.49
C THR C 200 15.13 15.48 72.89
N SER C 201 14.81 16.75 73.15
CA SER C 201 15.00 17.35 74.47
C SER C 201 13.71 18.00 74.93
N THR C 202 13.32 17.72 76.18
CA THR C 202 12.12 18.33 76.75
C THR C 202 12.29 19.84 76.90
N SER C 203 13.48 20.29 77.26
CA SER C 203 13.75 21.72 77.43
C SER C 203 14.11 22.34 76.08
N PRO C 204 13.38 23.34 75.60
CA PRO C 204 13.74 23.96 74.33
C PRO C 204 15.18 24.45 74.33
N ILE C 205 15.93 24.10 73.28
CA ILE C 205 17.24 24.69 73.10
C ILE C 205 17.07 26.18 72.79
N VAL C 206 17.87 27.02 73.44
CA VAL C 206 17.74 28.46 73.34
C VAL C 206 19.09 29.04 72.96
N LYS C 207 19.10 29.91 71.95
CA LYS C 207 20.26 30.70 71.59
C LYS C 207 19.82 32.15 71.52
N SER C 208 20.58 33.03 72.16
CA SER C 208 20.18 34.43 72.26
C SER C 208 21.43 35.29 72.41
N PHE C 209 21.24 36.60 72.28
CA PHE C 209 22.32 37.56 72.41
C PHE C 209 21.71 38.89 72.82
N ASN C 210 22.57 39.81 73.25
CA ASN C 210 22.18 41.16 73.61
C ASN C 210 22.82 42.13 72.64
N ARG C 211 22.01 43.03 72.08
CA ARG C 211 22.48 43.95 71.05
C ARG C 211 23.60 44.85 71.57
N ASN C 212 23.29 45.67 72.57
CA ASN C 212 24.30 46.49 73.24
C ASN C 212 25.58 45.71 73.48
N GLU C 213 25.47 44.58 74.17
CA GLU C 213 26.64 43.86 74.64
C GLU C 213 27.49 43.36 73.47
N CYS C 214 28.72 42.97 73.82
CA CYS C 214 29.66 42.38 72.87
C CYS C 214 30.75 41.67 73.66
N GLN D 1 14.27 4.93 24.68
CA GLN D 1 15.08 6.14 25.01
C GLN D 1 14.20 7.37 24.79
N VAL D 2 13.03 7.33 25.43
CA VAL D 2 12.07 8.42 25.33
C VAL D 2 12.55 9.59 26.18
N GLN D 3 12.46 10.79 25.62
CA GLN D 3 12.87 12.00 26.32
C GLN D 3 11.93 13.14 25.95
N LEU D 4 11.34 13.75 26.97
CA LEU D 4 10.53 14.95 26.81
C LEU D 4 11.31 16.12 27.39
N GLN D 5 11.68 17.06 26.53
CA GLN D 5 12.53 18.20 26.90
C GLN D 5 11.66 19.44 26.90
N GLN D 6 11.46 20.03 28.08
CA GLN D 6 10.60 21.19 28.24
C GLN D 6 11.42 22.47 28.27
N SER D 7 10.77 23.57 27.92
CA SER D 7 11.43 24.86 27.84
C SER D 7 11.64 25.45 29.24
N GLY D 8 12.37 26.57 29.27
CA GLY D 8 12.83 27.12 30.52
C GLY D 8 11.76 27.87 31.29
N ALA D 9 12.13 28.27 32.52
CA ALA D 9 11.20 28.92 33.42
C ALA D 9 10.60 30.17 32.76
N GLU D 10 9.32 30.39 33.04
CA GLU D 10 8.57 31.52 32.50
C GLU D 10 8.28 32.51 33.62
N LEU D 11 8.30 33.80 33.28
CA LEU D 11 7.87 34.87 34.17
C LEU D 11 6.88 35.75 33.44
N ALA D 12 5.87 36.24 34.15
CA ALA D 12 4.88 37.11 33.52
C ALA D 12 4.12 37.86 34.60
N GLU D 13 3.58 39.01 34.20
CA GLU D 13 2.78 39.84 35.08
C GLU D 13 1.33 39.34 35.09
N PRO D 14 0.57 39.65 36.14
CA PRO D 14 -0.83 39.22 36.18
C PRO D 14 -1.60 39.72 34.96
N GLY D 15 -2.50 38.88 34.47
CA GLY D 15 -3.30 39.19 33.30
C GLY D 15 -2.62 38.91 31.97
N ALA D 16 -1.31 38.68 31.97
CA ALA D 16 -0.59 38.33 30.75
C ALA D 16 -0.79 36.86 30.43
N SER D 17 0.05 36.32 29.55
CA SER D 17 -0.03 34.92 29.16
C SER D 17 1.38 34.42 28.86
N VAL D 18 1.55 33.11 28.95
CA VAL D 18 2.83 32.47 28.63
C VAL D 18 2.57 31.23 27.79
N LYS D 19 3.57 30.86 27.00
CA LYS D 19 3.52 29.68 26.15
C LYS D 19 4.80 28.90 26.36
N MET D 20 4.66 27.61 26.67
CA MET D 20 5.78 26.73 26.96
C MET D 20 5.76 25.56 25.98
N SER D 21 6.93 24.98 25.74
CA SER D 21 7.06 23.91 24.76
C SER D 21 7.58 22.64 25.42
N CYS D 22 7.37 21.53 24.72
CA CYS D 22 7.73 20.19 25.21
C CYS D 22 8.09 19.37 23.98
N LYS D 23 9.38 19.17 23.75
CA LYS D 23 9.85 18.46 22.55
C LYS D 23 10.08 16.99 22.88
N ALA D 24 9.55 16.12 22.04
CA ALA D 24 9.62 14.68 22.24
C ALA D 24 10.65 14.06 21.31
N SER D 25 11.29 13.00 21.80
CA SER D 25 12.20 12.20 20.99
C SER D 25 12.17 10.78 21.51
N GLY D 26 12.58 9.84 20.65
CA GLY D 26 12.60 8.44 21.01
C GLY D 26 11.34 7.68 20.64
N TYR D 27 10.29 8.36 20.18
CA TYR D 27 9.07 7.69 19.74
C TYR D 27 8.38 8.58 18.71
N THR D 28 7.41 7.99 18.01
CA THR D 28 6.66 8.71 16.99
C THR D 28 5.67 9.63 17.69
N PHE D 29 6.04 10.91 17.76
CA PHE D 29 5.29 11.90 18.52
C PHE D 29 3.81 11.92 18.16
N SER D 30 3.49 11.83 16.86
CA SER D 30 2.12 12.05 16.42
C SER D 30 1.19 10.87 16.73
N SER D 31 1.71 9.74 17.20
CA SER D 31 0.88 8.57 17.46
C SER D 31 0.42 8.47 18.90
N PHE D 32 0.83 9.39 19.77
CA PHE D 32 0.49 9.30 21.19
C PHE D 32 0.01 10.65 21.71
N TRP D 33 -0.98 10.60 22.58
CA TRP D 33 -1.46 11.81 23.23
C TRP D 33 -0.38 12.38 24.14
N MET D 34 -0.41 13.70 24.30
CA MET D 34 0.42 14.39 25.27
C MET D 34 -0.46 14.93 26.38
N HIS D 35 -0.12 14.63 27.61
CA HIS D 35 -0.84 15.12 28.78
C HIS D 35 -0.06 16.25 29.44
N TRP D 36 -0.80 17.10 30.14
CA TRP D 36 -0.19 18.22 30.86
C TRP D 36 -0.68 18.19 32.31
N VAL D 37 0.25 18.41 33.22
CA VAL D 37 0.00 18.29 34.66
C VAL D 37 0.59 19.51 35.36
N LYS D 38 -0.15 20.04 36.33
CA LYS D 38 0.24 21.23 37.07
C LYS D 38 0.51 20.86 38.53
N GLN D 39 1.66 21.27 39.04
CA GLN D 39 2.04 21.08 40.44
C GLN D 39 2.36 22.43 41.04
N ARG D 40 1.56 22.86 42.01
CA ARG D 40 1.87 24.10 42.70
C ARG D 40 2.94 23.87 43.76
N PRO D 41 3.77 24.87 44.03
CA PRO D 41 4.84 24.69 45.02
C PRO D 41 4.26 24.27 46.36
N GLY D 42 4.81 23.19 46.92
CA GLY D 42 4.28 22.65 48.16
C GLY D 42 2.85 22.16 48.04
N GLN D 43 2.51 21.54 46.91
CA GLN D 43 1.16 21.05 46.69
C GLN D 43 1.23 19.78 45.85
N GLY D 44 0.07 19.24 45.51
CA GLY D 44 -0.03 17.97 44.81
C GLY D 44 -0.05 18.13 43.31
N LEU D 45 -0.47 17.07 42.63
CA LEU D 45 -0.52 17.02 41.18
C LEU D 45 -1.95 17.19 40.68
N GLU D 46 -2.09 17.97 39.62
CA GLU D 46 -3.39 18.32 39.05
C GLU D 46 -3.34 18.09 37.55
N TRP D 47 -4.32 17.36 37.02
CA TRP D 47 -4.36 17.03 35.61
C TRP D 47 -5.09 18.13 34.84
N ILE D 48 -4.47 18.62 33.77
CA ILE D 48 -5.00 19.71 32.99
C ILE D 48 -5.82 19.20 31.81
N GLY D 49 -5.22 18.33 31.01
CA GLY D 49 -5.87 17.83 29.81
C GLY D 49 -4.87 17.12 28.94
N TYR D 50 -5.32 16.73 27.76
CA TYR D 50 -4.46 16.06 26.80
C TYR D 50 -4.76 16.60 25.41
N ILE D 51 -3.81 16.39 24.51
CA ILE D 51 -3.96 16.72 23.10
C ILE D 51 -3.60 15.50 22.28
N ASN D 52 -4.38 15.22 21.25
CA ASN D 52 -4.00 14.28 20.21
C ASN D 52 -3.15 15.06 19.21
N PRO D 53 -1.82 14.84 19.18
CA PRO D 53 -0.97 15.75 18.39
C PRO D 53 -1.35 15.84 16.93
N ASN D 54 -1.71 14.73 16.30
CA ASN D 54 -1.88 14.71 14.86
C ASN D 54 -3.19 15.34 14.40
N SER D 55 -4.20 15.39 15.27
CA SER D 55 -5.49 15.95 14.91
C SER D 55 -5.81 17.26 15.63
N GLY D 56 -5.03 17.63 16.65
CA GLY D 56 -5.28 18.83 17.40
C GLY D 56 -6.40 18.73 18.42
N TYR D 57 -7.17 17.64 18.41
CA TYR D 57 -8.24 17.48 19.38
C TYR D 57 -7.70 17.50 20.81
N THR D 58 -8.47 18.10 21.72
CA THR D 58 -8.07 18.25 23.11
C THR D 58 -9.26 17.98 24.02
N GLU D 59 -8.95 17.50 25.23
CA GLU D 59 -9.91 17.44 26.32
C GLU D 59 -9.24 18.02 27.57
N CYS D 60 -10.02 18.75 28.36
CA CYS D 60 -9.49 19.45 29.53
C CYS D 60 -10.32 19.14 30.76
N ASN D 61 -9.64 19.15 31.90
CA ASN D 61 -10.31 19.33 33.19
C ASN D 61 -11.14 20.61 33.14
N GLU D 62 -12.35 20.55 33.70
CA GLU D 62 -13.24 21.72 33.65
C GLU D 62 -12.57 22.97 34.20
N ILE D 63 -11.71 22.82 35.21
CA ILE D 63 -11.08 23.99 35.83
C ILE D 63 -10.36 24.82 34.77
N PHE D 64 -9.55 24.15 33.95
CA PHE D 64 -8.63 24.81 33.03
C PHE D 64 -9.25 25.06 31.66
N ARG D 65 -10.57 24.89 31.53
CA ARG D 65 -11.19 24.98 30.21
C ARG D 65 -10.90 26.32 29.55
N ASP D 66 -10.98 27.41 30.32
CA ASP D 66 -10.67 28.74 29.81
C ASP D 66 -9.23 29.17 30.07
N LYS D 67 -8.51 28.47 30.95
CA LYS D 67 -7.18 28.90 31.32
C LYS D 67 -6.14 28.49 30.29
N ALA D 68 -6.16 27.23 29.85
CA ALA D 68 -5.11 26.67 29.01
C ALA D 68 -5.63 26.39 27.61
N THR D 69 -4.71 26.46 26.65
CA THR D 69 -4.95 25.96 25.29
C THR D 69 -3.73 25.18 24.85
N MET D 70 -3.94 23.94 24.43
CA MET D 70 -2.87 23.05 24.00
C MET D 70 -2.81 23.00 22.49
N THR D 71 -1.59 22.93 21.95
CA THR D 71 -1.38 22.81 20.51
C THR D 71 -0.19 21.88 20.29
N ALA D 72 0.11 21.60 19.02
CA ALA D 72 1.22 20.71 18.72
C ALA D 72 1.72 20.99 17.30
N ASP D 73 3.03 20.80 17.12
CA ASP D 73 3.70 20.96 15.84
C ASP D 73 4.31 19.61 15.48
N THR D 74 3.63 18.85 14.61
CA THR D 74 4.06 17.49 14.33
C THR D 74 5.39 17.45 13.59
N SER D 75 5.71 18.48 12.82
CA SER D 75 6.96 18.46 12.06
C SER D 75 8.18 18.61 12.95
N SER D 76 8.02 19.21 14.13
CA SER D 76 9.12 19.36 15.09
C SER D 76 8.94 18.50 16.33
N SER D 77 7.90 17.67 16.38
CA SER D 77 7.64 16.79 17.52
C SER D 77 7.59 17.59 18.82
N THR D 78 6.79 18.66 18.82
CA THR D 78 6.73 19.58 19.93
C THR D 78 5.28 19.88 20.27
N ALA D 79 4.93 19.72 21.54
CA ALA D 79 3.64 20.14 22.07
C ALA D 79 3.81 21.46 22.80
N TYR D 80 2.77 22.27 22.76
CA TYR D 80 2.78 23.59 23.36
C TYR D 80 1.57 23.74 24.27
N MET D 81 1.76 24.45 25.37
CA MET D 81 0.62 24.89 26.18
C MET D 81 0.76 26.37 26.46
N GLN D 82 -0.34 27.10 26.28
CA GLN D 82 -0.42 28.52 26.59
C GLN D 82 -1.34 28.70 27.77
N LEU D 83 -0.88 29.46 28.77
CA LEU D 83 -1.69 29.85 29.92
C LEU D 83 -2.02 31.32 29.78
N SER D 84 -3.31 31.65 29.79
CA SER D 84 -3.77 33.00 29.53
C SER D 84 -4.53 33.53 30.72
N GLY D 85 -4.50 34.85 30.90
CA GLY D 85 -5.19 35.47 32.01
C GLY D 85 -4.53 35.21 33.35
N LEU D 86 -3.21 35.33 33.41
CA LEU D 86 -2.45 34.75 34.50
C LEU D 86 -2.76 35.41 35.83
N THR D 87 -2.78 34.59 36.88
CA THR D 87 -2.89 35.03 38.27
C THR D 87 -1.81 34.34 39.08
N SER D 88 -1.74 34.68 40.37
CA SER D 88 -0.76 34.04 41.24
C SER D 88 -1.09 32.57 41.47
N GLU D 89 -2.37 32.20 41.35
CA GLU D 89 -2.75 30.79 41.47
C GLU D 89 -2.22 29.95 40.32
N ASP D 90 -1.83 30.58 39.21
CA ASP D 90 -1.24 29.86 38.09
C ASP D 90 0.27 29.68 38.23
N SER D 91 0.88 30.26 39.26
CA SER D 91 2.30 30.02 39.53
C SER D 91 2.49 28.57 39.98
N ALA D 92 3.29 27.82 39.24
CA ALA D 92 3.44 26.40 39.49
C ALA D 92 4.47 25.84 38.50
N VAL D 93 4.82 24.57 38.70
CA VAL D 93 5.56 23.80 37.70
C VAL D 93 4.55 23.07 36.83
N TYR D 94 4.75 23.13 35.52
CA TYR D 94 3.86 22.48 34.57
C TYR D 94 4.64 21.41 33.83
N TYR D 95 4.12 20.17 33.87
CA TYR D 95 4.74 19.02 33.26
C TYR D 95 3.99 18.62 32.00
N CYS D 96 4.72 18.16 30.99
CA CYS D 96 4.13 17.37 29.92
C CYS D 96 4.46 15.90 30.16
N ALA D 97 3.56 15.03 29.70
CA ALA D 97 3.74 13.60 29.88
C ALA D 97 3.05 12.86 28.75
N SER D 98 3.79 11.99 28.08
CA SER D 98 3.19 11.15 27.04
C SER D 98 2.23 10.15 27.66
N PHE D 99 1.25 9.72 26.86
CA PHE D 99 0.22 8.80 27.28
C PHE D 99 0.69 7.37 27.02
N LEU D 100 0.70 6.54 28.07
CA LEU D 100 1.02 5.14 27.88
C LEU D 100 -0.12 4.40 27.19
N GLY D 101 -1.35 4.86 27.39
CA GLY D 101 -2.49 3.98 27.32
C GLY D 101 -2.75 3.42 28.69
N ARG D 102 -3.83 2.65 28.81
CA ARG D 102 -4.18 2.04 30.09
C ARG D 102 -4.39 3.09 31.16
N GLY D 103 -4.78 4.30 30.77
CA GLY D 103 -5.04 5.36 31.73
C GLY D 103 -3.83 5.82 32.50
N ALA D 104 -2.64 5.72 31.93
CA ALA D 104 -1.41 6.10 32.60
C ALA D 104 -0.54 6.93 31.66
N MET D 105 0.39 7.67 32.26
CA MET D 105 1.32 8.54 31.54
C MET D 105 2.73 8.05 31.82
N ASP D 106 3.44 7.60 30.78
CA ASP D 106 4.63 6.79 30.97
C ASP D 106 5.93 7.57 31.03
N TYR D 107 6.01 8.74 30.39
CA TYR D 107 7.26 9.51 30.37
C TYR D 107 6.97 10.98 30.61
N TRP D 108 7.76 11.59 31.48
CA TRP D 108 7.51 12.94 31.96
C TRP D 108 8.66 13.86 31.58
N GLY D 109 8.31 15.10 31.25
CA GLY D 109 9.30 16.15 31.13
C GLY D 109 9.72 16.67 32.48
N GLN D 110 10.82 17.43 32.49
CA GLN D 110 11.38 17.91 33.74
C GLN D 110 10.51 18.97 34.41
N GLY D 111 9.51 19.49 33.70
CA GLY D 111 8.69 20.56 34.24
C GLY D 111 9.20 21.93 33.84
N THR D 112 8.26 22.86 33.71
CA THR D 112 8.54 24.26 33.43
C THR D 112 7.89 25.09 34.52
N SER D 113 8.71 25.80 35.29
CA SER D 113 8.17 26.67 36.33
C SER D 113 7.59 27.93 35.70
N VAL D 114 6.44 28.36 36.21
CA VAL D 114 5.79 29.60 35.81
C VAL D 114 5.61 30.44 37.07
N THR D 115 6.11 31.67 37.04
CA THR D 115 6.02 32.59 38.16
C THR D 115 5.28 33.84 37.73
N VAL D 116 4.20 34.17 38.43
CA VAL D 116 3.31 35.27 38.09
C VAL D 116 3.52 36.35 39.14
N SER D 117 4.11 37.48 38.72
CA SER D 117 4.56 38.49 39.67
C SER D 117 4.67 39.83 38.97
N SER D 118 4.38 40.90 39.72
CA SER D 118 4.57 42.25 39.23
C SER D 118 6.00 42.75 39.42
N ALA D 119 6.77 42.11 40.31
CA ALA D 119 8.14 42.54 40.56
C ALA D 119 8.90 42.69 39.25
N LYS D 120 9.90 43.56 39.27
CA LYS D 120 10.84 43.70 38.16
C LYS D 120 12.21 43.23 38.63
N THR D 121 13.03 42.79 37.67
CA THR D 121 14.34 42.24 37.97
C THR D 121 15.08 43.12 38.96
N THR D 122 15.32 42.60 40.17
CA THR D 122 15.98 43.33 41.23
C THR D 122 17.22 42.57 41.68
N ALA D 123 18.33 43.30 41.85
CA ALA D 123 19.58 42.67 42.24
C ALA D 123 19.59 42.34 43.73
N PRO D 124 20.30 41.30 44.14
CA PRO D 124 20.33 40.93 45.55
C PRO D 124 21.19 41.85 46.39
N SER D 125 20.84 41.90 47.68
CA SER D 125 21.71 42.44 48.72
C SER D 125 22.27 41.25 49.50
N VAL D 126 23.60 41.13 49.53
CA VAL D 126 24.27 40.02 50.19
C VAL D 126 24.84 40.51 51.51
N TYR D 127 24.43 39.88 52.60
CA TYR D 127 24.81 40.29 53.94
C TYR D 127 25.62 39.19 54.62
N PRO D 128 26.82 39.50 55.12
CA PRO D 128 27.59 38.47 55.84
C PRO D 128 27.01 38.24 57.22
N LEU D 129 27.08 37.00 57.67
CA LEU D 129 26.60 36.62 59.00
C LEU D 129 27.75 36.00 59.78
N ALA D 130 28.27 36.75 60.74
CA ALA D 130 29.25 36.28 61.70
C ALA D 130 28.59 36.09 63.06
N PRO D 131 29.14 35.23 63.91
CA PRO D 131 28.57 35.03 65.25
C PRO D 131 28.73 36.25 66.15
N VAL D 132 28.27 36.16 67.40
CA VAL D 132 28.27 37.29 68.32
C VAL D 132 29.53 37.21 69.19
N CYS D 133 29.95 38.37 69.69
CA CYS D 133 31.14 38.46 70.51
C CYS D 133 31.07 37.46 71.67
N GLY D 138 33.51 25.42 72.21
CA GLY D 138 33.63 26.04 70.91
C GLY D 138 34.59 25.32 69.99
N SER D 139 34.18 24.13 69.54
CA SER D 139 35.02 23.31 68.67
C SER D 139 34.79 23.58 67.19
N SER D 140 33.57 23.91 66.80
CA SER D 140 33.25 24.30 65.43
C SER D 140 32.50 25.62 65.46
N VAL D 141 32.46 26.27 64.30
CA VAL D 141 31.85 27.59 64.16
C VAL D 141 30.98 27.61 62.91
N THR D 142 29.81 28.23 63.03
CA THR D 142 28.87 28.35 61.92
C THR D 142 28.81 29.79 61.47
N LEU D 143 29.04 30.01 60.18
CA LEU D 143 28.90 31.30 59.51
C LEU D 143 27.74 31.21 58.53
N GLY D 144 27.30 32.36 58.02
CA GLY D 144 26.15 32.37 57.14
C GLY D 144 26.12 33.53 56.17
N CYS D 145 25.21 33.41 55.20
CA CYS D 145 24.88 34.48 54.28
C CYS D 145 23.38 34.72 54.27
N LEU D 146 23.03 35.93 53.87
CA LEU D 146 21.64 36.32 53.64
C LEU D 146 21.60 37.05 52.30
N VAL D 147 20.84 36.53 51.36
CA VAL D 147 20.63 37.14 50.05
C VAL D 147 19.18 37.59 50.01
N LYS D 148 18.97 38.91 50.06
CA LYS D 148 17.66 39.47 50.30
C LYS D 148 17.23 40.39 49.17
N GLY D 149 15.94 40.35 48.84
CA GLY D 149 15.36 41.28 47.89
C GLY D 149 15.85 41.13 46.46
N TYR D 150 15.94 39.90 45.96
CA TYR D 150 16.31 39.69 44.57
C TYR D 150 15.14 39.09 43.80
N PHE D 151 15.19 39.26 42.49
CA PHE D 151 14.16 38.76 41.60
C PHE D 151 14.71 38.78 40.18
N PRO D 152 14.48 37.75 39.37
CA PRO D 152 13.78 36.51 39.73
C PRO D 152 14.75 35.46 40.24
N GLU D 153 14.23 34.33 40.68
CA GLU D 153 15.08 33.15 40.78
C GLU D 153 15.70 32.89 39.41
N PRO D 154 16.89 32.28 39.35
CA PRO D 154 17.66 31.75 40.48
C PRO D 154 18.83 32.62 40.88
N VAL D 155 19.32 32.37 42.09
CA VAL D 155 20.62 32.82 42.53
C VAL D 155 21.45 31.55 42.79
N THR D 156 22.76 31.66 42.65
CA THR D 156 23.67 30.59 43.02
C THR D 156 24.61 31.10 44.10
N LEU D 157 24.85 30.25 45.09
CA LEU D 157 25.65 30.61 46.25
C LEU D 157 26.68 29.53 46.50
N THR D 158 27.92 29.93 46.74
CA THR D 158 28.98 29.01 47.08
C THR D 158 29.84 29.63 48.17
N TRP D 159 30.61 28.78 48.84
CA TRP D 159 31.52 29.20 49.91
C TRP D 159 32.94 28.90 49.44
N ASN D 160 33.79 29.92 49.43
CA ASN D 160 35.15 29.81 48.90
C ASN D 160 35.15 29.11 47.54
N SER D 161 34.26 29.58 46.67
CA SER D 161 34.20 29.14 45.28
C SER D 161 33.91 27.65 45.17
N GLY D 162 33.21 27.09 46.16
CA GLY D 162 32.88 25.68 46.15
C GLY D 162 33.86 24.79 46.88
N SER D 163 34.97 25.34 47.37
CA SER D 163 35.91 24.53 48.15
C SER D 163 35.22 23.85 49.33
N LEU D 164 34.36 24.59 50.01
CA LEU D 164 33.58 24.06 51.13
C LEU D 164 32.20 23.67 50.61
N SER D 165 31.87 22.39 50.72
CA SER D 165 30.55 21.91 50.32
C SER D 165 29.95 21.07 51.46
N ALA D 166 30.66 20.05 51.88
CA ALA D 166 30.30 19.38 53.13
C ALA D 166 30.33 20.41 54.25
N GLY D 167 29.33 20.35 55.12
CA GLY D 167 29.18 21.36 56.15
C GLY D 167 28.54 22.64 55.68
N VAL D 168 27.94 22.65 54.49
CA VAL D 168 27.20 23.79 53.97
C VAL D 168 25.72 23.40 53.90
N HIS D 169 24.85 24.31 54.33
CA HIS D 169 23.41 24.14 54.23
C HIS D 169 22.84 25.39 53.58
N THR D 170 22.41 25.26 52.32
CA THR D 170 21.76 26.34 51.58
C THR D 170 20.28 26.01 51.49
N PHE D 171 19.45 26.91 51.97
CA PHE D 171 18.02 26.66 52.09
C PHE D 171 17.30 27.16 50.85
N PRO D 172 16.10 26.64 50.58
CA PRO D 172 15.35 27.16 49.42
C PRO D 172 14.89 28.59 49.65
N ALA D 173 14.73 29.32 48.54
CA ALA D 173 14.32 30.71 48.61
C ALA D 173 12.86 30.83 49.04
N VAL D 174 12.56 31.94 49.71
CA VAL D 174 11.21 32.22 50.18
C VAL D 174 10.81 33.61 49.67
N LEU D 175 9.51 33.79 49.45
CA LEU D 175 8.99 35.09 49.02
C LEU D 175 8.87 36.03 50.22
N GLN D 176 9.22 37.29 49.99
CA GLN D 176 9.22 38.29 51.07
C GLN D 176 8.88 39.64 50.44
N SER D 177 7.61 40.03 50.56
CA SER D 177 7.13 41.29 49.99
C SER D 177 7.35 41.33 48.48
N SER D 178 7.03 40.22 47.82
CA SER D 178 7.10 40.05 46.37
C SER D 178 8.52 39.84 45.87
N LEU D 179 9.52 39.74 46.76
CA LEU D 179 10.89 39.48 46.37
C LEU D 179 11.41 38.25 47.10
N TYR D 180 12.44 37.63 46.53
CA TYR D 180 12.99 36.41 47.06
C TYR D 180 14.08 36.69 48.08
N THR D 181 14.12 35.89 49.14
CA THR D 181 15.17 35.96 50.14
C THR D 181 15.74 34.57 50.35
N LEU D 182 17.04 34.51 50.58
CA LEU D 182 17.77 33.26 50.63
C LEU D 182 18.85 33.36 51.69
N SER D 183 19.14 32.23 52.34
CA SER D 183 20.18 32.17 53.35
C SER D 183 20.96 30.87 53.20
N SER D 184 22.21 30.90 53.66
CA SER D 184 23.09 29.74 53.62
C SER D 184 24.00 29.77 54.83
N SER D 185 24.24 28.60 55.41
CA SER D 185 25.16 28.45 56.52
C SER D 185 26.30 27.52 56.13
N VAL D 186 27.49 27.80 56.67
CA VAL D 186 28.66 26.97 56.49
C VAL D 186 29.26 26.71 57.87
N THR D 187 29.72 25.49 58.11
CA THR D 187 30.27 25.09 59.39
C THR D 187 31.67 24.53 59.18
N VAL D 188 32.65 25.11 59.90
CA VAL D 188 34.03 24.71 59.83
C VAL D 188 34.56 24.51 61.25
N VAL D 189 35.82 24.08 61.35
CA VAL D 189 36.45 23.85 62.64
C VAL D 189 36.77 25.20 63.28
N ALA D 190 36.56 25.29 64.60
CA ALA D 190 36.81 26.55 65.30
C ALA D 190 38.24 27.03 65.10
N SER D 191 39.19 26.10 64.96
CA SER D 191 40.58 26.47 64.76
C SER D 191 40.84 27.07 63.39
N THR D 192 39.95 26.84 62.43
CA THR D 192 40.18 27.23 61.04
C THR D 192 39.49 28.54 60.66
N TRP D 193 38.73 29.15 61.56
CA TRP D 193 38.18 30.48 61.36
C TRP D 193 38.24 31.19 62.71
N PRO D 194 38.65 32.47 62.75
CA PRO D 194 39.00 33.36 61.64
C PRO D 194 40.38 33.18 60.99
N SER D 195 41.16 32.17 61.41
CA SER D 195 42.56 32.12 60.97
C SER D 195 42.68 32.05 59.46
N GLN D 196 41.69 31.47 58.78
CA GLN D 196 41.63 31.45 57.33
C GLN D 196 40.34 32.13 56.89
N SER D 197 40.32 32.61 55.64
CA SER D 197 39.25 33.48 55.17
C SER D 197 38.14 32.67 54.51
N ILE D 198 36.91 32.91 54.93
CA ILE D 198 35.72 32.26 54.38
C ILE D 198 34.89 33.33 53.69
N THR D 199 34.51 33.08 52.44
CA THR D 199 33.83 34.08 51.63
C THR D 199 32.57 33.51 50.99
N CYS D 200 31.50 34.26 51.11
CA CYS D 200 30.26 34.03 50.40
C CYS D 200 30.39 34.51 48.95
N ASN D 201 30.21 33.61 48.00
CA ASN D 201 30.16 33.98 46.58
C ASN D 201 28.73 33.84 46.10
N VAL D 202 28.13 34.95 45.68
CA VAL D 202 26.73 35.01 45.26
C VAL D 202 26.68 35.57 43.85
N ALA D 203 25.88 34.93 42.99
CA ALA D 203 25.68 35.39 41.62
C ALA D 203 24.20 35.42 41.31
N HIS D 204 23.74 36.52 40.73
CA HIS D 204 22.36 36.65 40.24
C HIS D 204 22.44 36.90 38.74
N PRO D 205 22.32 35.86 37.92
CA PRO D 205 22.56 36.06 36.47
C PRO D 205 21.62 37.06 35.85
N ALA D 206 20.34 37.05 36.23
CA ALA D 206 19.35 37.95 35.66
C ALA D 206 19.72 39.43 35.87
N SER D 207 20.68 39.73 36.73
CA SER D 207 21.09 41.09 37.01
C SER D 207 22.55 41.35 36.65
N SER D 208 23.24 40.39 36.05
CA SER D 208 24.67 40.50 35.81
C SER D 208 25.40 40.87 37.10
N THR D 209 24.96 40.26 38.19
CA THR D 209 25.48 40.54 39.53
C THR D 209 26.45 39.44 39.95
N LYS D 210 27.55 39.85 40.58
CA LYS D 210 28.49 38.91 41.16
C LYS D 210 29.14 39.58 42.36
N VAL D 211 28.72 39.18 43.55
CA VAL D 211 29.23 39.75 44.80
C VAL D 211 29.97 38.66 45.56
N ASP D 212 31.06 39.04 46.22
CA ASP D 212 31.78 38.18 47.14
C ASP D 212 31.82 38.90 48.49
N LYS D 213 31.31 38.23 49.52
CA LYS D 213 31.23 38.81 50.86
C LYS D 213 32.06 37.95 51.82
N LYS D 214 33.19 38.50 52.26
CA LYS D 214 33.99 37.84 53.28
C LYS D 214 33.43 38.14 54.67
N ILE D 215 33.66 37.21 55.59
CA ILE D 215 33.15 37.31 56.95
C ILE D 215 34.35 37.45 57.88
N GLU D 216 34.41 38.56 58.62
CA GLU D 216 35.63 38.87 59.37
C GLU D 216 35.46 38.76 60.88
N PRO D 217 34.46 39.43 61.50
CA PRO D 217 34.41 39.34 62.97
C PRO D 217 33.41 38.31 63.49
#